data_2XI2
#
_entry.id   2XI2
#
_cell.length_a   53.332
_cell.length_b   272.428
_cell.length_c   60.971
_cell.angle_alpha   90.00
_cell.angle_beta   98.75
_cell.angle_gamma   90.00
#
_symmetry.space_group_name_H-M   'P 1 21 1'
#
loop_
_entity.id
_entity.type
_entity.pdbx_description
1 polymer 'RNA-directed RNA polymerase'
2 non-polymer 'SULFATE ION'
3 water water
#
_entity_poly.entity_id   1
_entity_poly.type   'polypeptide(L)'
_entity_poly.pdbx_seq_one_letter_code
;SMSYSWTGALVTPCAAEEQKLPINALSNSLLRHHNLVYSTTSRSACQRQKKVTFDRLQVLDSHYHDVLKEVKAAASKVKA
NLLSVEEACSLTPPHSAKSKFGYGAKDVRCHARKAVAHINSVWKDLLEDSVTPIDTTIMAKNEVFCVQPEKGGRKPARLI
VFPDLGVRVCEKMALYDVVSKLPLAVMGSSYGFQYSPGQRVEFLVQAWKSKKTPMGFSYDTRCFDSTVTESDIRTEEAIY
QCCDLDPQARVAIKSLTERLYVGGPLTNSRGENCGYRRCRASGVLTTSCGNTLTCYIKARAACRAAGLQDCTMLVCGDDL
VVICESAGVQEDAASLRAFTEAMTRYSAPPGDPPQPEYDLELITSCSSNVSVAHDGAGKRVYYLTRDPTTPLARAAWETA
RHTPVNSWLGNIIMFAPTLWARMILMTHFFSVLIARDQLEQALNCEIYGACYSIEPLDLPPIIQRLHGLSAFSLHSYSPG
EINRVAACLRKLGVPPLRAWRHRARSVRARLLSRGGRAAICGKYLFNWAVRTKLKLTPIAAAGRLDLSGWFTAGYSGGDI
YHSVSHARPRHHHHHH
;
_entity_poly.pdbx_strand_id   A,B,C
#
# COMPACT_ATOMS: atom_id res chain seq x y z
N SER A 1 26.96 8.16 -46.91
CA SER A 1 28.09 8.68 -46.11
C SER A 1 28.97 7.56 -45.58
N MET A 2 30.00 7.22 -46.33
CA MET A 2 30.93 6.17 -45.93
C MET A 2 31.88 6.65 -44.85
N SER A 3 32.07 5.83 -43.82
CA SER A 3 33.00 6.14 -42.73
C SER A 3 34.42 6.43 -43.29
N TYR A 4 34.81 5.69 -44.32
CA TYR A 4 36.10 5.91 -44.98
C TYR A 4 35.98 5.63 -46.47
N SER A 5 36.83 6.26 -47.27
CA SER A 5 37.07 5.81 -48.64
C SER A 5 38.56 5.53 -48.77
N TRP A 6 38.93 4.58 -49.62
CA TRP A 6 40.33 4.13 -49.67
C TRP A 6 40.89 4.24 -51.10
N THR A 7 42.19 4.49 -51.20
CA THR A 7 42.87 4.61 -52.50
C THR A 7 43.47 3.28 -52.92
N GLY A 8 43.67 2.39 -51.95
CA GLY A 8 44.36 1.13 -52.22
C GLY A 8 45.79 1.10 -51.72
N ALA A 9 46.32 2.26 -51.33
CA ALA A 9 47.64 2.30 -50.70
C ALA A 9 47.57 1.55 -49.37
N LEU A 10 48.66 0.89 -48.99
CA LEU A 10 48.66 0.12 -47.75
C LEU A 10 48.93 0.99 -46.52
N VAL A 11 48.40 0.57 -45.38
CA VAL A 11 48.86 1.09 -44.10
C VAL A 11 50.22 0.45 -43.86
N THR A 12 51.25 1.28 -43.75
CA THR A 12 52.61 0.78 -43.68
C THR A 12 53.20 0.95 -42.27
N PRO A 13 54.12 0.06 -41.89
CA PRO A 13 54.85 0.21 -40.62
C PRO A 13 55.95 1.24 -40.76
N CYS A 14 56.45 1.74 -39.64
CA CYS A 14 57.61 2.64 -39.67
C CYS A 14 58.84 1.95 -39.09
N ALA A 15 58.67 0.66 -38.78
CA ALA A 15 59.75 -0.15 -38.20
C ALA A 15 59.35 -1.63 -38.29
N ALA A 16 60.31 -2.52 -38.06
CA ALA A 16 60.01 -3.94 -38.01
C ALA A 16 58.96 -4.19 -36.92
N GLU A 17 58.10 -5.17 -37.14
CA GLU A 17 57.07 -5.52 -36.17
C GLU A 17 57.11 -7.00 -35.85
N GLU A 18 57.47 -7.34 -34.62
CA GLU A 18 57.49 -8.75 -34.20
C GLU A 18 56.04 -9.23 -34.04
N GLN A 19 55.74 -10.42 -34.52
CA GLN A 19 54.38 -10.94 -34.52
C GLN A 19 54.12 -11.89 -33.34
N LYS A 20 55.11 -12.69 -32.98
CA LYS A 20 54.93 -13.68 -31.93
C LYS A 20 55.74 -13.34 -30.68
N LEU A 21 55.24 -13.74 -29.50
CA LEU A 21 55.97 -13.58 -28.25
C LEU A 21 57.37 -14.19 -28.35
N PRO A 22 58.41 -13.38 -28.19
CA PRO A 22 59.79 -13.88 -28.23
C PRO A 22 60.05 -14.83 -27.07
N ILE A 23 61.01 -15.71 -27.20
CA ILE A 23 61.39 -16.58 -26.09
C ILE A 23 62.43 -15.88 -25.24
N ASN A 24 62.16 -15.75 -23.95
CA ASN A 24 63.05 -15.08 -23.01
C ASN A 24 62.82 -15.78 -21.69
N ALA A 25 63.88 -16.09 -20.95
CA ALA A 25 63.72 -16.91 -19.75
C ALA A 25 62.80 -16.27 -18.70
N LEU A 26 62.93 -14.96 -18.51
CA LEU A 26 62.04 -14.29 -17.56
C LEU A 26 60.57 -14.27 -18.00
N SER A 27 60.30 -13.99 -19.27
CA SER A 27 58.90 -13.98 -19.71
C SER A 27 58.34 -15.40 -19.67
N ASN A 28 59.18 -16.35 -20.06
CA ASN A 28 58.79 -17.76 -20.05
C ASN A 28 58.40 -18.24 -18.66
N SER A 29 59.02 -17.68 -17.63
CA SER A 29 58.70 -18.06 -16.26
C SER A 29 57.29 -17.60 -15.86
N LEU A 30 56.77 -16.61 -16.56
CA LEU A 30 55.39 -16.19 -16.33
C LEU A 30 54.43 -17.07 -17.11
N LEU A 31 54.67 -17.23 -18.41
CA LEU A 31 53.81 -18.09 -19.23
C LEU A 31 54.61 -18.77 -20.34
N ARG A 32 54.32 -20.06 -20.55
CA ARG A 32 55.16 -20.88 -21.42
C ARG A 32 54.52 -21.19 -22.77
N HIS A 33 53.22 -20.93 -22.91
CA HIS A 33 52.59 -21.18 -24.19
C HIS A 33 52.75 -19.96 -25.11
N HIS A 34 54.01 -19.66 -25.43
CA HIS A 34 54.34 -18.45 -26.18
C HIS A 34 53.73 -18.42 -27.57
N ASN A 35 53.44 -19.59 -28.15
CA ASN A 35 52.84 -19.61 -29.49
C ASN A 35 51.39 -19.12 -29.53
N LEU A 36 50.78 -19.00 -28.35
CA LEU A 36 49.42 -18.48 -28.27
C LEU A 36 49.36 -16.97 -28.18
N VAL A 37 50.50 -16.34 -27.93
CA VAL A 37 50.53 -14.91 -27.68
C VAL A 37 51.08 -14.18 -28.90
N TYR A 38 50.33 -13.19 -29.37
CA TYR A 38 50.72 -12.50 -30.60
C TYR A 38 50.54 -10.98 -30.49
N SER A 39 51.25 -10.25 -31.33
CA SER A 39 51.03 -8.82 -31.46
C SER A 39 50.37 -8.54 -32.79
N THR A 40 49.34 -7.69 -32.81
CA THR A 40 48.78 -7.24 -34.07
C THR A 40 49.83 -6.41 -34.81
N THR A 41 49.83 -6.46 -36.13
CA THR A 41 50.76 -5.67 -36.93
C THR A 41 50.06 -5.12 -38.17
N SER A 42 50.77 -4.28 -38.92
CA SER A 42 50.25 -3.71 -40.15
C SER A 42 49.84 -4.79 -41.14
N ARG A 43 50.34 -6.01 -40.94
CA ARG A 43 50.02 -7.10 -41.85
C ARG A 43 48.53 -7.37 -41.94
N SER A 44 47.78 -7.04 -40.88
CA SER A 44 46.36 -7.31 -40.87
C SER A 44 45.53 -6.05 -41.09
N ALA A 45 46.20 -4.95 -41.45
CA ALA A 45 45.49 -3.66 -41.54
C ALA A 45 44.32 -3.69 -42.54
N CYS A 46 44.50 -4.42 -43.65
CA CYS A 46 43.47 -4.49 -44.70
C CYS A 46 42.20 -5.13 -44.17
N GLN A 47 42.36 -6.13 -43.30
CA GLN A 47 41.23 -6.79 -42.68
C GLN A 47 40.46 -5.80 -41.80
N ARG A 48 41.17 -4.97 -41.06
CA ARG A 48 40.52 -3.95 -40.23
CA ARG A 48 40.51 -3.96 -40.23
C ARG A 48 39.85 -2.88 -41.09
N GLN A 49 40.53 -2.47 -42.15
CA GLN A 49 39.98 -1.44 -43.04
C GLN A 49 38.62 -1.89 -43.58
N LYS A 50 38.51 -3.14 -43.97
CA LYS A 50 37.25 -3.63 -44.51
C LYS A 50 36.15 -3.55 -43.45
N LYS A 51 36.49 -3.93 -42.22
CA LYS A 51 35.49 -4.00 -41.16
C LYS A 51 34.96 -2.61 -40.78
N VAL A 52 35.83 -1.60 -40.78
CA VAL A 52 35.42 -0.28 -40.28
C VAL A 52 34.83 0.62 -41.35
N THR A 53 34.69 0.07 -42.56
CA THR A 53 34.22 0.87 -43.68
C THR A 53 32.77 0.54 -44.02
N PHE A 54 31.87 1.50 -43.78
CA PHE A 54 30.45 1.31 -44.08
C PHE A 54 29.67 2.63 -44.17
N ASP A 55 28.47 2.54 -44.73
CA ASP A 55 27.59 3.70 -44.84
C ASP A 55 26.90 3.91 -43.49
N ARG A 56 26.80 5.15 -43.05
CA ARG A 56 26.05 5.47 -41.83
C ARG A 56 24.73 6.14 -42.17
N LEU A 57 23.63 5.53 -41.74
CA LEU A 57 22.32 6.14 -41.88
C LEU A 57 21.90 6.56 -40.49
N GLN A 58 21.44 7.79 -40.36
CA GLN A 58 21.10 8.30 -39.05
C GLN A 58 19.74 8.99 -39.10
N VAL A 59 18.84 8.56 -38.23
CA VAL A 59 17.53 9.17 -38.10
C VAL A 59 17.39 9.64 -36.66
N LEU A 60 17.37 10.95 -36.46
CA LEU A 60 17.28 11.48 -35.11
C LEU A 60 15.82 11.80 -34.80
N ASP A 61 15.40 11.55 -33.56
CA ASP A 61 14.00 11.73 -33.17
C ASP A 61 13.85 12.64 -31.95
N SER A 62 12.65 12.72 -31.42
CA SER A 62 12.35 13.67 -30.35
C SER A 62 13.11 13.33 -29.07
N HIS A 63 13.26 12.05 -28.77
CA HIS A 63 14.03 11.64 -27.59
C HIS A 63 15.49 12.09 -27.70
N TYR A 64 16.07 11.92 -28.88
CA TYR A 64 17.44 12.35 -29.12
C TYR A 64 17.55 13.85 -28.89
N HIS A 65 16.63 14.61 -29.47
CA HIS A 65 16.71 16.06 -29.37
C HIS A 65 16.43 16.57 -27.95
N ASP A 66 15.57 15.86 -27.21
CA ASP A 66 15.29 16.21 -25.81
C ASP A 66 16.55 16.05 -24.97
N VAL A 67 17.26 14.95 -25.21
CA VAL A 67 18.49 14.67 -24.48
C VAL A 67 19.58 15.68 -24.85
N LEU A 68 19.74 15.96 -26.15
CA LEU A 68 20.75 16.93 -26.55
C LEU A 68 20.51 18.29 -25.90
N LYS A 69 19.24 18.71 -25.82
CA LYS A 69 18.93 19.97 -25.16
C LYS A 69 19.33 19.94 -23.68
N GLU A 70 19.07 18.83 -23.00
CA GLU A 70 19.49 18.71 -21.60
C GLU A 70 21.01 18.86 -21.50
N VAL A 71 21.72 18.21 -22.42
CA VAL A 71 23.17 18.21 -22.42
C VAL A 71 23.74 19.61 -22.66
N LYS A 72 23.14 20.34 -23.61
CA LYS A 72 23.60 21.71 -23.88
C LYS A 72 23.34 22.62 -22.68
N ALA A 73 22.21 22.43 -22.00
CA ALA A 73 21.93 23.20 -20.79
C ALA A 73 22.96 22.94 -19.70
N ALA A 74 23.34 21.68 -19.50
CA ALA A 74 24.31 21.38 -18.45
C ALA A 74 25.68 21.93 -18.83
N ALA A 75 26.00 21.89 -20.13
CA ALA A 75 27.30 22.34 -20.60
C ALA A 75 27.48 23.85 -20.37
N SER A 76 26.38 24.58 -20.38
CA SER A 76 26.45 26.04 -20.27
C SER A 76 26.92 26.49 -18.90
N LYS A 77 27.00 25.56 -17.95
CA LYS A 77 27.48 25.85 -16.61
C LYS A 77 29.00 25.72 -16.49
N VAL A 78 29.64 25.25 -17.55
CA VAL A 78 31.08 24.97 -17.51
C VAL A 78 31.89 26.19 -17.96
N LYS A 79 32.99 26.46 -17.26
CA LYS A 79 33.95 27.46 -17.71
C LYS A 79 35.27 26.76 -18.02
N ALA A 80 35.80 26.99 -19.21
CA ALA A 80 37.06 26.35 -19.61
C ALA A 80 38.11 27.38 -20.02
N ASN A 81 39.36 27.14 -19.64
CA ASN A 81 40.43 28.08 -19.94
C ASN A 81 41.33 27.61 -21.07
N LEU A 82 41.94 28.56 -21.78
CA LEU A 82 43.02 28.23 -22.70
C LEU A 82 44.26 27.86 -21.91
N LEU A 83 45.01 26.87 -22.39
CA LEU A 83 46.33 26.61 -21.84
C LEU A 83 47.35 27.43 -22.62
N SER A 84 48.42 27.84 -21.95
CA SER A 84 49.51 28.50 -22.64
C SER A 84 50.26 27.45 -23.44
N VAL A 85 51.07 27.87 -24.41
CA VAL A 85 51.90 26.91 -25.14
C VAL A 85 52.77 26.11 -24.17
N GLU A 86 53.35 26.78 -23.20
CA GLU A 86 54.22 26.11 -22.23
C GLU A 86 53.46 25.03 -21.44
N GLU A 87 52.26 25.35 -20.98
CA GLU A 87 51.44 24.38 -20.25
C GLU A 87 51.12 23.17 -21.13
N ALA A 88 50.72 23.43 -22.37
CA ALA A 88 50.40 22.34 -23.29
C ALA A 88 51.62 21.48 -23.61
N CYS A 89 52.77 22.12 -23.82
CA CYS A 89 54.00 21.38 -24.07
C CYS A 89 54.26 20.36 -22.96
N SER A 90 54.03 20.76 -21.72
CA SER A 90 54.35 19.91 -20.57
C SER A 90 53.40 18.73 -20.43
N LEU A 91 52.29 18.76 -21.13
CA LEU A 91 51.34 17.64 -21.13
C LEU A 91 51.72 16.59 -22.18
N THR A 92 52.79 16.86 -22.93
CA THR A 92 53.21 15.95 -23.99
C THR A 92 54.08 14.80 -23.46
N PRO A 93 53.71 13.53 -23.78
CA PRO A 93 54.48 12.36 -23.33
C PRO A 93 55.88 12.32 -23.95
N PRO A 94 56.89 11.87 -23.19
CA PRO A 94 58.25 11.77 -23.74
C PRO A 94 58.34 10.87 -24.99
N HIS A 95 57.41 9.93 -25.14
CA HIS A 95 57.43 9.01 -26.26
C HIS A 95 56.46 9.41 -27.40
N SER A 96 55.93 10.63 -27.34
CA SER A 96 54.99 11.09 -28.35
C SER A 96 55.68 11.15 -29.73
N ALA A 97 54.93 10.83 -30.78
CA ALA A 97 55.46 10.78 -32.14
C ALA A 97 56.07 12.12 -32.58
N LYS A 98 57.25 12.05 -33.21
CA LYS A 98 57.94 13.27 -33.60
C LYS A 98 57.16 14.02 -34.68
N SER A 99 57.41 15.32 -34.76
CA SER A 99 56.79 16.18 -35.78
C SER A 99 57.49 16.02 -37.11
N LYS A 100 56.73 16.15 -38.20
CA LYS A 100 57.31 16.14 -39.55
C LYS A 100 58.04 17.44 -39.85
N PHE A 101 57.96 18.40 -38.93
CA PHE A 101 58.52 19.72 -39.16
C PHE A 101 59.80 19.97 -38.34
N GLY A 102 60.56 18.91 -38.08
CA GLY A 102 61.90 19.06 -37.59
C GLY A 102 62.12 19.16 -36.09
N TYR A 103 61.18 18.66 -35.30
CA TYR A 103 61.40 18.56 -33.85
C TYR A 103 60.66 17.38 -33.26
N GLY A 104 60.95 17.05 -32.01
CA GLY A 104 60.36 15.88 -31.40
C GLY A 104 59.72 16.14 -30.05
N ALA A 105 59.21 15.07 -29.45
CA ALA A 105 58.59 15.15 -28.12
C ALA A 105 59.54 15.77 -27.10
N LYS A 106 60.81 15.39 -27.16
CA LYS A 106 61.80 15.92 -26.22
C LYS A 106 61.97 17.44 -26.38
N ASP A 107 61.99 17.90 -27.63
CA ASP A 107 62.07 19.33 -27.91
C ASP A 107 60.85 20.09 -27.36
N VAL A 108 59.67 19.51 -27.56
CA VAL A 108 58.46 20.13 -27.05
C VAL A 108 58.51 20.21 -25.52
N ARG A 109 58.90 19.11 -24.87
CA ARG A 109 58.93 19.08 -23.42
C ARG A 109 59.95 20.06 -22.82
N CYS A 110 61.01 20.36 -23.56
CA CYS A 110 62.00 21.35 -23.11
C CYS A 110 61.67 22.76 -23.58
N HIS A 111 60.53 22.93 -24.24
CA HIS A 111 60.13 24.23 -24.76
C HIS A 111 61.18 24.81 -25.70
N ALA A 112 61.73 23.96 -26.56
CA ALA A 112 62.74 24.40 -27.52
C ALA A 112 62.18 25.45 -28.47
N ARG A 113 63.04 26.37 -28.90
CA ARG A 113 62.61 27.47 -29.75
C ARG A 113 62.03 27.01 -31.08
N LYS A 114 62.65 26.04 -31.72
CA LYS A 114 62.14 25.57 -33.01
C LYS A 114 60.75 24.97 -32.87
N ALA A 115 60.57 24.18 -31.83
CA ALA A 115 59.28 23.53 -31.57
C ALA A 115 58.21 24.56 -31.26
N VAL A 116 58.52 25.47 -30.33
CA VAL A 116 57.56 26.49 -29.93
C VAL A 116 57.19 27.42 -31.09
N ALA A 117 58.17 27.75 -31.93
CA ALA A 117 57.91 28.61 -33.07
C ALA A 117 56.92 27.93 -34.02
N HIS A 118 57.12 26.65 -34.26
CA HIS A 118 56.21 25.93 -35.14
C HIS A 118 54.82 25.85 -34.52
N ILE A 119 54.76 25.50 -33.25
CA ILE A 119 53.47 25.40 -32.56
C ILE A 119 52.71 26.72 -32.66
N ASN A 120 53.40 27.84 -32.46
CA ASN A 120 52.77 29.13 -32.59
C ASN A 120 52.23 29.36 -34.01
N SER A 121 52.96 28.88 -35.01
CA SER A 121 52.53 29.06 -36.40
C SER A 121 51.29 28.22 -36.70
N VAL A 122 51.22 27.04 -36.09
CA VAL A 122 50.03 26.19 -36.24
C VAL A 122 48.82 26.84 -35.59
N TRP A 123 49.01 27.41 -34.41
CA TRP A 123 47.92 28.10 -33.74
C TRP A 123 47.42 29.27 -34.60
N LYS A 124 48.36 30.09 -35.08
CA LYS A 124 48.02 31.23 -35.90
C LYS A 124 47.20 30.77 -37.10
N ASP A 125 47.59 29.65 -37.68
CA ASP A 125 46.90 29.14 -38.86
C ASP A 125 45.49 28.60 -38.54
N LEU A 126 45.30 28.05 -37.33
CA LEU A 126 43.96 27.70 -36.88
C LEU A 126 43.04 28.91 -36.76
N LEU A 127 43.61 30.04 -36.35
CA LEU A 127 42.85 31.26 -36.18
C LEU A 127 42.49 31.86 -37.54
N GLU A 128 43.33 31.60 -38.54
CA GLU A 128 43.20 32.28 -39.83
C GLU A 128 42.55 31.46 -40.94
N ASP A 129 42.53 30.14 -40.76
CA ASP A 129 41.96 29.24 -41.76
C ASP A 129 40.98 28.34 -41.03
N SER A 130 39.69 28.44 -41.38
CA SER A 130 38.65 27.67 -40.71
C SER A 130 38.22 26.43 -41.48
N VAL A 131 38.83 26.18 -42.65
CA VAL A 131 38.26 25.19 -43.57
C VAL A 131 39.16 24.08 -44.12
N THR A 132 40.44 24.37 -44.37
CA THR A 132 41.30 23.39 -45.06
C THR A 132 41.62 22.15 -44.23
N PRO A 133 41.25 20.96 -44.73
CA PRO A 133 41.51 19.78 -43.90
C PRO A 133 42.98 19.65 -43.52
N ILE A 134 43.21 19.23 -42.29
CA ILE A 134 44.54 19.04 -41.73
C ILE A 134 44.95 17.58 -41.96
N ASP A 135 46.21 17.35 -42.37
CA ASP A 135 46.66 16.00 -42.67
C ASP A 135 46.71 15.12 -41.42
N THR A 136 46.52 13.82 -41.58
CA THR A 136 46.68 12.89 -40.47
C THR A 136 47.49 11.70 -40.95
N THR A 137 48.11 11.02 -40.00
CA THR A 137 48.81 9.78 -40.31
C THR A 137 47.96 8.59 -39.86
N ILE A 138 47.91 7.55 -40.68
CA ILE A 138 47.23 6.31 -40.30
C ILE A 138 48.29 5.23 -40.05
N MET A 139 48.15 4.55 -38.91
CA MET A 139 49.09 3.48 -38.52
C MET A 139 48.34 2.29 -37.94
N ALA A 140 48.94 1.11 -38.05
CA ALA A 140 48.35 -0.08 -37.46
C ALA A 140 48.90 -0.21 -36.04
N LYS A 141 48.01 -0.35 -35.08
CA LYS A 141 48.44 -0.51 -33.69
C LYS A 141 49.06 -1.88 -33.46
N ASN A 142 50.13 -1.91 -32.66
CA ASN A 142 50.72 -3.18 -32.22
C ASN A 142 50.27 -3.45 -30.80
N GLU A 143 49.32 -4.35 -30.63
CA GLU A 143 48.81 -4.65 -29.31
C GLU A 143 48.81 -6.16 -29.14
N VAL A 144 49.01 -6.59 -27.90
CA VAL A 144 49.21 -8.01 -27.63
C VAL A 144 47.96 -8.66 -27.07
N PHE A 145 47.65 -9.85 -27.61
CA PHE A 145 46.51 -10.66 -27.22
C PHE A 145 46.89 -12.14 -27.16
N CYS A 146 46.01 -12.97 -26.60
CA CYS A 146 46.10 -14.42 -26.69
C CYS A 146 45.12 -14.89 -27.77
N VAL A 147 45.51 -15.88 -28.58
CA VAL A 147 44.59 -16.38 -29.59
C VAL A 147 43.39 -17.04 -28.93
N GLN A 148 42.21 -16.87 -29.53
CA GLN A 148 41.02 -17.59 -29.08
C GLN A 148 40.38 -18.26 -30.28
N PRO A 149 40.85 -19.48 -30.62
CA PRO A 149 40.41 -20.22 -31.81
C PRO A 149 38.90 -20.40 -31.85
N GLU A 150 38.27 -20.49 -30.69
CA GLU A 150 36.83 -20.69 -30.60
C GLU A 150 36.07 -19.40 -30.87
N LYS A 151 36.77 -18.37 -31.34
CA LYS A 151 36.15 -17.06 -31.53
C LYS A 151 36.53 -16.39 -32.85
N GLY A 152 37.49 -16.96 -33.56
CA GLY A 152 37.91 -16.42 -34.84
C GLY A 152 39.40 -16.31 -35.04
N GLY A 153 40.18 -16.85 -34.10
CA GLY A 153 41.63 -16.82 -34.21
C GLY A 153 42.24 -15.51 -33.75
N ARG A 154 42.74 -14.72 -34.69
CA ARG A 154 43.47 -13.49 -34.33
C ARG A 154 42.71 -12.21 -34.70
N LYS A 155 42.80 -11.21 -33.82
CA LYS A 155 42.19 -9.91 -34.08
C LYS A 155 43.07 -9.16 -35.07
N PRO A 156 42.45 -8.51 -36.06
CA PRO A 156 43.28 -7.61 -36.87
C PRO A 156 43.65 -6.36 -36.08
N ALA A 157 44.72 -5.69 -36.52
CA ALA A 157 45.17 -4.47 -35.84
C ALA A 157 44.11 -3.38 -35.85
N ARG A 158 43.98 -2.65 -34.75
CA ARG A 158 43.26 -1.40 -34.75
C ARG A 158 44.05 -0.35 -35.54
N LEU A 159 43.35 0.59 -36.15
CA LEU A 159 44.00 1.66 -36.90
C LEU A 159 44.00 2.92 -36.05
N ILE A 160 45.16 3.56 -35.91
CA ILE A 160 45.19 4.83 -35.19
C ILE A 160 45.35 5.94 -36.21
N VAL A 161 44.63 7.03 -35.99
CA VAL A 161 44.68 8.16 -36.92
C VAL A 161 44.99 9.39 -36.10
N PHE A 162 46.10 10.07 -36.40
CA PHE A 162 46.52 11.20 -35.57
C PHE A 162 47.16 12.33 -36.37
N PRO A 163 46.99 13.57 -35.92
CA PRO A 163 47.61 14.72 -36.57
C PRO A 163 49.05 14.92 -36.10
N ASP A 164 49.75 15.84 -36.74
CA ASP A 164 51.15 16.08 -36.41
C ASP A 164 51.30 16.64 -34.99
N LEU A 165 52.47 16.43 -34.40
CA LEU A 165 52.76 16.89 -33.03
C LEU A 165 52.40 18.36 -32.77
N GLY A 166 52.70 19.24 -33.71
CA GLY A 166 52.35 20.65 -33.55
C GLY A 166 50.85 20.87 -33.37
N VAL A 167 50.05 20.21 -34.19
CA VAL A 167 48.59 20.23 -34.05
C VAL A 167 48.14 19.65 -32.69
N ARG A 168 48.76 18.56 -32.26
CA ARG A 168 48.40 17.96 -30.98
C ARG A 168 48.60 18.94 -29.81
N VAL A 169 49.69 19.70 -29.83
CA VAL A 169 49.92 20.69 -28.79
C VAL A 169 48.84 21.78 -28.82
N CYS A 170 48.46 22.22 -30.02
CA CYS A 170 47.37 23.19 -30.17
C CYS A 170 46.03 22.63 -29.68
N GLU A 171 45.78 21.34 -29.86
CA GLU A 171 44.54 20.76 -29.35
C GLU A 171 44.47 20.93 -27.85
N LYS A 172 45.59 20.65 -27.18
CA LYS A 172 45.62 20.81 -25.72
C LYS A 172 45.37 22.27 -25.34
N MET A 173 45.99 23.21 -26.05
CA MET A 173 45.78 24.60 -25.71
C MET A 173 44.30 24.94 -25.73
N ALA A 174 43.63 24.51 -26.78
CA ALA A 174 42.23 24.89 -27.00
C ALA A 174 41.23 24.07 -26.17
N LEU A 175 41.54 22.80 -25.93
CA LEU A 175 40.52 21.87 -25.45
C LEU A 175 40.86 21.00 -24.23
N TYR A 176 42.09 21.04 -23.74
CA TYR A 176 42.44 20.20 -22.61
C TYR A 176 41.49 20.43 -21.43
N ASP A 177 41.25 21.69 -21.12
CA ASP A 177 40.37 22.04 -19.99
C ASP A 177 38.93 21.60 -20.29
N VAL A 178 38.49 21.77 -21.53
CA VAL A 178 37.13 21.36 -21.90
C VAL A 178 36.95 19.86 -21.72
N VAL A 179 37.86 19.05 -22.29
CA VAL A 179 37.68 17.60 -22.23
C VAL A 179 37.91 17.04 -20.83
N SER A 180 38.50 17.85 -19.97
CA SER A 180 38.78 17.47 -18.59
C SER A 180 37.61 17.78 -17.64
N LYS A 181 36.69 18.63 -18.10
CA LYS A 181 35.61 19.12 -17.24
C LYS A 181 34.22 18.79 -17.76
N LEU A 182 34.09 18.78 -19.09
CA LEU A 182 32.76 18.78 -19.72
C LEU A 182 31.93 17.50 -19.53
N PRO A 183 32.51 16.32 -19.77
CA PRO A 183 31.73 15.09 -19.62
C PRO A 183 31.13 14.94 -18.21
N LEU A 184 31.92 15.22 -17.18
CA LEU A 184 31.42 15.19 -15.81
C LEU A 184 30.24 16.13 -15.61
N ALA A 185 30.36 17.36 -16.09
CA ALA A 185 29.31 18.34 -15.89
C ALA A 185 28.01 17.92 -16.56
N VAL A 186 28.15 17.24 -17.70
CA VAL A 186 27.02 16.90 -18.57
C VAL A 186 26.27 15.64 -18.17
N MET A 187 26.99 14.63 -17.71
CA MET A 187 26.30 13.37 -17.43
C MET A 187 26.44 12.91 -15.99
N GLY A 188 27.12 13.71 -15.15
CA GLY A 188 27.13 13.46 -13.72
C GLY A 188 27.63 12.08 -13.36
N SER A 189 26.86 11.36 -12.54
CA SER A 189 27.33 10.08 -12.01
C SER A 189 27.49 9.03 -13.11
N SER A 190 26.95 9.30 -14.29
CA SER A 190 27.10 8.37 -15.41
C SER A 190 28.49 8.41 -16.08
N TYR A 191 29.28 9.43 -15.79
CA TYR A 191 30.61 9.55 -16.39
C TYR A 191 31.57 8.60 -15.72
N GLY A 192 32.00 7.56 -16.43
CA GLY A 192 32.77 6.48 -15.81
C GLY A 192 34.17 6.84 -15.40
N PHE A 193 34.79 7.79 -16.10
CA PHE A 193 36.21 8.08 -15.85
C PHE A 193 36.46 8.89 -14.57
N GLN A 194 35.40 9.31 -13.91
CA GLN A 194 35.56 10.02 -12.66
C GLN A 194 35.83 9.05 -11.50
N TYR A 195 35.68 7.75 -11.74
CA TYR A 195 35.74 6.77 -10.65
C TYR A 195 37.04 5.98 -10.62
N SER A 196 37.61 5.82 -9.42
CA SER A 196 38.62 4.78 -9.20
C SER A 196 37.93 3.43 -9.27
N PRO A 197 38.70 2.32 -9.33
CA PRO A 197 38.06 1.01 -9.43
C PRO A 197 37.10 0.74 -8.27
N GLY A 198 37.50 1.08 -7.05
CA GLY A 198 36.64 0.94 -5.89
C GLY A 198 35.37 1.76 -6.00
N GLN A 199 35.48 2.96 -6.56
CA GLN A 199 34.33 3.84 -6.70
C GLN A 199 33.40 3.32 -7.79
N ARG A 200 33.98 2.71 -8.83
CA ARG A 200 33.15 2.13 -9.87
C ARG A 200 32.33 0.98 -9.28
N VAL A 201 32.98 0.16 -8.47
CA VAL A 201 32.30 -0.96 -7.79
C VAL A 201 31.18 -0.44 -6.91
N GLU A 202 31.46 0.60 -6.12
CA GLU A 202 30.43 1.19 -5.27
C GLU A 202 29.23 1.65 -6.10
N PHE A 203 29.49 2.26 -7.24
CA PHE A 203 28.43 2.79 -8.09
C PHE A 203 27.55 1.66 -8.62
N LEU A 204 28.20 0.64 -9.18
CA LEU A 204 27.48 -0.51 -9.74
C LEU A 204 26.70 -1.30 -8.68
N VAL A 205 27.34 -1.55 -7.54
CA VAL A 205 26.70 -2.31 -6.48
C VAL A 205 25.46 -1.58 -5.96
N GLN A 206 25.54 -0.26 -5.79
CA GLN A 206 24.38 0.49 -5.28
C GLN A 206 23.27 0.55 -6.32
N ALA A 207 23.64 0.69 -7.59
CA ALA A 207 22.66 0.68 -8.67
C ALA A 207 21.90 -0.64 -8.66
N TRP A 208 22.64 -1.72 -8.49
CA TRP A 208 22.07 -3.07 -8.52
C TRP A 208 21.16 -3.27 -7.31
N LYS A 209 21.67 -2.93 -6.14
CA LYS A 209 20.93 -3.12 -4.90
C LYS A 209 19.67 -2.25 -4.78
N SER A 210 19.65 -1.13 -5.48
CA SER A 210 18.54 -0.20 -5.33
C SER A 210 17.29 -0.69 -6.06
N LYS A 211 17.47 -1.62 -7.01
CA LYS A 211 16.35 -2.14 -7.80
C LYS A 211 15.58 -3.22 -7.04
N LYS A 212 14.26 -3.25 -7.22
CA LYS A 212 13.48 -4.36 -6.69
C LYS A 212 13.96 -5.68 -7.30
N THR A 213 13.99 -5.69 -8.63
CA THR A 213 14.51 -6.82 -9.38
C THR A 213 15.43 -6.24 -10.46
N PRO A 214 16.76 -6.26 -10.22
CA PRO A 214 17.65 -5.64 -11.21
C PRO A 214 17.85 -6.48 -12.46
N MET A 215 17.98 -5.80 -13.60
CA MET A 215 18.43 -6.39 -14.85
C MET A 215 19.46 -5.43 -15.41
N GLY A 216 20.53 -5.97 -15.97
CA GLY A 216 21.55 -5.11 -16.54
C GLY A 216 22.01 -5.64 -17.87
N PHE A 217 22.67 -4.79 -18.64
CA PHE A 217 23.29 -5.26 -19.86
C PHE A 217 24.42 -4.34 -20.28
N SER A 218 25.37 -4.91 -21.02
CA SER A 218 26.37 -4.10 -21.70
C SER A 218 25.95 -3.99 -23.15
N TYR A 219 26.27 -2.87 -23.79
CA TYR A 219 25.93 -2.69 -25.20
C TYR A 219 27.20 -2.46 -25.98
N ASP A 220 27.50 -3.37 -26.89
CA ASP A 220 28.73 -3.32 -27.66
C ASP A 220 28.43 -2.81 -29.06
N THR A 221 28.76 -1.55 -29.30
CA THR A 221 28.55 -0.98 -30.63
C THR A 221 29.62 -1.55 -31.53
N ARG A 222 29.25 -1.94 -32.74
CA ARG A 222 30.25 -2.43 -33.69
C ARG A 222 31.02 -1.25 -34.29
N CYS A 223 32.35 -1.29 -34.15
CA CYS A 223 33.23 -0.24 -34.67
C CYS A 223 32.71 1.14 -34.32
N PHE A 224 32.58 1.44 -33.03
CA PHE A 224 31.97 2.69 -32.59
C PHE A 224 32.52 3.94 -33.28
N ASP A 225 33.85 4.05 -33.36
CA ASP A 225 34.47 5.22 -34.01
C ASP A 225 33.93 5.45 -35.43
N SER A 226 33.71 4.38 -36.19
CA SER A 226 33.18 4.49 -37.56
C SER A 226 31.70 4.88 -37.60
N THR A 227 30.96 4.60 -36.53
CA THR A 227 29.55 4.95 -36.49
C THR A 227 29.35 6.43 -36.16
N VAL A 228 30.39 7.09 -35.66
CA VAL A 228 30.26 8.51 -35.34
C VAL A 228 30.22 9.29 -36.64
N THR A 229 29.13 10.03 -36.84
CA THR A 229 28.90 10.73 -38.12
C THR A 229 29.44 12.16 -38.11
N GLU A 230 29.45 12.80 -39.28
CA GLU A 230 29.89 14.17 -39.36
C GLU A 230 28.96 15.07 -38.55
N SER A 231 27.67 14.77 -38.56
CA SER A 231 26.76 15.58 -37.75
C SER A 231 26.96 15.36 -36.24
N ASP A 232 27.32 14.14 -35.84
CA ASP A 232 27.66 13.85 -34.44
C ASP A 232 28.82 14.73 -33.99
N ILE A 233 29.84 14.82 -34.83
CA ILE A 233 31.05 15.56 -34.47
C ILE A 233 30.79 17.07 -34.45
N ARG A 234 29.97 17.54 -35.38
CA ARG A 234 29.55 18.94 -35.37
C ARG A 234 28.65 19.24 -34.16
N THR A 235 27.88 18.25 -33.72
CA THR A 235 27.08 18.42 -32.51
C THR A 235 27.98 18.50 -31.28
N GLU A 236 29.02 17.68 -31.24
CA GLU A 236 30.01 17.84 -30.17
C GLU A 236 30.57 19.27 -30.11
N GLU A 237 30.89 19.84 -31.27
CA GLU A 237 31.42 21.22 -31.32
C GLU A 237 30.41 22.19 -30.73
N ALA A 238 29.14 22.01 -31.07
CA ALA A 238 28.10 22.93 -30.60
C ALA A 238 28.01 22.82 -29.09
N ILE A 239 28.20 21.61 -28.59
CA ILE A 239 28.20 21.40 -27.14
C ILE A 239 29.39 22.09 -26.46
N TYR A 240 30.59 21.92 -27.01
CA TYR A 240 31.78 22.62 -26.48
C TYR A 240 31.56 24.14 -26.40
N GLN A 241 30.91 24.70 -27.43
CA GLN A 241 30.69 26.14 -27.50
C GLN A 241 29.67 26.64 -26.48
N CYS A 242 28.95 25.74 -25.81
CA CYS A 242 28.04 26.13 -24.73
C CYS A 242 28.77 26.58 -23.48
N CYS A 243 30.01 26.15 -23.34
CA CYS A 243 30.87 26.57 -22.24
C CYS A 243 31.20 28.05 -22.34
N ASP A 244 31.61 28.64 -21.23
CA ASP A 244 32.25 29.95 -21.26
C ASP A 244 33.69 29.75 -21.69
N LEU A 245 34.03 30.29 -22.85
CA LEU A 245 35.35 30.10 -23.45
C LEU A 245 35.97 31.46 -23.80
N ASP A 246 37.29 31.47 -23.91
CA ASP A 246 38.00 32.62 -24.44
C ASP A 246 37.71 32.75 -25.93
N PRO A 247 37.64 33.98 -26.45
CA PRO A 247 37.36 34.22 -27.88
C PRO A 247 38.32 33.47 -28.82
N GLN A 248 39.62 33.43 -28.53
CA GLN A 248 40.54 32.65 -29.37
C GLN A 248 40.22 31.16 -29.36
N ALA A 249 39.83 30.63 -28.19
CA ALA A 249 39.52 29.22 -28.07
C ALA A 249 38.32 28.88 -28.93
N ARG A 250 37.34 29.78 -28.97
CA ARG A 250 36.12 29.51 -29.73
C ARG A 250 36.46 29.35 -31.21
N VAL A 251 37.38 30.17 -31.70
CA VAL A 251 37.79 30.10 -33.12
C VAL A 251 38.60 28.81 -33.37
N ALA A 252 39.58 28.55 -32.51
CA ALA A 252 40.40 27.34 -32.66
C ALA A 252 39.57 26.05 -32.58
N ILE A 253 38.62 26.00 -31.66
CA ILE A 253 37.77 24.80 -31.53
C ILE A 253 36.92 24.54 -32.79
N LYS A 254 36.34 25.60 -33.33
CA LYS A 254 35.65 25.50 -34.62
C LYS A 254 36.58 25.05 -35.75
N SER A 255 37.77 25.65 -35.86
CA SER A 255 38.74 25.24 -36.87
C SER A 255 39.16 23.77 -36.70
N LEU A 256 39.45 23.36 -35.47
CA LEU A 256 39.83 21.98 -35.22
C LEU A 256 38.70 21.04 -35.59
N THR A 257 37.47 21.44 -35.30
CA THR A 257 36.33 20.61 -35.67
C THR A 257 36.19 20.45 -37.19
N GLU A 258 36.17 21.58 -37.91
CA GLU A 258 35.95 21.52 -39.36
C GLU A 258 37.13 20.96 -40.17
N ARG A 259 38.34 21.18 -39.67
CA ARG A 259 39.56 20.80 -40.40
C ARG A 259 40.14 19.45 -39.95
N LEU A 260 39.79 19.02 -38.74
CA LEU A 260 40.37 17.78 -38.21
C LEU A 260 39.34 16.78 -37.69
N TYR A 261 38.52 17.18 -36.73
CA TYR A 261 37.68 16.19 -36.08
C TYR A 261 36.63 15.60 -37.02
N VAL A 262 36.04 16.43 -37.87
CA VAL A 262 34.94 15.98 -38.72
C VAL A 262 35.41 15.04 -39.83
N GLY A 263 36.70 15.06 -40.11
CA GLY A 263 37.25 14.18 -41.13
C GLY A 263 38.49 14.75 -41.79
N GLY A 264 39.03 14.04 -42.78
CA GLY A 264 40.21 14.53 -43.46
C GLY A 264 41.00 13.40 -44.09
N PRO A 265 42.05 13.76 -44.83
CA PRO A 265 42.88 12.80 -45.57
C PRO A 265 43.75 11.95 -44.64
N LEU A 266 43.99 10.72 -45.07
CA LEU A 266 44.78 9.75 -44.31
C LEU A 266 46.07 9.47 -45.09
N THR A 267 47.20 9.70 -44.45
CA THR A 267 48.52 9.50 -45.08
C THR A 267 49.26 8.37 -44.37
N ASN A 268 49.90 7.48 -45.12
CA ASN A 268 50.67 6.42 -44.45
C ASN A 268 52.07 6.87 -44.07
N SER A 269 52.84 5.97 -43.48
CA SER A 269 54.16 6.33 -42.96
C SER A 269 55.14 6.65 -44.10
N ARG A 270 54.79 6.24 -45.32
CA ARG A 270 55.62 6.50 -46.49
C ARG A 270 55.23 7.79 -47.21
N GLY A 271 54.23 8.48 -46.67
CA GLY A 271 53.78 9.74 -47.23
C GLY A 271 52.74 9.58 -48.33
N GLU A 272 52.26 8.36 -48.56
CA GLU A 272 51.25 8.12 -49.59
C GLU A 272 49.84 8.38 -49.08
N ASN A 273 48.96 8.84 -49.95
CA ASN A 273 47.55 9.03 -49.64
C ASN A 273 46.83 7.67 -49.56
N CYS A 274 46.31 7.32 -48.38
CA CYS A 274 45.57 6.08 -48.18
C CYS A 274 44.07 6.20 -48.38
N GLY A 275 43.53 7.40 -48.19
CA GLY A 275 42.09 7.57 -48.30
C GLY A 275 41.63 8.76 -47.50
N TYR A 276 40.34 8.77 -47.16
CA TYR A 276 39.75 9.93 -46.50
C TYR A 276 38.78 9.45 -45.44
N ARG A 277 38.80 10.13 -44.29
CA ARG A 277 37.98 9.77 -43.14
C ARG A 277 36.81 10.74 -42.98
N ARG A 278 35.63 10.18 -42.69
N ARG A 278 35.63 10.20 -42.65
CA ARG A 278 34.45 10.97 -42.39
CA ARG A 278 34.46 11.03 -42.36
C ARG A 278 33.78 10.39 -41.13
C ARG A 278 33.79 10.57 -41.06
N CYS A 279 34.61 10.06 -40.15
CA CYS A 279 34.13 9.55 -38.86
C CYS A 279 35.16 9.94 -37.79
N ARG A 280 35.01 9.40 -36.59
CA ARG A 280 35.94 9.71 -35.49
C ARG A 280 37.39 9.30 -35.77
N ALA A 281 38.33 10.23 -35.58
CA ALA A 281 39.74 9.87 -35.52
C ALA A 281 40.06 9.32 -34.13
N SER A 282 40.75 8.17 -34.08
CA SER A 282 41.03 7.51 -32.79
C SER A 282 42.18 8.15 -32.00
N GLY A 283 42.93 9.02 -32.65
CA GLY A 283 44.12 9.61 -32.04
C GLY A 283 44.08 11.11 -31.92
N VAL A 284 42.98 11.65 -31.38
CA VAL A 284 42.94 13.08 -31.12
C VAL A 284 42.53 13.32 -29.67
N LEU A 285 42.70 14.54 -29.20
CA LEU A 285 42.45 14.84 -27.79
C LEU A 285 40.98 14.62 -27.44
N THR A 286 40.11 14.86 -28.41
CA THR A 286 38.67 14.79 -28.15
C THR A 286 38.10 13.40 -28.35
N THR A 287 38.93 12.41 -28.66
CA THR A 287 38.38 11.07 -28.93
C THR A 287 37.57 10.56 -27.72
N SER A 288 38.16 10.59 -26.53
CA SER A 288 37.49 10.03 -25.37
C SER A 288 36.25 10.83 -24.99
N CYS A 289 36.41 12.15 -24.89
CA CYS A 289 35.31 13.06 -24.58
C CYS A 289 34.17 12.96 -25.60
N GLY A 290 34.51 13.02 -26.88
CA GLY A 290 33.50 12.96 -27.93
C GLY A 290 32.77 11.63 -27.93
N ASN A 291 33.52 10.54 -27.85
CA ASN A 291 32.87 9.22 -27.82
C ASN A 291 31.97 9.09 -26.60
N THR A 292 32.44 9.58 -25.46
CA THR A 292 31.64 9.51 -24.23
C THR A 292 30.35 10.32 -24.35
N LEU A 293 30.46 11.57 -24.82
CA LEU A 293 29.28 12.41 -24.98
C LEU A 293 28.29 11.80 -25.98
N THR A 294 28.81 11.34 -27.12
CA THR A 294 27.95 10.83 -28.18
C THR A 294 27.28 9.51 -27.78
N CYS A 295 28.04 8.62 -27.15
CA CYS A 295 27.49 7.38 -26.63
C CYS A 295 26.41 7.68 -25.59
N TYR A 296 26.70 8.62 -24.70
CA TYR A 296 25.73 8.99 -23.66
C TYR A 296 24.41 9.55 -24.23
N ILE A 297 24.52 10.45 -25.19
CA ILE A 297 23.32 11.05 -25.79
C ILE A 297 22.46 9.99 -26.46
N LYS A 298 23.10 9.17 -27.30
CA LYS A 298 22.38 8.13 -27.99
C LYS A 298 21.78 7.11 -27.02
N ALA A 299 22.56 6.67 -26.04
CA ALA A 299 22.09 5.65 -25.09
C ALA A 299 20.97 6.16 -24.20
N ARG A 300 21.09 7.39 -23.73
CA ARG A 300 20.06 7.94 -22.86
C ARG A 300 18.75 8.09 -23.64
N ALA A 301 18.85 8.54 -24.89
CA ALA A 301 17.68 8.65 -25.73
C ALA A 301 17.10 7.27 -26.01
N ALA A 302 17.98 6.31 -26.28
CA ALA A 302 17.53 4.95 -26.56
C ALA A 302 16.90 4.27 -25.34
N CYS A 303 17.40 4.57 -24.14
CA CYS A 303 16.71 4.09 -22.93
C CYS A 303 15.27 4.55 -22.87
N ARG A 304 15.03 5.80 -23.26
CA ARG A 304 13.68 6.33 -23.27
C ARG A 304 12.82 5.66 -24.33
N ALA A 305 13.37 5.51 -25.52
CA ALA A 305 12.65 4.85 -26.60
C ALA A 305 12.32 3.41 -26.23
N ALA A 306 13.18 2.81 -25.41
CA ALA A 306 13.06 1.38 -25.09
C ALA A 306 12.10 1.12 -23.95
N GLY A 307 11.67 2.19 -23.30
CA GLY A 307 10.75 2.08 -22.18
C GLY A 307 11.42 1.47 -20.96
N LEU A 308 12.75 1.56 -20.90
CA LEU A 308 13.45 0.97 -19.77
C LEU A 308 13.12 1.71 -18.48
N GLN A 309 12.75 0.97 -17.44
CA GLN A 309 12.30 1.55 -16.18
C GLN A 309 13.50 1.86 -15.27
N ASP A 310 13.59 3.10 -14.81
CA ASP A 310 14.60 3.48 -13.81
C ASP A 310 16.04 3.13 -14.24
N CYS A 311 16.46 3.71 -15.36
CA CYS A 311 17.76 3.39 -15.97
C CYS A 311 18.94 4.10 -15.34
N THR A 312 19.92 3.30 -14.96
CA THR A 312 21.19 3.82 -14.47
C THR A 312 22.26 3.40 -15.48
N MET A 313 22.97 4.38 -16.03
CA MET A 313 24.01 4.03 -17.00
C MET A 313 25.39 4.46 -16.55
N LEU A 314 26.39 3.71 -17.00
CA LEU A 314 27.77 4.07 -16.78
C LEU A 314 28.44 4.05 -18.15
N VAL A 315 29.01 5.19 -18.54
CA VAL A 315 29.57 5.37 -19.89
C VAL A 315 31.05 5.75 -19.81
N CYS A 316 31.90 5.00 -20.51
CA CYS A 316 33.33 5.30 -20.64
C CYS A 316 33.69 5.22 -22.11
N GLY A 317 33.71 6.38 -22.78
CA GLY A 317 33.92 6.38 -24.21
C GLY A 317 32.84 5.55 -24.89
N ASP A 318 33.25 4.57 -25.68
CA ASP A 318 32.27 3.74 -26.40
C ASP A 318 31.72 2.61 -25.53
N ASP A 319 32.19 2.51 -24.30
CA ASP A 319 31.78 1.41 -23.42
C ASP A 319 30.53 1.77 -22.59
N LEU A 320 29.49 0.95 -22.70
CA LEU A 320 28.21 1.26 -22.09
C LEU A 320 27.66 0.11 -21.24
N VAL A 321 27.28 0.40 -19.99
CA VAL A 321 26.51 -0.53 -19.17
C VAL A 321 25.26 0.16 -18.62
N VAL A 322 24.16 -0.59 -18.60
CA VAL A 322 22.88 -0.07 -18.16
C VAL A 322 22.31 -1.03 -17.13
N ILE A 323 21.85 -0.50 -16.00
CA ILE A 323 21.19 -1.30 -14.97
C ILE A 323 19.81 -0.70 -14.75
N CYS A 324 18.78 -1.53 -14.81
CA CYS A 324 17.43 -0.99 -14.68
C CYS A 324 16.52 -1.91 -13.86
N GLU A 325 15.27 -1.47 -13.69
CA GLU A 325 14.28 -2.23 -12.97
C GLU A 325 13.60 -3.21 -13.94
N SER A 326 13.64 -4.50 -13.61
CA SER A 326 13.06 -5.52 -14.49
C SER A 326 11.55 -5.42 -14.63
N ALA A 327 11.06 -5.63 -15.85
CA ALA A 327 9.61 -5.63 -16.07
C ALA A 327 9.06 -7.04 -16.31
N GLY A 328 9.90 -8.04 -16.10
CA GLY A 328 9.56 -9.42 -16.42
C GLY A 328 10.51 -9.93 -17.49
N VAL A 329 10.59 -11.24 -17.67
CA VAL A 329 11.56 -11.82 -18.60
C VAL A 329 11.30 -11.45 -20.06
N GLN A 330 10.08 -11.67 -20.54
CA GLN A 330 9.74 -11.33 -21.92
C GLN A 330 9.78 -9.83 -22.17
N GLU A 331 9.29 -9.08 -21.18
CA GLU A 331 9.25 -7.63 -21.25
C GLU A 331 10.66 -7.04 -21.38
N ASP A 332 11.58 -7.54 -20.56
CA ASP A 332 12.98 -7.08 -20.60
C ASP A 332 13.63 -7.43 -21.95
N ALA A 333 13.40 -8.65 -22.42
CA ALA A 333 14.02 -9.06 -23.68
C ALA A 333 13.53 -8.18 -24.82
N ALA A 334 12.24 -7.90 -24.84
CA ALA A 334 11.66 -6.97 -25.81
C ALA A 334 12.21 -5.54 -25.66
N SER A 335 12.33 -5.07 -24.43
CA SER A 335 12.86 -3.73 -24.19
C SER A 335 14.28 -3.56 -24.72
N LEU A 336 15.10 -4.59 -24.54
CA LEU A 336 16.48 -4.53 -24.99
C LEU A 336 16.54 -4.57 -26.52
N ARG A 337 15.66 -5.34 -27.15
CA ARG A 337 15.59 -5.28 -28.61
C ARG A 337 15.19 -3.88 -29.10
N ALA A 338 14.28 -3.22 -28.38
CA ALA A 338 13.87 -1.86 -28.76
C ALA A 338 14.99 -0.86 -28.51
N PHE A 339 15.77 -1.08 -27.44
CA PHE A 339 16.96 -0.26 -27.19
C PHE A 339 17.93 -0.35 -28.38
N THR A 340 18.16 -1.58 -28.82
CA THR A 340 19.08 -1.84 -29.93
C THR A 340 18.56 -1.20 -31.21
N GLU A 341 17.25 -1.28 -31.44
CA GLU A 341 16.67 -0.64 -32.61
C GLU A 341 16.90 0.87 -32.59
N ALA A 342 16.73 1.48 -31.41
CA ALA A 342 16.94 2.92 -31.29
C ALA A 342 18.40 3.32 -31.53
N MET A 343 19.32 2.63 -30.86
CA MET A 343 20.76 2.87 -31.07
C MET A 343 21.10 2.72 -32.55
N THR A 344 20.49 1.74 -33.20
CA THR A 344 20.74 1.50 -34.61
C THR A 344 20.26 2.67 -35.48
N ARG A 345 19.05 3.18 -35.21
CA ARG A 345 18.56 4.36 -35.92
C ARG A 345 19.49 5.55 -35.71
N TYR A 346 20.12 5.61 -34.54
CA TYR A 346 21.09 6.66 -34.23
C TYR A 346 22.48 6.43 -34.86
N SER A 347 22.64 5.30 -35.56
CA SER A 347 23.83 4.95 -36.36
CA SER A 347 23.84 4.95 -36.35
C SER A 347 24.72 3.89 -35.72
N ALA A 348 24.35 3.46 -34.51
CA ALA A 348 25.21 2.62 -33.69
C ALA A 348 24.65 1.21 -33.40
N PRO A 349 24.62 0.34 -34.42
CA PRO A 349 24.14 -1.04 -34.22
C PRO A 349 25.19 -1.86 -33.51
N PRO A 350 24.78 -2.97 -32.87
CA PRO A 350 25.71 -3.74 -32.06
C PRO A 350 26.50 -4.76 -32.88
N GLY A 351 27.61 -5.24 -32.33
CA GLY A 351 28.29 -6.38 -32.91
C GLY A 351 27.42 -7.60 -32.69
N ASP A 352 27.48 -8.13 -31.48
CA ASP A 352 26.54 -9.17 -31.06
C ASP A 352 25.42 -8.50 -30.26
N PRO A 353 24.18 -8.98 -30.45
CA PRO A 353 23.07 -8.36 -29.71
C PRO A 353 23.31 -8.42 -28.20
N PRO A 354 22.94 -7.35 -27.49
CA PRO A 354 23.05 -7.38 -26.03
C PRO A 354 22.10 -8.43 -25.45
N GLN A 355 22.41 -8.95 -24.27
CA GLN A 355 21.53 -9.90 -23.62
C GLN A 355 21.21 -9.41 -22.22
N PRO A 356 19.96 -9.57 -21.78
CA PRO A 356 19.61 -9.20 -20.40
C PRO A 356 20.38 -10.08 -19.42
N GLU A 357 20.90 -9.48 -18.36
CA GLU A 357 21.67 -10.21 -17.36
C GLU A 357 21.08 -9.98 -15.99
N TYR A 358 20.93 -11.04 -15.21
CA TYR A 358 20.27 -10.96 -13.91
C TYR A 358 21.19 -11.29 -12.74
N ASP A 359 22.45 -11.56 -13.04
CA ASP A 359 23.49 -11.80 -12.03
C ASP A 359 24.54 -10.68 -12.11
N LEU A 360 24.77 -10.00 -10.99
CA LEU A 360 25.71 -8.86 -10.95
C LEU A 360 27.10 -9.19 -11.48
N GLU A 361 27.64 -10.33 -11.07
CA GLU A 361 29.02 -10.67 -11.40
C GLU A 361 29.24 -10.80 -12.91
N LEU A 362 28.14 -10.99 -13.65
CA LEU A 362 28.21 -11.14 -15.10
C LEU A 362 28.12 -9.81 -15.86
N ILE A 363 27.81 -8.73 -15.15
CA ILE A 363 27.72 -7.41 -15.78
C ILE A 363 29.14 -6.90 -16.07
N THR A 364 29.39 -6.47 -17.31
CA THR A 364 30.76 -6.10 -17.72
C THR A 364 30.92 -4.65 -18.18
N SER A 365 31.77 -3.91 -17.47
CA SER A 365 32.05 -2.52 -17.77
C SER A 365 33.54 -2.42 -18.08
N CYS A 366 33.87 -1.97 -19.29
CA CYS A 366 35.28 -1.82 -19.65
C CYS A 366 36.06 -3.11 -19.39
N SER A 367 35.51 -4.23 -19.85
CA SER A 367 36.16 -5.53 -19.74
C SER A 367 36.32 -6.01 -18.30
N SER A 368 35.65 -5.34 -17.37
CA SER A 368 35.80 -5.69 -15.97
C SER A 368 34.46 -6.01 -15.36
N ASN A 369 34.47 -6.63 -14.19
CA ASN A 369 33.22 -6.96 -13.50
C ASN A 369 33.40 -6.88 -11.99
N VAL A 370 32.28 -6.75 -11.29
CA VAL A 370 32.29 -6.77 -9.83
C VAL A 370 32.32 -8.22 -9.35
N SER A 371 33.14 -8.50 -8.35
CA SER A 371 33.13 -9.82 -7.73
C SER A 371 33.19 -9.66 -6.21
N VAL A 372 33.03 -10.76 -5.50
CA VAL A 372 32.98 -10.73 -4.05
C VAL A 372 34.10 -11.55 -3.41
N ALA A 373 34.76 -10.96 -2.42
CA ALA A 373 35.72 -11.70 -1.61
C ALA A 373 35.37 -11.45 -0.16
N HIS A 374 36.23 -11.89 0.75
CA HIS A 374 35.98 -11.67 2.17
C HIS A 374 37.18 -11.05 2.86
N ASP A 375 36.91 -10.25 3.90
CA ASP A 375 37.98 -9.72 4.72
C ASP A 375 38.21 -10.69 5.87
N GLY A 376 39.04 -10.29 6.84
CA GLY A 376 39.39 -11.16 7.95
C GLY A 376 38.23 -11.72 8.75
N ALA A 377 37.10 -11.02 8.77
CA ALA A 377 36.00 -11.35 9.67
C ALA A 377 34.83 -12.12 9.03
N GLY A 378 35.02 -12.61 7.80
CA GLY A 378 33.96 -13.30 7.10
C GLY A 378 33.00 -12.32 6.45
N LYS A 379 33.42 -11.06 6.41
CA LYS A 379 32.61 -9.99 5.85
C LYS A 379 32.78 -9.94 4.34
N ARG A 380 31.68 -9.89 3.62
CA ARG A 380 31.74 -9.74 2.16
C ARG A 380 32.33 -8.39 1.73
N VAL A 381 33.23 -8.45 0.75
CA VAL A 381 33.83 -7.25 0.16
C VAL A 381 33.67 -7.30 -1.36
N TYR A 382 33.14 -6.24 -1.95
CA TYR A 382 33.01 -6.15 -3.40
C TYR A 382 34.27 -5.50 -3.96
N TYR A 383 34.75 -5.99 -5.09
CA TYR A 383 35.94 -5.44 -5.71
C TYR A 383 35.85 -5.67 -7.21
N LEU A 384 36.69 -4.95 -7.95
CA LEU A 384 36.67 -4.98 -9.41
C LEU A 384 37.72 -5.98 -9.92
N THR A 385 37.32 -6.80 -10.88
CA THR A 385 38.22 -7.79 -11.44
C THR A 385 38.00 -7.88 -12.96
N ARG A 386 38.72 -8.77 -13.60
CA ARG A 386 38.56 -9.00 -15.03
C ARG A 386 39.23 -10.32 -15.39
N ASP A 387 38.95 -10.83 -16.58
CA ASP A 387 39.65 -12.01 -17.08
C ASP A 387 41.12 -11.65 -17.19
N PRO A 388 42.01 -12.49 -16.66
CA PRO A 388 43.43 -12.12 -16.59
C PRO A 388 44.21 -12.41 -17.87
N THR A 389 43.57 -12.98 -18.89
CA THR A 389 44.28 -13.43 -20.09
C THR A 389 45.08 -12.33 -20.78
N THR A 390 44.42 -11.23 -21.11
CA THR A 390 45.13 -10.18 -21.83
C THR A 390 46.17 -9.50 -20.94
N PRO A 391 45.83 -9.20 -19.67
CA PRO A 391 46.88 -8.68 -18.77
C PRO A 391 48.10 -9.61 -18.69
N LEU A 392 47.89 -10.93 -18.64
CA LEU A 392 49.02 -11.84 -18.49
C LEU A 392 49.86 -11.95 -19.77
N ALA A 393 49.20 -11.96 -20.92
CA ALA A 393 49.90 -12.00 -22.20
C ALA A 393 50.74 -10.75 -22.39
N ARG A 394 50.16 -9.60 -22.05
CA ARG A 394 50.89 -8.34 -22.21
C ARG A 394 52.05 -8.26 -21.23
N ALA A 395 51.83 -8.72 -20.00
CA ALA A 395 52.90 -8.76 -19.00
C ALA A 395 54.09 -9.59 -19.49
N ALA A 396 53.80 -10.72 -20.14
CA ALA A 396 54.86 -11.57 -20.68
C ALA A 396 55.63 -10.84 -21.77
N TRP A 397 54.90 -10.21 -22.68
CA TRP A 397 55.53 -9.45 -23.74
C TRP A 397 56.43 -8.35 -23.17
N GLU A 398 55.91 -7.61 -22.19
CA GLU A 398 56.62 -6.48 -21.60
C GLU A 398 57.81 -6.93 -20.75
N THR A 399 57.84 -8.20 -20.37
CA THR A 399 59.02 -8.77 -19.72
C THR A 399 60.10 -9.07 -20.77
N ALA A 400 59.69 -9.60 -21.91
CA ALA A 400 60.65 -10.01 -22.95
C ALA A 400 61.20 -8.85 -23.74
N ARG A 401 60.43 -7.77 -23.81
CA ARG A 401 60.81 -6.64 -24.66
C ARG A 401 60.47 -5.32 -24.01
N HIS A 402 61.34 -4.33 -24.20
CA HIS A 402 61.15 -3.02 -23.61
C HIS A 402 60.13 -2.23 -24.40
N THR A 403 59.10 -1.74 -23.71
CA THR A 403 58.09 -0.90 -24.35
C THR A 403 58.00 0.43 -23.59
N PRO A 404 57.71 1.52 -24.32
CA PRO A 404 57.72 2.85 -23.69
C PRO A 404 56.68 2.97 -22.58
N VAL A 405 55.53 2.32 -22.73
CA VAL A 405 54.50 2.34 -21.71
C VAL A 405 54.10 0.93 -21.32
N ASN A 406 54.11 0.64 -20.02
N ASN A 406 54.23 0.59 -20.06
CA ASN A 406 53.92 -0.72 -19.45
CA ASN A 406 53.84 -0.74 -19.67
C ASN A 406 52.53 -1.03 -18.86
C ASN A 406 52.34 -0.75 -19.41
N SER A 407 51.78 -1.94 -19.47
CA SER A 407 50.40 -2.17 -19.05
C SER A 407 50.39 -2.85 -17.69
N TRP A 408 51.48 -3.53 -17.34
CA TRP A 408 51.46 -4.36 -16.14
C TRP A 408 51.36 -3.55 -14.87
N LEU A 409 52.03 -2.40 -14.83
CA LEU A 409 52.01 -1.57 -13.63
C LEU A 409 50.61 -0.96 -13.43
N GLY A 410 50.03 -0.50 -14.53
CA GLY A 410 48.66 0.02 -14.49
C GLY A 410 47.68 -1.07 -14.03
N ASN A 411 47.86 -2.29 -14.54
CA ASN A 411 47.01 -3.41 -14.12
C ASN A 411 47.14 -3.76 -12.65
N ILE A 412 48.37 -3.71 -12.13
CA ILE A 412 48.55 -4.01 -10.71
C ILE A 412 47.82 -2.96 -9.89
N ILE A 413 47.91 -1.71 -10.31
CA ILE A 413 47.27 -0.62 -9.59
C ILE A 413 45.75 -0.75 -9.65
N MET A 414 45.20 -0.93 -10.86
CA MET A 414 43.76 -1.03 -11.03
C MET A 414 43.17 -2.28 -10.39
N PHE A 415 43.91 -3.38 -10.44
CA PHE A 415 43.37 -4.67 -10.03
C PHE A 415 44.08 -5.27 -8.81
N ALA A 416 44.69 -4.41 -7.99
CA ALA A 416 45.43 -4.85 -6.80
C ALA A 416 44.71 -5.85 -5.88
N PRO A 417 43.40 -5.67 -5.66
CA PRO A 417 42.73 -6.62 -4.75
C PRO A 417 42.50 -8.02 -5.35
N THR A 418 42.72 -8.19 -6.64
CA THR A 418 42.41 -9.46 -7.30
C THR A 418 43.38 -10.59 -6.93
N LEU A 419 42.88 -11.82 -6.98
CA LEU A 419 43.69 -13.01 -6.73
C LEU A 419 44.90 -13.04 -7.66
N TRP A 420 44.65 -12.79 -8.95
CA TRP A 420 45.70 -12.90 -9.95
C TRP A 420 46.71 -11.73 -9.95
N ALA A 421 46.27 -10.51 -9.69
CA ALA A 421 47.23 -9.41 -9.65
C ALA A 421 48.16 -9.63 -8.46
N ARG A 422 47.58 -10.06 -7.34
CA ARG A 422 48.35 -10.25 -6.11
C ARG A 422 49.34 -11.41 -6.17
N MET A 423 48.89 -12.57 -6.60
CA MET A 423 49.72 -13.76 -6.55
C MET A 423 50.65 -13.90 -7.76
N ILE A 424 50.20 -13.43 -8.91
CA ILE A 424 50.98 -13.61 -10.13
C ILE A 424 51.71 -12.34 -10.56
N LEU A 425 50.96 -11.27 -10.83
CA LEU A 425 51.61 -10.07 -11.36
C LEU A 425 52.59 -9.45 -10.37
N MET A 426 52.19 -9.29 -9.11
CA MET A 426 53.09 -8.68 -8.13
C MET A 426 54.35 -9.54 -7.94
N THR A 427 54.14 -10.84 -7.74
CA THR A 427 55.25 -11.76 -7.59
C THR A 427 56.20 -11.72 -8.78
N HIS A 428 55.64 -11.80 -9.98
CA HIS A 428 56.47 -11.85 -11.18
C HIS A 428 57.29 -10.58 -11.33
N PHE A 429 56.65 -9.42 -11.21
CA PHE A 429 57.36 -8.20 -11.53
C PHE A 429 58.35 -7.76 -10.48
N PHE A 430 58.04 -7.98 -9.20
CA PHE A 430 59.10 -7.77 -8.22
C PHE A 430 60.28 -8.73 -8.45
N SER A 431 60.02 -9.96 -8.86
CA SER A 431 61.14 -10.87 -9.13
C SER A 431 61.98 -10.39 -10.33
N VAL A 432 61.30 -9.88 -11.35
CA VAL A 432 61.97 -9.38 -12.56
C VAL A 432 62.79 -8.12 -12.24
N LEU A 433 62.19 -7.18 -11.53
CA LEU A 433 62.87 -5.94 -11.17
C LEU A 433 64.12 -6.24 -10.33
N ILE A 434 63.99 -7.15 -9.38
CA ILE A 434 65.14 -7.57 -8.58
C ILE A 434 66.21 -8.20 -9.48
N ALA A 435 65.81 -9.12 -10.34
CA ALA A 435 66.77 -9.78 -11.23
C ALA A 435 67.56 -8.78 -12.08
N ARG A 436 66.88 -7.72 -12.52
CA ARG A 436 67.48 -6.76 -13.45
C ARG A 436 68.04 -5.52 -12.76
N ASP A 437 68.08 -5.54 -11.44
CA ASP A 437 68.60 -4.40 -10.67
C ASP A 437 67.81 -3.13 -10.97
N GLN A 438 66.51 -3.26 -11.23
CA GLN A 438 65.68 -2.12 -11.66
C GLN A 438 64.64 -1.69 -10.64
N LEU A 439 64.78 -2.13 -9.38
CA LEU A 439 63.71 -1.90 -8.41
C LEU A 439 63.45 -0.41 -8.15
N GLU A 440 64.49 0.40 -8.20
CA GLU A 440 64.37 1.81 -7.86
C GLU A 440 63.98 2.75 -9.02
N GLN A 441 63.78 2.20 -10.21
CA GLN A 441 63.56 3.03 -11.40
C GLN A 441 62.08 3.26 -11.70
N ALA A 442 61.71 4.52 -11.98
CA ALA A 442 60.33 4.84 -12.33
C ALA A 442 60.00 4.32 -13.71
N LEU A 443 58.74 3.89 -13.89
CA LEU A 443 58.25 3.38 -15.15
C LEU A 443 57.05 4.19 -15.63
N ASN A 444 56.91 4.33 -16.93
CA ASN A 444 55.71 4.94 -17.50
C ASN A 444 54.60 3.92 -17.65
N CYS A 445 53.41 4.28 -17.20
CA CYS A 445 52.24 3.45 -17.42
C CYS A 445 51.02 4.34 -17.70
N GLU A 446 49.91 3.73 -18.08
CA GLU A 446 48.72 4.49 -18.43
C GLU A 446 47.57 4.18 -17.48
N ILE A 447 46.92 5.24 -17.02
CA ILE A 447 45.66 5.15 -16.28
C ILE A 447 44.61 5.96 -17.04
N TYR A 448 43.54 5.30 -17.49
CA TYR A 448 42.49 5.95 -18.29
C TYR A 448 43.05 6.71 -19.50
N GLY A 449 44.09 6.16 -20.13
CA GLY A 449 44.63 6.74 -21.33
C GLY A 449 45.73 7.77 -21.11
N ALA A 450 45.84 8.30 -19.91
CA ALA A 450 46.91 9.27 -19.59
C ALA A 450 48.13 8.55 -19.06
N CYS A 451 49.31 9.03 -19.45
CA CYS A 451 50.57 8.42 -19.05
C CYS A 451 51.10 9.03 -17.75
N TYR A 452 51.58 8.17 -16.86
CA TYR A 452 52.14 8.58 -15.57
C TYR A 452 53.49 7.93 -15.34
N SER A 453 54.35 8.62 -14.59
CA SER A 453 55.62 8.05 -14.16
C SER A 453 55.44 7.57 -12.74
N ILE A 454 55.61 6.28 -12.52
CA ILE A 454 55.32 5.69 -11.21
C ILE A 454 56.48 4.81 -10.77
N GLU A 455 56.86 4.92 -9.51
CA GLU A 455 57.91 4.07 -8.95
C GLU A 455 57.27 2.83 -8.34
N PRO A 456 57.67 1.64 -8.79
CA PRO A 456 57.11 0.42 -8.22
C PRO A 456 57.22 0.37 -6.69
N LEU A 457 58.23 0.99 -6.11
CA LEU A 457 58.39 0.95 -4.65
C LEU A 457 57.30 1.72 -3.91
N ASP A 458 56.51 2.50 -4.66
CA ASP A 458 55.41 3.25 -4.07
C ASP A 458 54.09 2.49 -4.14
N LEU A 459 54.12 1.27 -4.65
CA LEU A 459 52.87 0.52 -4.80
C LEU A 459 52.08 0.31 -3.49
N PRO A 460 52.77 0.00 -2.38
CA PRO A 460 51.94 -0.24 -1.19
C PRO A 460 51.11 0.99 -0.76
N PRO A 461 51.72 2.17 -0.62
CA PRO A 461 50.89 3.33 -0.26
C PRO A 461 49.86 3.69 -1.34
N ILE A 462 50.22 3.54 -2.62
CA ILE A 462 49.27 3.79 -3.70
C ILE A 462 48.06 2.87 -3.57
N ILE A 463 48.33 1.60 -3.31
CA ILE A 463 47.26 0.60 -3.18
C ILE A 463 46.41 0.88 -1.95
N GLN A 464 47.05 1.24 -0.84
CA GLN A 464 46.28 1.62 0.35
C GLN A 464 45.33 2.77 0.04
N ARG A 465 45.84 3.82 -0.59
CA ARG A 465 45.05 5.00 -0.92
C ARG A 465 43.83 4.66 -1.78
N LEU A 466 44.05 3.83 -2.80
CA LEU A 466 43.03 3.54 -3.80
C LEU A 466 42.04 2.47 -3.37
N HIS A 467 42.54 1.45 -2.68
CA HIS A 467 41.74 0.26 -2.40
C HIS A 467 41.54 0.05 -0.90
N GLY A 468 42.34 0.71 -0.08
CA GLY A 468 42.29 0.52 1.36
C GLY A 468 43.13 -0.66 1.83
N LEU A 469 43.29 -0.77 3.14
CA LEU A 469 44.16 -1.79 3.73
C LEU A 469 43.68 -3.21 3.42
N SER A 470 42.38 -3.37 3.17
CA SER A 470 41.82 -4.70 2.97
C SER A 470 42.36 -5.35 1.70
N ALA A 471 42.87 -4.54 0.79
CA ALA A 471 43.44 -5.06 -0.46
C ALA A 471 44.62 -5.99 -0.23
N PHE A 472 45.26 -5.88 0.93
CA PHE A 472 46.39 -6.74 1.27
C PHE A 472 45.96 -7.99 2.03
N SER A 473 44.66 -8.17 2.25
CA SER A 473 44.22 -9.27 3.11
C SER A 473 42.95 -10.00 2.68
N LEU A 474 42.45 -9.71 1.49
CA LEU A 474 41.27 -10.41 0.98
C LEU A 474 41.51 -11.89 0.81
N HIS A 475 40.48 -12.69 1.09
CA HIS A 475 40.54 -14.13 0.87
C HIS A 475 39.16 -14.64 0.53
N SER A 476 39.05 -15.95 0.33
CA SER A 476 37.79 -16.60 0.01
C SER A 476 37.08 -15.95 -1.17
N TYR A 477 37.74 -16.00 -2.34
CA TYR A 477 37.20 -15.43 -3.56
C TYR A 477 36.05 -16.29 -4.09
N SER A 478 35.31 -15.78 -5.07
CA SER A 478 34.14 -16.47 -5.60
C SER A 478 34.51 -17.70 -6.45
N PRO A 479 33.61 -18.69 -6.47
CA PRO A 479 33.89 -19.88 -7.29
C PRO A 479 34.10 -19.51 -8.76
N GLY A 480 33.32 -18.56 -9.26
CA GLY A 480 33.44 -18.12 -10.65
C GLY A 480 34.80 -17.50 -10.94
N GLU A 481 35.29 -16.69 -10.02
CA GLU A 481 36.55 -15.98 -10.21
C GLU A 481 37.72 -16.98 -10.13
N ILE A 482 37.67 -17.83 -9.11
CA ILE A 482 38.68 -18.88 -8.92
C ILE A 482 38.77 -19.79 -10.15
N ASN A 483 37.62 -20.19 -10.69
CA ASN A 483 37.58 -21.01 -11.91
C ASN A 483 38.10 -20.25 -13.13
N ARG A 484 37.77 -18.98 -13.24
CA ARG A 484 38.21 -18.21 -14.40
C ARG A 484 39.72 -18.06 -14.40
N VAL A 485 40.28 -17.77 -13.24
CA VAL A 485 41.74 -17.68 -13.11
C VAL A 485 42.39 -19.03 -13.46
N ALA A 486 41.85 -20.11 -12.90
CA ALA A 486 42.43 -21.43 -13.12
C ALA A 486 42.44 -21.81 -14.61
N ALA A 487 41.35 -21.53 -15.31
CA ALA A 487 41.25 -21.85 -16.74
C ALA A 487 42.27 -21.05 -17.55
N CYS A 488 42.47 -19.81 -17.13
CA CYS A 488 43.44 -18.94 -17.77
C CYS A 488 44.85 -19.49 -17.61
N LEU A 489 45.20 -19.92 -16.40
CA LEU A 489 46.56 -20.45 -16.17
C LEU A 489 46.80 -21.71 -17.02
N ARG A 490 45.77 -22.54 -17.15
CA ARG A 490 45.93 -23.75 -17.94
C ARG A 490 46.10 -23.42 -19.41
N LYS A 491 45.29 -22.49 -19.91
CA LYS A 491 45.36 -22.08 -21.32
C LYS A 491 46.72 -21.52 -21.68
N LEU A 492 47.24 -20.65 -20.83
CA LEU A 492 48.46 -19.90 -21.13
C LEU A 492 49.76 -20.60 -20.74
N GLY A 493 49.68 -21.65 -19.93
CA GLY A 493 50.90 -22.30 -19.48
C GLY A 493 51.60 -21.49 -18.40
N VAL A 494 50.81 -20.98 -17.47
CA VAL A 494 51.27 -20.20 -16.32
C VAL A 494 51.37 -21.14 -15.14
N PRO A 495 52.47 -21.06 -14.38
CA PRO A 495 52.57 -21.97 -13.23
C PRO A 495 51.40 -21.82 -12.27
N PRO A 496 51.06 -22.90 -11.54
CA PRO A 496 49.92 -22.84 -10.62
C PRO A 496 50.14 -21.90 -9.44
N LEU A 497 49.05 -21.45 -8.84
CA LEU A 497 49.13 -20.47 -7.76
C LEU A 497 50.01 -20.89 -6.59
N ARG A 498 50.06 -22.19 -6.28
CA ARG A 498 50.92 -22.65 -5.18
C ARG A 498 52.41 -22.48 -5.49
N ALA A 499 52.76 -22.59 -6.78
CA ALA A 499 54.13 -22.29 -7.21
C ALA A 499 54.44 -20.80 -7.02
N TRP A 500 53.51 -19.94 -7.42
CA TRP A 500 53.69 -18.51 -7.22
C TRP A 500 53.84 -18.18 -5.74
N ARG A 501 53.11 -18.89 -4.89
CA ARG A 501 53.26 -18.69 -3.44
C ARG A 501 54.71 -18.93 -2.97
N HIS A 502 55.30 -20.02 -3.43
CA HIS A 502 56.71 -20.30 -3.10
C HIS A 502 57.63 -19.22 -3.62
N ARG A 503 57.40 -18.79 -4.85
CA ARG A 503 58.22 -17.73 -5.44
C ARG A 503 58.04 -16.43 -4.68
N ALA A 504 56.80 -16.16 -4.29
CA ALA A 504 56.52 -14.94 -3.53
C ALA A 504 57.23 -14.94 -2.18
N ARG A 505 57.30 -16.09 -1.51
CA ARG A 505 58.03 -16.15 -0.24
C ARG A 505 59.49 -15.72 -0.40
N SER A 506 60.13 -16.15 -1.49
CA SER A 506 61.52 -15.79 -1.77
C SER A 506 61.67 -14.31 -2.09
N VAL A 507 60.78 -13.81 -2.95
CA VAL A 507 60.78 -12.40 -3.31
C VAL A 507 60.56 -11.55 -2.08
N ARG A 508 59.61 -11.98 -1.25
CA ARG A 508 59.30 -11.24 -0.02
C ARG A 508 60.53 -11.13 0.87
N ALA A 509 61.26 -12.24 1.00
CA ALA A 509 62.47 -12.25 1.85
C ALA A 509 63.53 -11.27 1.35
N ARG A 510 63.76 -11.27 0.03
CA ARG A 510 64.71 -10.36 -0.59
C ARG A 510 64.30 -8.90 -0.42
N LEU A 511 63.00 -8.62 -0.49
CA LEU A 511 62.51 -7.25 -0.30
C LEU A 511 62.69 -6.78 1.14
N LEU A 512 62.33 -7.63 2.08
CA LEU A 512 62.52 -7.31 3.51
C LEU A 512 63.98 -6.99 3.82
N SER A 513 64.91 -7.72 3.20
CA SER A 513 66.33 -7.55 3.50
C SER A 513 66.85 -6.19 3.01
N ARG A 514 66.17 -5.59 2.03
CA ARG A 514 66.63 -4.30 1.50
C ARG A 514 66.25 -3.12 2.37
N GLY A 515 65.29 -3.31 3.28
CA GLY A 515 64.82 -2.22 4.13
C GLY A 515 64.03 -1.15 3.37
N GLY A 516 63.75 -0.04 4.06
CA GLY A 516 63.09 1.10 3.44
C GLY A 516 61.75 0.77 2.79
N ARG A 517 61.47 1.43 1.67
CA ARG A 517 60.23 1.17 0.93
C ARG A 517 60.18 -0.27 0.43
N ALA A 518 61.33 -0.84 0.09
CA ALA A 518 61.34 -2.22 -0.39
C ALA A 518 60.80 -3.17 0.69
N ALA A 519 61.21 -2.96 1.93
CA ALA A 519 60.70 -3.76 3.04
C ALA A 519 59.19 -3.60 3.22
N ILE A 520 58.66 -2.41 2.95
CA ILE A 520 57.22 -2.21 2.99
C ILE A 520 56.52 -3.01 1.87
N CYS A 521 57.11 -3.04 0.67
CA CYS A 521 56.57 -3.91 -0.39
C CYS A 521 56.55 -5.36 0.06
N GLY A 522 57.64 -5.82 0.68
CA GLY A 522 57.69 -7.21 1.08
C GLY A 522 56.62 -7.49 2.11
N LYS A 523 56.51 -6.59 3.08
CA LYS A 523 55.58 -6.75 4.19
C LYS A 523 54.12 -6.74 3.76
N TYR A 524 53.72 -5.71 3.01
CA TYR A 524 52.32 -5.53 2.65
C TYR A 524 51.87 -6.33 1.43
N LEU A 525 52.66 -6.32 0.37
CA LEU A 525 52.20 -6.92 -0.86
C LEU A 525 52.19 -8.44 -0.78
N PHE A 526 53.01 -8.99 0.10
CA PHE A 526 53.24 -10.43 0.13
C PHE A 526 52.87 -11.12 1.46
N ASN A 527 52.14 -10.42 2.31
CA ASN A 527 51.64 -11.01 3.56
C ASN A 527 50.79 -12.26 3.30
N TRP A 528 50.10 -12.28 2.16
CA TRP A 528 49.33 -13.45 1.75
C TRP A 528 50.16 -14.74 1.64
N ALA A 529 51.46 -14.60 1.40
CA ALA A 529 52.27 -15.78 1.08
C ALA A 529 52.91 -16.45 2.29
N VAL A 530 52.78 -15.82 3.46
CA VAL A 530 53.34 -16.41 4.68
C VAL A 530 52.22 -16.90 5.60
N ARG A 531 52.51 -17.95 6.36
CA ARG A 531 51.55 -18.51 7.32
C ARG A 531 51.56 -17.68 8.59
N THR A 532 52.73 -17.17 8.96
CA THR A 532 52.85 -16.26 10.10
C THR A 532 52.71 -14.82 9.63
N LYS A 533 51.50 -14.29 9.70
CA LYS A 533 51.18 -12.97 9.15
C LYS A 533 51.74 -11.82 9.99
N LEU A 534 52.16 -10.76 9.31
CA LEU A 534 52.51 -9.52 9.98
C LEU A 534 51.26 -8.66 10.08
N LYS A 535 51.21 -7.79 11.08
CA LYS A 535 50.08 -6.89 11.24
C LYS A 535 50.24 -5.70 10.31
N LEU A 536 49.27 -5.53 9.41
CA LEU A 536 49.35 -4.44 8.45
C LEU A 536 48.60 -3.22 8.95
N THR A 537 49.33 -2.13 9.16
CA THR A 537 48.77 -0.90 9.67
C THR A 537 48.93 0.19 8.61
N PRO A 538 48.20 1.31 8.77
CA PRO A 538 48.27 2.35 7.74
C PRO A 538 49.70 2.79 7.48
N ILE A 539 50.07 2.84 6.21
CA ILE A 539 51.42 3.26 5.83
C ILE A 539 51.56 4.77 5.96
N ALA A 540 52.56 5.20 6.72
CA ALA A 540 52.77 6.62 6.94
C ALA A 540 52.80 7.40 5.62
N ALA A 541 53.48 6.84 4.62
CA ALA A 541 53.68 7.53 3.35
C ALA A 541 52.39 7.76 2.54
N ALA A 542 51.36 6.95 2.80
CA ALA A 542 50.13 7.00 2.00
C ALA A 542 49.47 8.38 1.99
N GLY A 543 49.51 9.07 3.12
CA GLY A 543 48.84 10.36 3.25
C GLY A 543 49.41 11.46 2.35
N ARG A 544 50.71 11.40 2.07
CA ARG A 544 51.37 12.44 1.30
C ARG A 544 51.26 12.29 -0.22
N LEU A 545 50.95 11.08 -0.68
CA LEU A 545 50.79 10.85 -2.12
C LEU A 545 49.71 11.76 -2.68
N ASP A 546 49.97 12.40 -3.81
CA ASP A 546 48.99 13.29 -4.41
C ASP A 546 47.75 12.55 -4.91
N LEU A 547 47.96 11.70 -5.92
CA LEU A 547 46.88 10.95 -6.56
C LEU A 547 45.78 11.87 -7.09
N SER A 548 46.05 13.17 -7.08
CA SER A 548 45.10 14.14 -7.61
C SER A 548 45.06 13.99 -9.12
N GLY A 549 43.86 13.73 -9.65
CA GLY A 549 43.67 13.68 -11.09
C GLY A 549 43.89 12.31 -11.68
N TRP A 550 44.22 11.31 -10.86
CA TRP A 550 44.44 9.98 -11.40
C TRP A 550 43.17 9.42 -12.06
N PHE A 551 42.05 9.60 -11.40
CA PHE A 551 40.81 9.00 -11.90
C PHE A 551 39.76 10.09 -12.04
N THR A 552 39.99 11.01 -12.98
CA THR A 552 39.11 12.16 -13.15
C THR A 552 38.54 12.26 -14.58
N ALA A 553 39.33 11.90 -15.57
CA ALA A 553 38.86 11.98 -16.96
C ALA A 553 39.55 10.95 -17.86
N GLY A 554 38.92 10.68 -19.00
CA GLY A 554 39.51 9.76 -19.96
C GLY A 554 40.26 10.51 -21.04
N TYR A 555 41.43 9.99 -21.42
CA TYR A 555 42.25 10.62 -22.43
C TYR A 555 42.81 9.63 -23.46
N SER A 556 42.19 8.46 -23.59
CA SER A 556 42.71 7.46 -24.52
C SER A 556 42.83 8.05 -25.93
N GLY A 557 44.02 7.91 -26.51
CA GLY A 557 44.32 8.47 -27.81
C GLY A 557 44.68 9.95 -27.80
N GLY A 558 44.59 10.57 -26.62
CA GLY A 558 44.77 12.01 -26.51
C GLY A 558 46.19 12.52 -26.35
N ASP A 559 47.16 11.59 -26.25
CA ASP A 559 48.57 11.97 -26.17
C ASP A 559 48.83 12.82 -24.91
N ILE A 560 48.41 12.31 -23.75
CA ILE A 560 48.46 13.08 -22.50
C ILE A 560 49.44 12.50 -21.46
N TYR A 561 50.27 13.37 -20.87
CA TYR A 561 51.25 12.97 -19.87
C TYR A 561 50.98 13.77 -18.59
N HIS A 562 50.84 13.08 -17.46
CA HIS A 562 50.42 13.76 -16.23
C HIS A 562 51.46 13.78 -15.12
N SER B 1 -50.88 -18.83 -8.97
CA SER B 1 -49.69 -18.39 -8.25
C SER B 1 -48.93 -19.57 -7.67
N MET B 2 -47.93 -20.04 -8.40
CA MET B 2 -47.12 -21.17 -7.95
C MET B 2 -46.11 -20.74 -6.88
N SER B 3 -45.96 -21.58 -5.86
CA SER B 3 -45.01 -21.33 -4.78
C SER B 3 -43.57 -21.20 -5.30
N TYR B 4 -43.22 -22.05 -6.27
CA TYR B 4 -41.91 -22.00 -6.93
C TYR B 4 -42.05 -22.32 -8.41
N SER B 5 -41.15 -21.76 -9.21
CA SER B 5 -40.91 -22.24 -10.58
C SER B 5 -39.46 -22.76 -10.63
N TRP B 6 -39.22 -23.79 -11.42
CA TRP B 6 -37.90 -24.41 -11.43
C TRP B 6 -37.29 -24.45 -12.83
N THR B 7 -35.96 -24.35 -12.90
CA THR B 7 -35.25 -24.40 -14.18
C THR B 7 -34.83 -25.81 -14.54
N GLY B 8 -34.66 -26.66 -13.54
CA GLY B 8 -34.14 -28.00 -13.77
C GLY B 8 -32.77 -28.21 -13.14
N ALA B 9 -32.08 -27.11 -12.81
CA ALA B 9 -30.83 -27.21 -12.07
C ALA B 9 -31.10 -27.88 -10.72
N LEU B 10 -30.15 -28.69 -10.24
CA LEU B 10 -30.35 -29.43 -9.00
C LEU B 10 -29.99 -28.61 -7.77
N VAL B 11 -30.58 -28.95 -6.63
CA VAL B 11 -30.08 -28.45 -5.35
C VAL B 11 -28.82 -29.24 -5.01
N THR B 12 -27.69 -28.56 -4.97
CA THR B 12 -26.39 -29.19 -4.83
C THR B 12 -25.80 -29.04 -3.42
N PRO B 13 -24.93 -29.99 -3.01
CA PRO B 13 -24.26 -29.88 -1.72
C PRO B 13 -23.12 -28.88 -1.78
N CYS B 14 -22.71 -28.33 -0.65
CA CYS B 14 -21.50 -27.52 -0.60
C CYS B 14 -20.33 -28.38 -0.10
N ALA B 15 -20.52 -28.97 1.08
CA ALA B 15 -19.53 -29.90 1.62
C ALA B 15 -20.06 -31.31 1.45
N ALA B 16 -19.19 -32.31 1.65
CA ALA B 16 -19.62 -33.69 1.61
C ALA B 16 -20.75 -33.89 2.61
N GLU B 17 -21.61 -34.85 2.34
CA GLU B 17 -22.77 -35.10 3.18
C GLU B 17 -22.80 -36.57 3.58
N GLU B 18 -22.83 -36.84 4.88
CA GLU B 18 -22.92 -38.20 5.38
C GLU B 18 -24.39 -38.57 5.55
N GLN B 19 -24.79 -39.70 5.00
CA GLN B 19 -26.16 -40.16 5.16
C GLN B 19 -26.30 -40.95 6.45
N LYS B 20 -25.23 -41.65 6.82
CA LYS B 20 -25.27 -42.59 7.94
C LYS B 20 -24.28 -42.25 9.05
N LEU B 21 -24.43 -42.91 10.20
CA LEU B 21 -23.45 -42.83 11.26
C LEU B 21 -22.14 -43.43 10.75
N PRO B 22 -20.99 -42.94 11.26
CA PRO B 22 -19.75 -43.59 10.87
C PRO B 22 -19.56 -44.85 11.71
N ILE B 23 -18.32 -45.19 12.04
CA ILE B 23 -18.05 -46.30 12.93
C ILE B 23 -17.52 -45.78 14.26
N ASN B 24 -18.43 -45.37 15.14
CA ASN B 24 -18.04 -44.77 16.41
C ASN B 24 -18.29 -45.64 17.64
N ALA B 25 -17.50 -45.39 18.69
CA ALA B 25 -17.53 -46.17 19.90
C ALA B 25 -18.66 -45.77 20.85
N LEU B 26 -18.56 -44.57 21.40
CA LEU B 26 -19.48 -44.09 22.43
C LEU B 26 -20.91 -43.94 21.91
N SER B 27 -21.08 -44.03 20.59
CA SER B 27 -22.41 -43.90 19.99
C SER B 27 -23.20 -45.20 20.12
N ASN B 28 -22.51 -46.33 19.94
CA ASN B 28 -23.13 -47.64 20.09
C ASN B 28 -23.63 -47.85 21.52
N SER B 29 -22.96 -47.25 22.50
CA SER B 29 -23.36 -47.39 23.89
C SER B 29 -24.63 -46.60 24.20
N LEU B 30 -25.01 -45.70 23.29
CA LEU B 30 -26.29 -45.02 23.41
C LEU B 30 -27.39 -45.87 22.78
N LEU B 31 -27.26 -46.20 21.50
CA LEU B 31 -28.24 -47.04 20.82
C LEU B 31 -27.56 -48.02 19.87
N ARG B 32 -28.11 -49.22 19.78
CA ARG B 32 -27.48 -50.30 19.02
C ARG B 32 -27.97 -50.42 17.58
N HIS B 33 -29.13 -49.86 17.28
CA HIS B 33 -29.70 -49.96 15.93
C HIS B 33 -29.28 -48.77 15.07
N HIS B 34 -27.97 -48.67 14.84
CA HIS B 34 -27.39 -47.58 14.06
C HIS B 34 -27.98 -47.43 12.67
N ASN B 35 -28.38 -48.53 12.07
CA ASN B 35 -28.90 -48.50 10.69
C ASN B 35 -30.22 -47.74 10.56
N LEU B 36 -30.87 -47.47 11.69
CA LEU B 36 -32.16 -46.77 11.68
C LEU B 36 -31.99 -45.26 11.70
N VAL B 37 -30.80 -44.81 12.12
CA VAL B 37 -30.50 -43.39 12.18
C VAL B 37 -29.98 -42.90 10.83
N TYR B 38 -30.55 -41.82 10.32
CA TYR B 38 -30.09 -41.26 9.05
C TYR B 38 -30.11 -39.74 9.06
N SER B 39 -29.29 -39.14 8.20
CA SER B 39 -29.36 -37.71 7.97
C SER B 39 -29.92 -37.44 6.58
N THR B 40 -30.82 -36.47 6.48
CA THR B 40 -31.27 -35.99 5.18
C THR B 40 -30.09 -35.33 4.45
N THR B 41 -30.10 -35.41 3.12
CA THR B 41 -29.05 -34.80 2.30
C THR B 41 -29.65 -34.30 1.00
N SER B 42 -28.84 -33.60 0.20
CA SER B 42 -29.31 -33.09 -1.08
C SER B 42 -29.79 -34.20 -2.02
N ARG B 43 -29.42 -35.45 -1.72
CA ARG B 43 -29.84 -36.58 -2.53
C ARG B 43 -31.35 -36.64 -2.74
N SER B 44 -32.11 -36.15 -1.75
CA SER B 44 -33.57 -36.23 -1.79
C SER B 44 -34.24 -34.89 -2.07
N ALA B 45 -33.47 -33.91 -2.51
CA ALA B 45 -34.03 -32.57 -2.71
C ALA B 45 -35.18 -32.55 -3.71
N CYS B 46 -35.08 -33.35 -4.78
CA CYS B 46 -36.11 -33.39 -5.83
C CYS B 46 -37.47 -33.83 -5.28
N GLN B 47 -37.45 -34.76 -4.34
CA GLN B 47 -38.69 -35.23 -3.72
C GLN B 47 -39.34 -34.07 -2.95
N ARG B 48 -38.52 -33.30 -2.23
CA ARG B 48 -39.03 -32.15 -1.49
CA ARG B 48 -39.04 -32.16 -1.49
C ARG B 48 -39.52 -31.07 -2.43
N GLN B 49 -38.74 -30.78 -3.48
CA GLN B 49 -39.14 -29.76 -4.44
C GLN B 49 -40.53 -30.03 -4.98
N LYS B 50 -40.79 -31.28 -5.35
CA LYS B 50 -42.10 -31.66 -5.86
C LYS B 50 -43.21 -31.35 -4.84
N LYS B 51 -43.01 -31.76 -3.59
CA LYS B 51 -44.04 -31.55 -2.57
C LYS B 51 -44.34 -30.07 -2.28
N VAL B 52 -43.31 -29.22 -2.27
CA VAL B 52 -43.51 -27.82 -1.88
C VAL B 52 -43.93 -26.93 -3.03
N THR B 53 -44.06 -27.52 -4.21
CA THR B 53 -44.42 -26.73 -5.39
C THR B 53 -45.89 -26.92 -5.72
N PHE B 54 -46.68 -25.87 -5.54
CA PHE B 54 -48.10 -25.92 -5.86
C PHE B 54 -48.72 -24.53 -6.01
N ASP B 55 -49.91 -24.51 -6.60
CA ASP B 55 -50.67 -23.28 -6.78
C ASP B 55 -51.35 -22.91 -5.48
N ARG B 56 -51.38 -21.62 -5.16
CA ARG B 56 -52.07 -21.14 -3.96
C ARG B 56 -53.28 -20.30 -4.36
N LEU B 57 -54.44 -20.76 -3.93
CA LEU B 57 -55.67 -20.01 -4.10
C LEU B 57 -56.04 -19.44 -2.74
N GLN B 58 -56.40 -18.17 -2.71
CA GLN B 58 -56.67 -17.50 -1.46
C GLN B 58 -57.94 -16.69 -1.58
N VAL B 59 -58.88 -16.93 -0.69
CA VAL B 59 -60.08 -16.11 -0.62
C VAL B 59 -60.22 -15.61 0.80
N LEU B 60 -60.11 -14.29 0.95
CA LEU B 60 -60.16 -13.67 2.27
C LEU B 60 -61.55 -13.07 2.51
N ASP B 61 -62.12 -13.35 3.66
CA ASP B 61 -63.48 -12.95 3.98
C ASP B 61 -63.47 -11.87 5.07
N SER B 62 -64.65 -11.55 5.60
CA SER B 62 -64.75 -10.50 6.59
C SER B 62 -64.09 -10.89 7.91
N HIS B 63 -64.13 -12.18 8.24
CA HIS B 63 -63.50 -12.63 9.48
C HIS B 63 -62.01 -12.39 9.40
N TYR B 64 -61.42 -12.75 8.27
CA TYR B 64 -60.00 -12.51 8.07
C TYR B 64 -59.68 -11.02 8.25
N HIS B 65 -60.46 -10.16 7.60
CA HIS B 65 -60.17 -8.74 7.63
C HIS B 65 -60.41 -8.13 9.01
N ASP B 66 -61.41 -8.63 9.74
CA ASP B 66 -61.65 -8.18 11.10
C ASP B 66 -60.43 -8.45 11.98
N VAL B 67 -59.91 -9.68 11.93
CA VAL B 67 -58.74 -10.03 12.73
C VAL B 67 -57.52 -9.22 12.31
N LEU B 68 -57.32 -9.06 11.00
CA LEU B 68 -56.19 -8.26 10.52
C LEU B 68 -56.25 -6.82 11.07
N LYS B 69 -57.44 -6.25 11.14
CA LYS B 69 -57.58 -4.91 11.72
C LYS B 69 -57.19 -4.89 13.20
N GLU B 70 -57.57 -5.92 13.94
CA GLU B 70 -57.16 -6.06 15.35
C GLU B 70 -55.64 -6.00 15.46
N VAL B 71 -54.98 -6.79 14.62
CA VAL B 71 -53.53 -6.93 14.66
C VAL B 71 -52.82 -5.63 14.33
N LYS B 72 -53.31 -4.92 13.30
CA LYS B 72 -52.72 -3.65 12.91
C LYS B 72 -52.91 -2.57 13.98
N ALA B 73 -54.05 -2.60 14.66
CA ALA B 73 -54.30 -1.68 15.76
C ALA B 73 -53.36 -1.97 16.95
N ALA B 74 -53.15 -3.25 17.24
CA ALA B 74 -52.25 -3.63 18.32
C ALA B 74 -50.80 -3.32 18.00
N ALA B 75 -50.43 -3.41 16.72
CA ALA B 75 -49.06 -3.16 16.29
C ALA B 75 -48.61 -1.72 16.58
N SER B 76 -49.55 -0.78 16.61
CA SER B 76 -49.19 0.62 16.88
C SER B 76 -48.58 0.82 18.26
N LYS B 77 -48.74 -0.16 19.15
CA LYS B 77 -48.20 -0.05 20.50
C LYS B 77 -46.71 -0.39 20.54
N VAL B 78 -46.19 -0.90 19.43
CA VAL B 78 -44.78 -1.28 19.37
C VAL B 78 -43.90 -0.11 18.95
N LYS B 79 -42.84 0.12 19.72
CA LYS B 79 -41.79 1.04 19.31
C LYS B 79 -40.50 0.25 19.16
N ALA B 80 -39.99 0.20 17.94
CA ALA B 80 -38.81 -0.60 17.64
C ALA B 80 -37.65 0.28 17.19
N ASN B 81 -36.44 -0.06 17.61
CA ASN B 81 -35.27 0.73 17.21
C ASN B 81 -34.42 0.01 16.18
N LEU B 82 -33.68 0.79 15.40
CA LEU B 82 -32.66 0.24 14.52
C LEU B 82 -31.50 -0.25 15.38
N LEU B 83 -30.87 -1.34 14.94
CA LEU B 83 -29.60 -1.77 15.55
C LEU B 83 -28.44 -1.13 14.80
N SER B 84 -27.37 -0.81 15.53
CA SER B 84 -26.14 -0.37 14.88
C SER B 84 -25.51 -1.54 14.14
N VAL B 85 -24.67 -1.25 13.16
CA VAL B 85 -23.94 -2.31 12.47
C VAL B 85 -23.20 -3.18 13.49
N GLU B 86 -22.56 -2.56 14.47
CA GLU B 86 -21.82 -3.28 15.49
C GLU B 86 -22.71 -4.23 16.27
N GLU B 87 -23.89 -3.74 16.66
CA GLU B 87 -24.86 -4.55 17.40
C GLU B 87 -25.33 -5.75 16.59
N ALA B 88 -25.61 -5.51 15.32
CA ALA B 88 -26.10 -6.55 14.42
C ALA B 88 -25.00 -7.58 14.14
N CYS B 89 -23.77 -7.10 14.00
CA CYS B 89 -22.63 -8.00 13.83
C CYS B 89 -22.52 -8.97 14.99
N SER B 90 -22.71 -8.48 16.21
CA SER B 90 -22.55 -9.31 17.40
C SER B 90 -23.66 -10.37 17.52
N LEU B 91 -24.74 -10.19 16.77
CA LEU B 91 -25.82 -11.17 16.76
C LEU B 91 -25.59 -12.34 15.81
N THR B 92 -24.50 -12.29 15.06
CA THR B 92 -24.16 -13.34 14.08
C THR B 92 -23.45 -14.54 14.73
N PRO B 93 -23.99 -15.76 14.55
CA PRO B 93 -23.34 -16.99 15.02
C PRO B 93 -21.96 -17.21 14.37
N PRO B 94 -21.02 -17.84 15.11
CA PRO B 94 -19.68 -18.10 14.56
C PRO B 94 -19.67 -19.10 13.40
N HIS B 95 -20.71 -19.92 13.29
CA HIS B 95 -20.80 -20.90 12.21
C HIS B 95 -21.67 -20.43 11.04
N SER B 96 -22.08 -19.17 11.08
CA SER B 96 -22.90 -18.58 10.02
C SER B 96 -22.18 -18.66 8.67
N ALA B 97 -22.91 -18.95 7.60
CA ALA B 97 -22.29 -19.08 6.27
C ALA B 97 -21.52 -17.83 5.84
N LYS B 98 -20.29 -18.04 5.36
CA LYS B 98 -19.45 -16.93 4.89
C LYS B 98 -20.13 -16.20 3.74
N SER B 99 -19.79 -14.94 3.57
CA SER B 99 -20.31 -14.17 2.46
C SER B 99 -19.62 -14.53 1.14
N LYS B 100 -20.30 -14.28 0.03
CA LYS B 100 -19.71 -14.41 -1.30
C LYS B 100 -18.68 -13.30 -1.55
N PHE B 101 -18.71 -12.26 -0.71
CA PHE B 101 -17.93 -11.05 -0.97
C PHE B 101 -16.68 -10.87 -0.10
N GLY B 102 -16.03 -11.99 0.25
CA GLY B 102 -14.68 -11.92 0.78
C GLY B 102 -14.50 -11.88 2.28
N TYR B 103 -15.53 -12.26 3.03
CA TYR B 103 -15.40 -12.33 4.48
C TYR B 103 -16.33 -13.37 5.08
N GLY B 104 -16.13 -13.68 6.35
CA GLY B 104 -16.92 -14.69 7.02
C GLY B 104 -17.50 -14.26 8.36
N ALA B 105 -18.14 -15.20 9.04
CA ALA B 105 -18.75 -14.94 10.34
C ALA B 105 -17.73 -14.42 11.37
N LYS B 106 -16.53 -14.98 11.35
CA LYS B 106 -15.49 -14.53 12.27
C LYS B 106 -15.14 -13.06 12.03
N ASP B 107 -15.07 -12.67 10.76
CA ASP B 107 -14.80 -11.27 10.39
C ASP B 107 -15.91 -10.33 10.86
N VAL B 108 -17.14 -10.73 10.61
CA VAL B 108 -18.28 -9.95 11.06
C VAL B 108 -18.26 -9.80 12.57
N ARG B 109 -18.03 -10.90 13.28
CA ARG B 109 -18.04 -10.87 14.74
C ARG B 109 -16.88 -10.03 15.31
N CYS B 110 -15.77 -9.95 14.57
CA CYS B 110 -14.64 -9.12 14.98
C CYS B 110 -14.81 -7.67 14.52
N HIS B 111 -15.93 -7.40 13.85
CA HIS B 111 -16.18 -6.09 13.28
C HIS B 111 -15.04 -5.69 12.35
N ALA B 112 -14.57 -6.67 11.58
CA ALA B 112 -13.47 -6.46 10.65
C ALA B 112 -13.86 -5.43 9.60
N ARG B 113 -12.87 -4.68 9.13
CA ARG B 113 -13.11 -3.53 8.26
C ARG B 113 -13.73 -3.89 6.91
N LYS B 114 -13.27 -4.98 6.32
CA LYS B 114 -13.78 -5.38 5.01
C LYS B 114 -15.24 -5.79 5.14
N ALA B 115 -15.54 -6.58 6.17
CA ALA B 115 -16.90 -7.02 6.43
C ALA B 115 -17.83 -5.84 6.66
N VAL B 116 -17.41 -4.95 7.55
CA VAL B 116 -18.23 -3.80 7.91
C VAL B 116 -18.45 -2.87 6.72
N ALA B 117 -17.43 -2.72 5.89
CA ALA B 117 -17.57 -1.94 4.67
C ALA B 117 -18.60 -2.52 3.72
N HIS B 118 -18.58 -3.84 3.54
CA HIS B 118 -19.55 -4.45 2.64
C HIS B 118 -20.96 -4.34 3.21
N ILE B 119 -21.11 -4.60 4.50
CA ILE B 119 -22.42 -4.48 5.14
C ILE B 119 -22.98 -3.07 4.93
N ASN B 120 -22.13 -2.07 5.10
CA ASN B 120 -22.56 -0.69 4.88
C ASN B 120 -23.01 -0.43 3.46
N SER B 121 -22.32 -1.01 2.48
CA SER B 121 -22.70 -0.84 1.08
C SER B 121 -24.06 -1.49 0.81
N VAL B 122 -24.33 -2.63 1.47
CA VAL B 122 -25.59 -3.34 1.29
C VAL B 122 -26.74 -2.50 1.91
N TRP B 123 -26.48 -1.91 3.06
CA TRP B 123 -27.48 -1.08 3.73
C TRP B 123 -27.82 0.12 2.87
N LYS B 124 -26.78 0.80 2.39
CA LYS B 124 -26.95 1.95 1.52
C LYS B 124 -27.76 1.57 0.29
N ASP B 125 -27.53 0.37 -0.23
CA ASP B 125 -28.25 -0.09 -1.41
C ASP B 125 -29.72 -0.36 -1.09
N LEU B 126 -30.00 -0.83 0.12
CA LEU B 126 -31.37 -1.06 0.54
C LEU B 126 -32.13 0.26 0.59
N LEU B 127 -31.44 1.30 1.04
CA LEU B 127 -32.03 2.64 1.13
C LEU B 127 -32.24 3.27 -0.24
N GLU B 128 -31.47 2.84 -1.23
CA GLU B 128 -31.52 3.49 -2.56
C GLU B 128 -32.30 2.71 -3.61
N ASP B 129 -32.47 1.41 -3.39
CA ASP B 129 -33.15 0.56 -4.35
C ASP B 129 -34.20 -0.27 -3.62
N SER B 130 -35.45 -0.12 -4.02
CA SER B 130 -36.53 -0.84 -3.33
C SER B 130 -37.20 -1.86 -4.24
N VAL B 131 -36.55 -2.19 -5.35
CA VAL B 131 -37.21 -3.03 -6.35
C VAL B 131 -36.45 -4.29 -6.79
N THR B 132 -35.15 -4.18 -7.01
CA THR B 132 -34.40 -5.30 -7.60
C THR B 132 -34.29 -6.53 -6.67
N PRO B 133 -34.86 -7.66 -7.11
CA PRO B 133 -34.81 -8.85 -6.26
C PRO B 133 -33.39 -9.19 -5.82
N ILE B 134 -33.25 -9.60 -4.57
CA ILE B 134 -31.95 -9.98 -4.00
C ILE B 134 -31.75 -11.49 -4.16
N ASP B 135 -30.52 -11.89 -4.49
CA ASP B 135 -30.23 -13.30 -4.72
C ASP B 135 -30.36 -14.11 -3.43
N THR B 136 -30.70 -15.39 -3.55
CA THR B 136 -30.72 -16.27 -2.39
C THR B 136 -30.11 -17.61 -2.76
N THR B 137 -29.59 -18.31 -1.77
CA THR B 137 -29.06 -19.64 -1.99
C THR B 137 -30.07 -20.64 -1.49
N ILE B 138 -30.27 -21.70 -2.26
CA ILE B 138 -31.10 -22.81 -1.82
C ILE B 138 -30.20 -24.01 -1.51
N MET B 139 -30.42 -24.60 -0.34
CA MET B 139 -29.62 -25.74 0.11
C MET B 139 -30.53 -26.79 0.71
N ALA B 140 -30.13 -28.06 0.64
CA ALA B 140 -30.87 -29.11 1.34
C ALA B 140 -30.38 -29.21 2.79
N LYS B 141 -31.30 -29.09 3.74
CA LYS B 141 -30.94 -29.22 5.14
C LYS B 141 -30.49 -30.65 5.46
N ASN B 142 -29.41 -30.74 6.23
CA ASN B 142 -28.94 -32.03 6.72
C ASN B 142 -29.40 -32.17 8.18
N GLU B 143 -30.46 -32.96 8.37
CA GLU B 143 -31.03 -33.17 9.70
C GLU B 143 -31.20 -34.67 9.96
N VAL B 144 -31.03 -35.06 11.22
CA VAL B 144 -31.04 -36.48 11.58
C VAL B 144 -32.38 -36.95 12.15
N PHE B 145 -32.82 -38.11 11.67
CA PHE B 145 -34.04 -38.74 12.17
C PHE B 145 -33.84 -40.24 12.31
N CYS B 146 -34.86 -40.91 12.84
CA CYS B 146 -34.94 -42.35 12.85
C CYS B 146 -35.89 -42.76 11.74
N VAL B 147 -35.50 -43.73 10.92
CA VAL B 147 -36.35 -44.18 9.84
C VAL B 147 -37.59 -44.85 10.42
N GLN B 148 -38.73 -44.61 9.77
CA GLN B 148 -39.98 -45.24 10.15
C GLN B 148 -40.57 -45.90 8.91
N PRO B 149 -40.15 -47.15 8.63
CA PRO B 149 -40.52 -47.88 7.40
C PRO B 149 -42.02 -47.88 7.14
N GLU B 150 -42.80 -47.71 8.20
CA GLU B 150 -44.26 -47.67 8.10
C GLU B 150 -44.75 -46.28 7.69
N LYS B 151 -44.12 -45.24 8.22
CA LYS B 151 -44.49 -43.87 7.90
C LYS B 151 -44.04 -43.47 6.50
N GLY B 152 -43.28 -44.34 5.85
CA GLY B 152 -42.85 -44.11 4.49
C GLY B 152 -41.35 -44.19 4.27
N GLY B 153 -40.62 -44.61 5.30
CA GLY B 153 -39.17 -44.73 5.21
C GLY B 153 -38.45 -43.48 5.70
N ARG B 154 -37.60 -42.93 4.84
CA ARG B 154 -36.85 -41.71 5.15
C ARG B 154 -37.57 -40.49 4.63
N LYS B 155 -37.57 -39.41 5.39
CA LYS B 155 -38.16 -38.17 4.89
C LYS B 155 -37.15 -37.44 4.02
N PRO B 156 -37.65 -36.76 2.99
CA PRO B 156 -36.72 -35.96 2.17
C PRO B 156 -36.22 -34.75 2.94
N ALA B 157 -35.08 -34.23 2.51
CA ALA B 157 -34.51 -33.04 3.13
C ALA B 157 -35.45 -31.84 3.01
N ARG B 158 -35.49 -31.02 4.05
CA ARG B 158 -36.14 -29.72 3.94
C ARG B 158 -35.22 -28.79 3.15
N LEU B 159 -35.80 -27.81 2.48
CA LEU B 159 -35.02 -26.87 1.71
C LEU B 159 -34.87 -25.58 2.52
N ILE B 160 -33.67 -25.05 2.57
CA ILE B 160 -33.44 -23.80 3.28
C ILE B 160 -33.06 -22.77 2.24
N VAL B 161 -33.65 -21.57 2.34
CA VAL B 161 -33.41 -20.53 1.36
C VAL B 161 -32.97 -19.29 2.11
N PHE B 162 -31.76 -18.81 1.84
CA PHE B 162 -31.19 -17.70 2.62
C PHE B 162 -30.38 -16.74 1.78
N PRO B 163 -30.37 -15.44 2.16
CA PRO B 163 -29.58 -14.45 1.44
C PRO B 163 -28.14 -14.41 1.95
N ASP B 164 -27.31 -13.58 1.34
CA ASP B 164 -25.88 -13.52 1.68
C ASP B 164 -25.66 -12.94 3.08
N LEU B 165 -24.53 -13.29 3.70
CA LEU B 165 -24.19 -12.81 5.04
C LEU B 165 -24.38 -11.29 5.21
N GLY B 166 -23.94 -10.51 4.22
CA GLY B 166 -24.07 -9.06 4.28
C GLY B 166 -25.51 -8.62 4.48
N VAL B 167 -26.40 -9.17 3.65
CA VAL B 167 -27.84 -8.94 3.79
C VAL B 167 -28.38 -9.41 5.14
N ARG B 168 -27.95 -10.57 5.62
CA ARG B 168 -28.46 -11.07 6.91
C ARG B 168 -28.16 -10.09 8.04
N VAL B 169 -27.00 -9.45 7.99
CA VAL B 169 -26.67 -8.48 9.02
C VAL B 169 -27.58 -7.26 8.91
N CYS B 170 -27.86 -6.84 7.68
CA CYS B 170 -28.81 -5.75 7.45
C CYS B 170 -30.23 -6.06 7.95
N GLU B 171 -30.65 -7.31 7.81
CA GLU B 171 -31.97 -7.69 8.31
C GLU B 171 -32.05 -7.43 9.81
N LYS B 172 -31.00 -7.80 10.53
CA LYS B 172 -30.92 -7.58 11.97
C LYS B 172 -31.04 -6.09 12.30
N MET B 173 -30.28 -5.26 11.57
CA MET B 173 -30.31 -3.82 11.80
C MET B 173 -31.74 -3.28 11.68
N ALA B 174 -32.41 -3.65 10.59
CA ALA B 174 -33.77 -3.16 10.30
C ALA B 174 -34.86 -3.77 11.18
N LEU B 175 -34.72 -5.05 11.52
CA LEU B 175 -35.87 -5.81 12.01
C LEU B 175 -35.69 -6.64 13.28
N TYR B 176 -34.47 -6.72 13.82
CA TYR B 176 -34.30 -7.55 15.00
C TYR B 176 -35.22 -7.09 16.13
N ASP B 177 -35.29 -5.79 16.35
CA ASP B 177 -36.13 -5.28 17.43
C ASP B 177 -37.62 -5.53 17.16
N VAL B 178 -38.01 -5.45 15.89
CA VAL B 178 -39.39 -5.69 15.50
C VAL B 178 -39.82 -7.13 15.74
N VAL B 179 -39.04 -8.09 15.24
CA VAL B 179 -39.41 -9.49 15.36
C VAL B 179 -39.31 -10.02 16.79
N SER B 180 -38.63 -9.27 17.66
CA SER B 180 -38.48 -9.65 19.05
C SER B 180 -39.59 -9.09 19.93
N LYS B 181 -40.37 -8.16 19.40
CA LYS B 181 -41.40 -7.46 20.17
C LYS B 181 -42.83 -7.60 19.64
N LEU B 182 -42.95 -7.67 18.33
CA LEU B 182 -44.25 -7.55 17.66
C LEU B 182 -45.25 -8.70 17.92
N PRO B 183 -44.83 -9.97 17.78
CA PRO B 183 -45.83 -11.02 18.06
C PRO B 183 -46.46 -10.92 19.46
N LEU B 184 -45.68 -10.68 20.50
CA LEU B 184 -46.27 -10.53 21.83
C LEU B 184 -47.27 -9.37 21.87
N ALA B 185 -46.95 -8.29 21.18
CA ALA B 185 -47.80 -7.11 21.20
C ALA B 185 -49.16 -7.35 20.58
N VAL B 186 -49.21 -8.17 19.52
CA VAL B 186 -50.46 -8.32 18.81
C VAL B 186 -51.22 -9.57 19.23
N MET B 187 -50.54 -10.50 19.90
CA MET B 187 -51.09 -11.81 20.20
C MET B 187 -51.25 -12.10 21.69
N GLY B 188 -50.57 -11.31 22.52
CA GLY B 188 -50.59 -11.54 23.95
C GLY B 188 -50.26 -12.97 24.34
N SER B 189 -51.07 -13.55 25.22
CA SER B 189 -50.81 -14.87 25.76
C SER B 189 -50.75 -15.99 24.70
N SER B 190 -51.25 -15.73 23.50
CA SER B 190 -51.24 -16.75 22.43
C SER B 190 -49.86 -16.95 21.78
N TYR B 191 -48.93 -16.03 22.01
CA TYR B 191 -47.59 -16.17 21.43
C TYR B 191 -46.76 -17.17 22.21
N GLY B 192 -46.55 -18.34 21.62
CA GLY B 192 -45.89 -19.43 22.32
C GLY B 192 -44.43 -19.25 22.71
N PHE B 193 -43.69 -18.41 21.99
CA PHE B 193 -42.25 -18.30 22.23
C PHE B 193 -41.90 -17.46 23.47
N GLN B 194 -42.91 -16.86 24.09
CA GLN B 194 -42.66 -16.08 25.30
C GLN B 194 -42.54 -16.98 26.52
N TYR B 195 -42.86 -18.27 26.35
CA TYR B 195 -42.96 -19.21 27.46
C TYR B 195 -41.77 -20.17 27.58
N SER B 196 -41.20 -20.30 28.77
CA SER B 196 -40.34 -21.43 29.08
C SER B 196 -41.19 -22.70 29.02
N PRO B 197 -40.56 -23.89 29.10
CA PRO B 197 -41.34 -25.15 29.05
C PRO B 197 -42.37 -25.24 30.17
N GLY B 198 -41.98 -24.84 31.38
CA GLY B 198 -42.88 -24.87 32.51
C GLY B 198 -44.03 -23.89 32.32
N GLN B 199 -43.74 -22.78 31.65
CA GLN B 199 -44.74 -21.76 31.42
C GLN B 199 -45.70 -22.19 30.32
N ARG B 200 -45.20 -22.96 29.36
CA ARG B 200 -46.06 -23.50 28.32
C ARG B 200 -47.04 -24.51 28.91
N VAL B 201 -46.54 -25.37 29.80
CA VAL B 201 -47.36 -26.32 30.53
C VAL B 201 -48.45 -25.59 31.29
N GLU B 202 -48.06 -24.56 32.03
CA GLU B 202 -49.00 -23.78 32.81
C GLU B 202 -50.11 -23.19 31.94
N PHE B 203 -49.74 -22.68 30.77
CA PHE B 203 -50.72 -22.08 29.86
C PHE B 203 -51.75 -23.12 29.39
N LEU B 204 -51.24 -24.29 28.97
CA LEU B 204 -52.09 -25.34 28.42
C LEU B 204 -52.98 -25.96 29.48
N VAL B 205 -52.41 -26.17 30.67
CA VAL B 205 -53.19 -26.71 31.78
C VAL B 205 -54.28 -25.72 32.20
N GLN B 206 -53.91 -24.45 32.31
CA GLN B 206 -54.91 -23.43 32.64
C GLN B 206 -56.04 -23.39 31.59
N ALA B 207 -55.66 -23.48 30.32
CA ALA B 207 -56.62 -23.44 29.22
C ALA B 207 -57.55 -24.66 29.32
N TRP B 208 -56.95 -25.83 29.52
CA TRP B 208 -57.71 -27.06 29.62
C TRP B 208 -58.74 -27.00 30.77
N LYS B 209 -58.29 -26.49 31.92
CA LYS B 209 -59.13 -26.47 33.11
C LYS B 209 -60.18 -25.37 33.08
N SER B 210 -60.03 -24.42 32.16
CA SER B 210 -60.96 -23.31 32.06
C SER B 210 -62.25 -23.70 31.33
N LYS B 211 -62.24 -24.88 30.70
CA LYS B 211 -63.42 -25.36 29.98
C LYS B 211 -64.26 -26.32 30.83
N LYS B 212 -65.59 -26.29 30.64
CA LYS B 212 -66.44 -27.27 31.30
C LYS B 212 -66.08 -28.68 30.81
N THR B 213 -66.06 -28.84 29.49
CA THR B 213 -65.63 -30.08 28.85
C THR B 213 -64.70 -29.68 27.71
N PRO B 214 -63.37 -29.73 27.97
CA PRO B 214 -62.42 -29.25 26.97
C PRO B 214 -62.26 -30.20 25.78
N MET B 215 -62.01 -29.62 24.62
CA MET B 215 -61.61 -30.37 23.43
C MET B 215 -60.44 -29.58 22.85
N GLY B 216 -59.44 -30.28 22.35
CA GLY B 216 -58.29 -29.57 21.78
C GLY B 216 -57.84 -30.24 20.52
N PHE B 217 -57.13 -29.52 19.67
CA PHE B 217 -56.55 -30.11 18.48
C PHE B 217 -55.30 -29.38 18.04
N SER B 218 -54.39 -30.10 17.39
CA SER B 218 -53.29 -29.42 16.73
C SER B 218 -53.64 -29.34 15.25
N TYR B 219 -53.18 -28.26 14.59
CA TYR B 219 -53.44 -28.15 13.15
C TYR B 219 -52.13 -28.11 12.40
N ASP B 220 -51.91 -29.11 11.54
CA ASP B 220 -50.64 -29.18 10.82
C ASP B 220 -50.84 -28.81 9.37
N THR B 221 -50.41 -27.60 9.02
CA THR B 221 -50.52 -27.13 7.66
C THR B 221 -49.54 -27.90 6.78
N ARG B 222 -49.97 -28.31 5.58
CA ARG B 222 -49.05 -28.95 4.65
C ARG B 222 -48.10 -27.91 4.06
N CYS B 223 -46.80 -28.10 4.29
CA CYS B 223 -45.76 -27.18 3.77
C CYS B 223 -46.09 -25.72 4.04
N PHE B 224 -46.18 -25.34 5.31
CA PHE B 224 -46.64 -23.99 5.64
C PHE B 224 -45.92 -22.89 4.83
N ASP B 225 -44.59 -22.96 4.75
CA ASP B 225 -43.85 -21.89 4.05
C ASP B 225 -44.34 -21.69 2.62
N SER B 226 -44.66 -22.79 1.93
CA SER B 226 -45.18 -22.73 0.57
C SER B 226 -46.59 -22.15 0.46
N THR B 227 -47.37 -22.24 1.55
CA THR B 227 -48.72 -21.71 1.54
C THR B 227 -48.77 -20.21 1.75
N VAL B 228 -47.65 -19.63 2.20
CA VAL B 228 -47.61 -18.20 2.45
C VAL B 228 -47.52 -17.49 1.12
N THR B 229 -48.47 -16.60 0.85
CA THR B 229 -48.58 -15.99 -0.47
C THR B 229 -47.89 -14.63 -0.50
N GLU B 230 -47.71 -14.11 -1.70
CA GLU B 230 -47.12 -12.79 -1.84
C GLU B 230 -47.96 -11.75 -1.10
N SER B 231 -49.29 -11.85 -1.14
CA SER B 231 -50.13 -10.90 -0.41
C SER B 231 -50.01 -11.09 1.10
N ASP B 232 -49.82 -12.34 1.54
CA ASP B 232 -49.53 -12.61 2.96
C ASP B 232 -48.29 -11.86 3.41
N ILE B 233 -47.24 -11.93 2.60
CA ILE B 233 -45.96 -11.32 2.95
C ILE B 233 -46.04 -9.80 2.89
N ARG B 234 -46.76 -9.27 1.91
CA ARG B 234 -46.98 -7.82 1.85
C ARG B 234 -47.85 -7.32 3.02
N THR B 235 -48.73 -8.19 3.51
CA THR B 235 -49.53 -7.83 4.68
C THR B 235 -48.68 -7.81 5.93
N GLU B 236 -47.69 -8.71 6.01
CA GLU B 236 -46.78 -8.70 7.14
C GLU B 236 -46.03 -7.37 7.15
N GLU B 237 -45.61 -6.92 5.98
CA GLU B 237 -44.90 -5.64 5.86
C GLU B 237 -45.79 -4.51 6.38
N ALA B 238 -47.06 -4.54 6.00
CA ALA B 238 -48.01 -3.51 6.42
C ALA B 238 -48.13 -3.54 7.93
N ILE B 239 -48.13 -4.73 8.52
CA ILE B 239 -48.15 -4.84 9.98
C ILE B 239 -46.87 -4.25 10.60
N TYR B 240 -45.70 -4.59 10.05
CA TYR B 240 -44.45 -4.00 10.54
C TYR B 240 -44.51 -2.47 10.53
N GLN B 241 -45.05 -1.89 9.47
CA GLN B 241 -45.06 -0.44 9.30
C GLN B 241 -46.03 0.24 10.26
N CYS B 242 -46.93 -0.52 10.87
CA CYS B 242 -47.84 0.04 11.88
C CYS B 242 -47.07 0.39 13.15
N CYS B 243 -45.91 -0.22 13.33
CA CYS B 243 -45.09 0.04 14.51
C CYS B 243 -44.50 1.44 14.44
N ASP B 244 -44.00 1.93 15.57
CA ASP B 244 -43.29 3.19 15.62
C ASP B 244 -41.83 2.94 15.24
N LEU B 245 -41.46 3.29 14.01
CA LEU B 245 -40.14 2.99 13.45
C LEU B 245 -39.37 4.23 13.07
N ASP B 246 -38.03 4.13 13.13
CA ASP B 246 -37.14 5.13 12.55
C ASP B 246 -37.38 5.16 11.03
N PRO B 247 -37.27 6.36 10.43
CA PRO B 247 -37.43 6.58 8.99
C PRO B 247 -36.55 5.67 8.10
N GLN B 248 -35.28 5.51 8.44
CA GLN B 248 -34.42 4.60 7.68
C GLN B 248 -34.91 3.15 7.77
N ALA B 249 -35.40 2.76 8.95
CA ALA B 249 -35.92 1.42 9.14
C ALA B 249 -37.13 1.19 8.24
N ARG B 250 -37.98 2.19 8.11
CA ARG B 250 -39.18 2.04 7.27
C ARG B 250 -38.80 1.78 5.81
N VAL B 251 -37.82 2.50 5.31
CA VAL B 251 -37.33 2.30 3.94
C VAL B 251 -36.70 0.92 3.76
N ALA B 252 -35.80 0.56 4.68
CA ALA B 252 -35.14 -0.75 4.64
C ALA B 252 -36.12 -1.89 4.68
N ILE B 253 -37.12 -1.80 5.57
CA ILE B 253 -38.14 -2.85 5.68
C ILE B 253 -38.97 -3.02 4.39
N LYS B 254 -39.37 -1.90 3.80
CA LYS B 254 -40.04 -1.92 2.50
C LYS B 254 -39.15 -2.56 1.42
N SER B 255 -37.88 -2.18 1.36
CA SER B 255 -36.98 -2.77 0.37
C SER B 255 -36.73 -4.25 0.62
N LEU B 256 -36.56 -4.63 1.87
CA LEU B 256 -36.34 -6.03 2.21
C LEU B 256 -37.55 -6.86 1.82
N THR B 257 -38.75 -6.31 2.05
CA THR B 257 -39.97 -7.02 1.68
C THR B 257 -40.08 -7.21 0.17
N GLU B 258 -39.93 -6.12 -0.59
CA GLU B 258 -40.08 -6.18 -2.03
C GLU B 258 -38.95 -6.92 -2.76
N ARG B 259 -37.75 -6.87 -2.21
CA ARG B 259 -36.59 -7.42 -2.89
C ARG B 259 -36.22 -8.82 -2.39
N LEU B 260 -36.68 -9.15 -1.18
CA LEU B 260 -36.28 -10.41 -0.56
C LEU B 260 -37.45 -11.23 -0.02
N TYR B 261 -38.23 -10.66 0.87
CA TYR B 261 -39.24 -11.45 1.57
C TYR B 261 -40.35 -11.93 0.64
N VAL B 262 -40.79 -11.06 -0.27
CA VAL B 262 -41.92 -11.42 -1.14
C VAL B 262 -41.58 -12.51 -2.16
N GLY B 263 -40.30 -12.72 -2.42
CA GLY B 263 -39.90 -13.71 -3.41
C GLY B 263 -38.60 -13.35 -4.08
N GLY B 264 -38.16 -14.17 -5.03
CA GLY B 264 -36.93 -13.88 -5.75
C GLY B 264 -36.22 -15.12 -6.23
N PRO B 265 -35.09 -14.91 -6.93
CA PRO B 265 -34.32 -16.00 -7.56
C PRO B 265 -33.61 -16.92 -6.57
N LEU B 266 -33.53 -18.17 -6.97
CA LEU B 266 -32.89 -19.22 -6.18
C LEU B 266 -31.65 -19.68 -6.92
N THR B 267 -30.51 -19.65 -6.23
CA THR B 267 -29.23 -20.09 -6.81
C THR B 267 -28.67 -21.25 -5.99
N ASN B 268 -28.19 -22.29 -6.66
CA ASN B 268 -27.57 -23.41 -5.93
C ASN B 268 -26.12 -23.13 -5.54
N SER B 269 -25.48 -24.10 -4.89
CA SER B 269 -24.13 -23.91 -4.38
C SER B 269 -23.08 -23.84 -5.48
N ARG B 270 -23.42 -24.33 -6.67
CA ARG B 270 -22.52 -24.24 -7.82
C ARG B 270 -22.67 -22.90 -8.55
N GLY B 271 -23.65 -22.10 -8.14
CA GLY B 271 -23.90 -20.83 -8.79
C GLY B 271 -24.93 -20.84 -9.90
N GLU B 272 -25.58 -21.99 -10.11
CA GLU B 272 -26.58 -22.11 -11.16
C GLU B 272 -27.92 -21.56 -10.71
N ASN B 273 -28.65 -20.93 -11.61
CA ASN B 273 -30.03 -20.52 -11.35
C ASN B 273 -30.94 -21.73 -11.23
N CYS B 274 -31.57 -21.90 -10.06
CA CYS B 274 -32.43 -23.04 -9.80
C CYS B 274 -33.92 -22.77 -10.03
N GLY B 275 -34.31 -21.51 -9.99
CA GLY B 275 -35.72 -21.18 -10.12
C GLY B 275 -36.09 -19.91 -9.39
N TYR B 276 -37.37 -19.77 -9.09
CA TYR B 276 -37.88 -18.53 -8.54
C TYR B 276 -38.88 -18.82 -7.43
N ARG B 277 -38.81 -18.06 -6.35
CA ARG B 277 -39.66 -18.27 -5.18
C ARG B 277 -40.72 -17.18 -5.10
N ARG B 278 -41.95 -17.59 -4.79
CA ARG B 278 -43.06 -16.68 -4.53
C ARG B 278 -43.80 -17.03 -3.25
N CYS B 279 -43.04 -17.45 -2.25
CA CYS B 279 -43.57 -17.83 -0.95
C CYS B 279 -42.52 -17.51 0.11
N ARG B 280 -42.76 -17.96 1.34
CA ARG B 280 -41.84 -17.69 2.44
C ARG B 280 -40.46 -18.31 2.25
N ALA B 281 -39.42 -17.50 2.41
CA ALA B 281 -38.07 -18.03 2.51
C ALA B 281 -37.87 -18.54 3.94
N SER B 282 -37.34 -19.75 4.05
CA SER B 282 -37.21 -20.41 5.35
C SER B 282 -36.03 -19.91 6.15
N GLY B 283 -35.13 -19.17 5.50
CA GLY B 283 -33.89 -18.78 6.14
C GLY B 283 -33.70 -17.28 6.22
N VAL B 284 -34.75 -16.57 6.61
CA VAL B 284 -34.64 -15.13 6.80
C VAL B 284 -35.04 -14.76 8.23
N LEU B 285 -34.68 -13.56 8.67
CA LEU B 285 -34.88 -13.19 10.06
C LEU B 285 -36.36 -13.15 10.39
N THR B 286 -37.17 -12.82 9.38
CA THR B 286 -38.61 -12.67 9.58
C THR B 286 -39.39 -13.97 9.45
N THR B 287 -38.72 -15.09 9.22
CA THR B 287 -39.45 -16.35 9.04
C THR B 287 -40.36 -16.70 10.24
N SER B 288 -39.80 -16.70 11.45
CA SER B 288 -40.60 -17.09 12.62
C SER B 288 -41.71 -16.08 12.90
N CYS B 289 -41.37 -14.79 12.94
CA CYS B 289 -42.35 -13.75 13.21
C CYS B 289 -43.45 -13.75 12.14
N GLY B 290 -43.04 -13.80 10.88
CA GLY B 290 -44.00 -13.82 9.79
C GLY B 290 -44.90 -15.04 9.84
N ASN B 291 -44.33 -16.21 10.08
CA ASN B 291 -45.15 -17.42 10.13
C ASN B 291 -46.12 -17.32 11.30
N THR B 292 -45.60 -16.84 12.44
CA THR B 292 -46.43 -16.71 13.65
C THR B 292 -47.63 -15.78 13.40
N LEU B 293 -47.38 -14.60 12.82
CA LEU B 293 -48.45 -13.64 12.60
C LEU B 293 -49.45 -14.19 11.60
N THR B 294 -48.94 -14.78 10.53
CA THR B 294 -49.83 -15.26 9.47
C THR B 294 -50.66 -16.43 9.96
N CYS B 295 -50.01 -17.37 10.63
CA CYS B 295 -50.73 -18.49 11.24
C CYS B 295 -51.81 -18.00 12.21
N TYR B 296 -51.44 -17.04 13.08
CA TYR B 296 -52.37 -16.45 14.04
C TYR B 296 -53.57 -15.80 13.38
N ILE B 297 -53.33 -14.95 12.39
CA ILE B 297 -54.44 -14.25 11.73
C ILE B 297 -55.41 -15.26 11.08
N LYS B 298 -54.86 -16.16 10.30
CA LYS B 298 -55.66 -17.17 9.62
C LYS B 298 -56.45 -18.06 10.59
N ALA B 299 -55.78 -18.57 11.62
CA ALA B 299 -56.43 -19.47 12.57
C ALA B 299 -57.50 -18.77 13.40
N ARG B 300 -57.21 -17.54 13.81
CA ARG B 300 -58.16 -16.81 14.64
C ARG B 300 -59.42 -16.53 13.85
N ALA B 301 -59.24 -16.18 12.58
CA ALA B 301 -60.38 -15.99 11.69
C ALA B 301 -61.10 -17.30 11.42
N ALA B 302 -60.35 -18.37 11.18
CA ALA B 302 -60.98 -19.67 10.92
C ALA B 302 -61.78 -20.18 12.13
N CYS B 303 -61.32 -19.89 13.34
CA CYS B 303 -62.08 -20.24 14.54
C CYS B 303 -63.46 -19.58 14.50
N ARG B 304 -63.53 -18.33 14.05
CA ARG B 304 -64.81 -17.64 14.00
C ARG B 304 -65.70 -18.26 12.94
N ALA B 305 -65.12 -18.54 11.78
CA ALA B 305 -65.88 -19.13 10.68
C ALA B 305 -66.39 -20.52 11.07
N ALA B 306 -65.58 -21.24 11.84
CA ALA B 306 -65.90 -22.61 12.22
C ALA B 306 -66.83 -22.67 13.44
N GLY B 307 -67.08 -21.52 14.04
CA GLY B 307 -67.94 -21.43 15.21
C GLY B 307 -67.41 -22.17 16.43
N LEU B 308 -66.09 -22.21 16.59
CA LEU B 308 -65.51 -22.82 17.76
C LEU B 308 -65.81 -21.96 18.99
N GLN B 309 -66.26 -22.60 20.07
CA GLN B 309 -66.72 -21.89 21.26
C GLN B 309 -65.61 -21.67 22.28
N ASP B 310 -65.39 -20.41 22.67
CA ASP B 310 -64.44 -20.05 23.71
C ASP B 310 -63.05 -20.56 23.36
N CYS B 311 -62.46 -20.00 22.31
CA CYS B 311 -61.22 -20.53 21.77
C CYS B 311 -59.99 -19.98 22.46
N THR B 312 -59.07 -20.89 22.74
CA THR B 312 -57.77 -20.52 23.28
C THR B 312 -56.75 -21.08 22.31
N MET B 313 -55.91 -20.22 21.75
CA MET B 313 -54.88 -20.71 20.84
C MET B 313 -53.46 -20.41 21.29
N LEU B 314 -52.55 -21.33 20.95
CA LEU B 314 -51.13 -21.18 21.22
C LEU B 314 -50.42 -21.33 19.88
N VAL B 315 -49.69 -20.30 19.49
CA VAL B 315 -49.09 -20.24 18.17
C VAL B 315 -47.57 -20.04 18.25
N CYS B 316 -46.82 -20.93 17.60
CA CYS B 316 -45.37 -20.84 17.51
C CYS B 316 -44.97 -21.02 16.06
N GLY B 317 -44.76 -19.92 15.34
CA GLY B 317 -44.53 -19.99 13.92
C GLY B 317 -45.70 -20.71 13.28
N ASP B 318 -45.42 -21.73 12.49
CA ASP B 318 -46.44 -22.50 11.80
C ASP B 318 -47.14 -23.51 12.71
N ASP B 319 -46.71 -23.59 13.96
CA ASP B 319 -47.26 -24.61 14.85
C ASP B 319 -48.45 -24.07 15.63
N LEU B 320 -49.57 -24.80 15.58
CA LEU B 320 -50.80 -24.28 16.15
C LEU B 320 -51.54 -25.31 16.99
N VAL B 321 -51.96 -24.89 18.18
CA VAL B 321 -52.85 -25.70 19.02
C VAL B 321 -54.04 -24.86 19.47
N VAL B 322 -55.21 -25.48 19.50
CA VAL B 322 -56.45 -24.79 19.86
C VAL B 322 -57.13 -25.62 20.92
N ILE B 323 -57.54 -24.96 22.01
CA ILE B 323 -58.33 -25.60 23.05
C ILE B 323 -59.69 -24.87 23.17
N CYS B 324 -60.79 -25.62 23.13
CA CYS B 324 -62.08 -24.95 23.15
C CYS B 324 -63.12 -25.67 23.99
N GLU B 325 -64.30 -25.06 24.12
CA GLU B 325 -65.38 -25.67 24.85
C GLU B 325 -66.14 -26.65 23.96
N SER B 326 -66.19 -27.91 24.37
CA SER B 326 -66.81 -28.94 23.55
C SER B 326 -68.29 -28.65 23.34
N ALA B 327 -68.74 -28.90 22.12
CA ALA B 327 -70.14 -28.77 21.75
C ALA B 327 -70.78 -30.15 21.62
N GLY B 328 -70.02 -31.18 21.97
CA GLY B 328 -70.47 -32.55 21.78
C GLY B 328 -69.61 -33.21 20.72
N VAL B 329 -69.64 -34.55 20.65
CA VAL B 329 -68.68 -35.26 19.81
C VAL B 329 -68.85 -34.98 18.31
N GLN B 330 -70.05 -35.17 17.78
CA GLN B 330 -70.30 -34.92 16.37
C GLN B 330 -70.19 -33.43 16.02
N GLU B 331 -70.66 -32.58 16.93
CA GLU B 331 -70.57 -31.14 16.77
C GLU B 331 -69.10 -30.68 16.66
N ASP B 332 -68.25 -31.19 17.56
CA ASP B 332 -66.84 -30.87 17.54
C ASP B 332 -66.18 -31.34 16.24
N ALA B 333 -66.48 -32.57 15.82
CA ALA B 333 -65.85 -33.12 14.62
C ALA B 333 -66.24 -32.31 13.38
N ALA B 334 -67.51 -31.92 13.29
CA ALA B 334 -67.95 -31.10 12.17
C ALA B 334 -67.34 -29.70 12.21
N SER B 335 -67.22 -29.12 13.41
CA SER B 335 -66.64 -27.78 13.54
CA SER B 335 -66.63 -27.78 13.55
C SER B 335 -65.17 -27.77 13.15
N LEU B 336 -64.46 -28.86 13.46
CA LEU B 336 -63.06 -28.96 13.09
C LEU B 336 -62.93 -29.08 11.58
N ARG B 337 -63.80 -29.88 10.96
CA ARG B 337 -63.79 -29.94 9.49
C ARG B 337 -64.11 -28.55 8.89
N ALA B 338 -64.96 -27.79 9.55
CA ALA B 338 -65.25 -26.41 9.13
C ALA B 338 -64.04 -25.51 9.30
N PHE B 339 -63.32 -25.70 10.40
CA PHE B 339 -62.09 -24.94 10.64
C PHE B 339 -61.11 -25.22 9.51
N THR B 340 -60.96 -26.49 9.18
CA THR B 340 -60.09 -26.90 8.08
C THR B 340 -60.51 -26.29 6.74
N GLU B 341 -61.82 -26.25 6.44
CA GLU B 341 -62.28 -25.61 5.22
C GLU B 341 -61.92 -24.13 5.15
N ALA B 342 -62.06 -23.44 6.27
CA ALA B 342 -61.71 -22.02 6.33
C ALA B 342 -60.21 -21.78 6.16
N MET B 343 -59.38 -22.52 6.90
CA MET B 343 -57.93 -22.42 6.76
C MET B 343 -57.54 -22.69 5.31
N THR B 344 -58.22 -23.65 4.68
CA THR B 344 -57.94 -24.00 3.30
C THR B 344 -58.25 -22.85 2.34
N ARG B 345 -59.40 -22.20 2.54
CA ARG B 345 -59.71 -20.99 1.76
C ARG B 345 -58.64 -19.90 1.95
N TYR B 346 -58.01 -19.89 3.12
CA TYR B 346 -57.00 -18.88 3.41
C TYR B 346 -55.64 -19.29 2.85
N SER B 347 -55.62 -20.47 2.21
CA SER B 347 -54.46 -21.02 1.50
CA SER B 347 -54.45 -21.01 1.49
C SER B 347 -53.71 -22.09 2.27
N ALA B 348 -54.19 -22.44 3.45
CA ALA B 348 -53.44 -23.34 4.33
C ALA B 348 -54.12 -24.67 4.66
N PRO B 349 -54.23 -25.57 3.68
CA PRO B 349 -54.81 -26.89 3.94
C PRO B 349 -53.86 -27.75 4.76
N PRO B 350 -54.39 -28.77 5.45
CA PRO B 350 -53.58 -29.59 6.34
C PRO B 350 -52.89 -30.73 5.62
N GLY B 351 -51.88 -31.30 6.25
CA GLY B 351 -51.32 -32.55 5.77
C GLY B 351 -52.29 -33.63 6.16
N ASP B 352 -52.19 -34.09 7.40
CA ASP B 352 -53.17 -35.02 7.94
C ASP B 352 -54.26 -34.21 8.62
N PRO B 353 -55.52 -34.59 8.40
CA PRO B 353 -56.60 -33.79 8.98
C PRO B 353 -56.49 -33.73 10.49
N PRO B 354 -56.86 -32.60 11.09
CA PRO B 354 -56.84 -32.51 12.54
C PRO B 354 -57.84 -33.47 13.17
N GLN B 355 -57.58 -33.90 14.39
CA GLN B 355 -58.54 -34.75 15.10
C GLN B 355 -58.88 -34.14 16.45
N PRO B 356 -60.15 -34.14 16.82
CA PRO B 356 -60.51 -33.64 18.16
C PRO B 356 -59.91 -34.57 19.22
N GLU B 357 -59.32 -34.01 20.26
CA GLU B 357 -58.81 -34.81 21.38
C GLU B 357 -59.44 -34.35 22.69
N TYR B 358 -59.75 -35.30 23.57
CA TYR B 358 -60.43 -35.02 24.82
C TYR B 358 -59.62 -35.37 26.07
N ASP B 359 -58.36 -35.77 25.88
CA ASP B 359 -57.42 -35.96 26.99
C ASP B 359 -56.26 -34.98 26.83
N LEU B 360 -55.95 -34.24 27.89
CA LEU B 360 -54.88 -33.24 27.83
C LEU B 360 -53.54 -33.81 27.36
N GLU B 361 -53.17 -35.00 27.84
CA GLU B 361 -51.85 -35.57 27.52
C GLU B 361 -51.68 -35.77 26.01
N LEU B 362 -52.79 -35.77 25.29
CA LEU B 362 -52.77 -36.01 23.85
C LEU B 362 -52.59 -34.71 23.03
N ILE B 363 -52.76 -33.56 23.67
CA ILE B 363 -52.60 -32.28 22.97
C ILE B 363 -51.13 -32.03 22.64
N THR B 364 -50.81 -31.69 21.39
CA THR B 364 -49.41 -31.55 20.99
C THR B 364 -49.06 -30.16 20.46
N SER B 365 -48.10 -29.50 21.12
CA SER B 365 -47.62 -28.19 20.72
C SER B 365 -46.13 -28.32 20.42
N CYS B 366 -45.72 -28.01 19.19
CA CYS B 366 -44.31 -28.15 18.82
C CYS B 366 -43.75 -29.53 19.18
N SER B 367 -44.47 -30.58 18.79
CA SER B 367 -44.04 -31.96 18.99
C SER B 367 -43.96 -32.37 20.46
N SER B 368 -44.44 -31.51 21.35
CA SER B 368 -44.36 -31.81 22.77
C SER B 368 -45.77 -31.88 23.38
N ASN B 369 -45.87 -32.43 24.59
CA ASN B 369 -47.16 -32.55 25.26
C ASN B 369 -46.99 -32.44 26.76
N VAL B 370 -48.09 -32.16 27.44
CA VAL B 370 -48.12 -32.13 28.89
C VAL B 370 -48.37 -33.52 29.46
N SER B 371 -47.59 -33.90 30.46
CA SER B 371 -47.81 -35.18 31.14
C SER B 371 -47.77 -34.94 32.63
N VAL B 372 -48.11 -35.94 33.40
CA VAL B 372 -48.15 -35.80 34.86
C VAL B 372 -47.19 -36.77 35.52
N ALA B 373 -46.44 -36.27 36.49
CA ALA B 373 -45.68 -37.13 37.39
C ALA B 373 -45.95 -36.63 38.80
N HIS B 374 -45.15 -37.09 39.76
CA HIS B 374 -45.39 -36.75 41.16
C HIS B 374 -44.11 -36.35 41.90
N ASP B 375 -44.22 -35.40 42.81
CA ASP B 375 -43.08 -35.03 43.62
C ASP B 375 -42.96 -35.97 44.83
N GLY B 376 -41.96 -35.73 45.67
CA GLY B 376 -41.69 -36.60 46.81
C GLY B 376 -42.82 -36.69 47.83
N ALA B 377 -43.76 -35.75 47.77
CA ALA B 377 -44.91 -35.75 48.68
C ALA B 377 -46.14 -36.40 48.05
N GLY B 378 -46.01 -36.82 46.79
CA GLY B 378 -47.12 -37.40 46.05
C GLY B 378 -48.00 -36.35 45.41
N LYS B 379 -47.54 -35.10 45.38
CA LYS B 379 -48.31 -34.05 44.70
C LYS B 379 -48.16 -34.15 43.20
N ARG B 380 -49.25 -34.03 42.46
CA ARG B 380 -49.17 -34.05 40.99
C ARG B 380 -48.35 -32.86 40.47
N VAL B 381 -47.46 -33.15 39.51
CA VAL B 381 -46.63 -32.16 38.88
C VAL B 381 -46.78 -32.31 37.37
N TYR B 382 -47.27 -31.25 36.71
CA TYR B 382 -47.39 -31.25 35.26
C TYR B 382 -46.07 -30.80 34.66
N TYR B 383 -45.65 -31.46 33.58
CA TYR B 383 -44.38 -31.11 32.95
C TYR B 383 -44.47 -31.40 31.45
N LEU B 384 -43.55 -30.78 30.70
CA LEU B 384 -43.54 -30.92 29.26
C LEU B 384 -42.65 -32.08 28.83
N THR B 385 -43.17 -32.92 27.95
CA THR B 385 -42.37 -34.02 27.44
C THR B 385 -42.55 -34.15 25.92
N ARG B 386 -41.95 -35.17 25.34
CA ARG B 386 -42.10 -35.45 23.92
C ARG B 386 -41.59 -36.86 23.64
N ASP B 387 -41.89 -37.36 22.46
CA ASP B 387 -41.35 -38.65 22.04
C ASP B 387 -39.83 -38.50 21.96
N PRO B 388 -39.10 -39.43 22.60
CA PRO B 388 -37.63 -39.31 22.66
C PRO B 388 -36.91 -39.81 21.41
N THR B 389 -37.64 -40.32 20.42
CA THR B 389 -36.98 -40.93 19.26
C THR B 389 -36.01 -39.98 18.57
N THR B 390 -36.49 -38.81 18.16
CA THR B 390 -35.62 -37.87 17.45
C THR B 390 -34.48 -37.34 18.33
N PRO B 391 -34.79 -36.93 19.57
CA PRO B 391 -33.70 -36.52 20.47
C PRO B 391 -32.61 -37.59 20.62
N LEU B 392 -33.01 -38.86 20.75
CA LEU B 392 -32.02 -39.92 20.92
C LEU B 392 -31.23 -40.18 19.63
N ALA B 393 -31.92 -40.17 18.49
CA ALA B 393 -31.25 -40.34 17.21
C ALA B 393 -30.19 -39.25 17.02
N ARG B 394 -30.55 -38.02 17.36
CA ARG B 394 -29.65 -36.88 17.19
C ARG B 394 -28.51 -36.92 18.19
N ALA B 395 -28.78 -37.40 19.40
CA ALA B 395 -27.74 -37.58 20.41
C ALA B 395 -26.72 -38.60 19.95
N ALA B 396 -27.19 -39.67 19.33
CA ALA B 396 -26.27 -40.68 18.82
C ALA B 396 -25.37 -40.06 17.76
N TRP B 397 -25.97 -39.27 16.87
CA TRP B 397 -25.22 -38.63 15.80
C TRP B 397 -24.19 -37.67 16.38
N GLU B 398 -24.60 -36.87 17.35
CA GLU B 398 -23.72 -35.88 17.96
C GLU B 398 -22.62 -36.50 18.83
N THR B 399 -22.85 -37.71 19.28
CA THR B 399 -21.81 -38.46 19.98
C THR B 399 -20.72 -38.92 19.00
N ALA B 400 -21.12 -39.27 17.79
CA ALA B 400 -20.23 -39.87 16.79
C ALA B 400 -19.53 -38.84 15.90
N ARG B 401 -20.13 -37.67 15.76
CA ARG B 401 -19.58 -36.64 14.89
C ARG B 401 -19.61 -35.26 15.54
N HIS B 402 -18.55 -34.48 15.33
CA HIS B 402 -18.56 -33.09 15.74
C HIS B 402 -19.72 -32.39 15.03
N THR B 403 -20.45 -31.57 15.76
CA THR B 403 -21.55 -30.80 15.20
C THR B 403 -21.48 -29.39 15.76
N PRO B 404 -21.79 -28.38 14.93
CA PRO B 404 -21.66 -26.99 15.38
C PRO B 404 -22.62 -26.65 16.52
N VAL B 405 -23.82 -27.23 16.47
CA VAL B 405 -24.84 -27.03 17.51
C VAL B 405 -25.22 -28.38 18.13
N ASN B 406 -25.25 -28.43 19.46
CA ASN B 406 -25.51 -29.67 20.19
C ASN B 406 -26.94 -29.79 20.73
N SER B 407 -27.83 -30.42 19.95
CA SER B 407 -29.25 -30.52 20.33
C SER B 407 -29.47 -31.24 21.64
N TRP B 408 -28.54 -32.09 22.03
CA TRP B 408 -28.70 -32.86 23.26
C TRP B 408 -28.75 -31.95 24.49
N LEU B 409 -27.98 -30.86 24.46
CA LEU B 409 -27.91 -29.95 25.59
C LEU B 409 -29.19 -29.11 25.66
N GLY B 410 -29.65 -28.65 24.50
CA GLY B 410 -30.92 -27.96 24.42
C GLY B 410 -32.05 -28.87 24.89
N ASN B 411 -31.99 -30.14 24.49
CA ASN B 411 -33.01 -31.10 24.93
C ASN B 411 -32.99 -31.36 26.44
N ILE B 412 -31.81 -31.44 27.03
CA ILE B 412 -31.76 -31.64 28.47
C ILE B 412 -32.38 -30.43 29.16
N ILE B 413 -32.07 -29.25 28.66
CA ILE B 413 -32.58 -28.03 29.23
C ILE B 413 -34.11 -27.95 29.11
N MET B 414 -34.63 -28.26 27.93
CA MET B 414 -36.07 -28.15 27.69
C MET B 414 -36.87 -29.26 28.39
N PHE B 415 -36.30 -30.45 28.42
CA PHE B 415 -37.01 -31.64 28.89
C PHE B 415 -36.42 -32.27 30.14
N ALA B 416 -35.73 -31.48 30.94
CA ALA B 416 -35.05 -31.98 32.15
C ALA B 416 -35.91 -32.85 33.06
N PRO B 417 -37.19 -32.48 33.26
CA PRO B 417 -37.99 -33.28 34.20
C PRO B 417 -38.37 -34.66 33.67
N THR B 418 -38.17 -34.91 32.38
CA THR B 418 -38.66 -36.14 31.78
C THR B 418 -37.82 -37.35 32.20
N LEU B 419 -38.45 -38.51 32.15
CA LEU B 419 -37.83 -39.79 32.49
C LEU B 419 -36.62 -40.04 31.59
N TRP B 420 -36.82 -39.82 30.28
CA TRP B 420 -35.77 -40.08 29.29
C TRP B 420 -34.61 -39.08 29.31
N ALA B 421 -34.89 -37.81 29.59
CA ALA B 421 -33.79 -36.85 29.63
C ALA B 421 -32.95 -37.10 30.87
N ARG B 422 -33.60 -37.43 31.98
CA ARG B 422 -32.89 -37.68 33.23
C ARG B 422 -32.06 -38.96 33.22
N MET B 423 -32.69 -40.06 32.82
CA MET B 423 -32.03 -41.36 32.92
C MET B 423 -31.08 -41.68 31.77
N ILE B 424 -31.41 -41.22 30.57
CA ILE B 424 -30.59 -41.53 29.41
C ILE B 424 -29.69 -40.37 28.97
N LEU B 425 -30.27 -39.24 28.57
CA LEU B 425 -29.45 -38.14 28.07
C LEU B 425 -28.42 -37.64 29.09
N MET B 426 -28.85 -37.39 30.32
CA MET B 426 -27.94 -36.87 31.33
C MET B 426 -26.81 -37.85 31.61
N THR B 427 -27.18 -39.10 31.87
CA THR B 427 -26.20 -40.14 32.16
C THR B 427 -25.20 -40.29 31.01
N HIS B 428 -25.73 -40.41 29.80
CA HIS B 428 -24.88 -40.64 28.64
C HIS B 428 -23.90 -39.50 28.43
N PHE B 429 -24.40 -38.27 28.41
CA PHE B 429 -23.51 -37.15 28.07
C PHE B 429 -22.51 -36.76 29.15
N PHE B 430 -22.91 -36.83 30.41
CA PHE B 430 -21.91 -36.57 31.46
C PHE B 430 -20.84 -37.66 31.49
N SER B 431 -21.22 -38.85 31.08
CA SER B 431 -20.26 -39.94 30.94
C SER B 431 -19.30 -39.65 29.78
N VAL B 432 -19.85 -39.20 28.65
CA VAL B 432 -19.07 -38.87 27.46
C VAL B 432 -18.14 -37.69 27.72
N LEU B 433 -18.66 -36.67 28.40
CA LEU B 433 -17.86 -35.50 28.76
C LEU B 433 -16.69 -35.86 29.65
N ILE B 434 -16.92 -36.71 30.64
CA ILE B 434 -15.83 -37.15 31.52
C ILE B 434 -14.78 -37.93 30.74
N ALA B 435 -15.23 -38.87 29.92
CA ALA B 435 -14.32 -39.73 29.17
C ALA B 435 -13.44 -38.94 28.20
N ARG B 436 -13.98 -37.83 27.68
CA ARG B 436 -13.25 -37.01 26.73
C ARG B 436 -12.59 -35.80 27.38
N ASP B 437 -12.67 -35.74 28.70
CA ASP B 437 -12.10 -34.63 29.46
C ASP B 437 -12.62 -33.29 28.94
N GLN B 438 -13.92 -33.26 28.61
CA GLN B 438 -14.56 -32.05 28.10
C GLN B 438 -15.65 -31.50 29.03
N LEU B 439 -15.53 -31.77 30.33
CA LEU B 439 -16.55 -31.34 31.28
C LEU B 439 -16.68 -29.81 31.36
N GLU B 440 -15.56 -29.12 31.25
CA GLU B 440 -15.51 -27.67 31.46
C GLU B 440 -15.77 -26.85 30.19
N GLN B 441 -15.95 -27.53 29.06
CA GLN B 441 -16.04 -26.86 27.77
C GLN B 441 -17.47 -26.44 27.39
N ALA B 442 -17.69 -25.12 27.32
CA ALA B 442 -18.98 -24.58 26.91
C ALA B 442 -19.34 -25.03 25.50
N LEU B 443 -20.63 -25.23 25.26
CA LEU B 443 -21.10 -25.74 23.97
C LEU B 443 -22.18 -24.84 23.37
N ASN B 444 -22.25 -24.83 22.05
CA ASN B 444 -23.34 -24.12 21.38
C ASN B 444 -24.57 -25.00 21.21
N CYS B 445 -25.71 -24.50 21.67
CA CYS B 445 -26.97 -25.19 21.45
C CYS B 445 -28.05 -24.17 21.10
N GLU B 446 -29.17 -24.64 20.56
CA GLU B 446 -30.24 -23.74 20.13
C GLU B 446 -31.48 -23.83 21.03
N ILE B 447 -32.05 -22.68 21.32
CA ILE B 447 -33.33 -22.59 22.01
C ILE B 447 -34.22 -21.63 21.22
N TYR B 448 -35.37 -22.11 20.79
CA TYR B 448 -36.28 -21.34 19.93
C TYR B 448 -35.56 -20.75 18.73
N GLY B 449 -34.62 -21.49 18.16
CA GLY B 449 -33.97 -21.08 16.94
C GLY B 449 -32.74 -20.21 17.14
N ALA B 450 -32.57 -19.67 18.35
CA ALA B 450 -31.40 -18.86 18.66
C ALA B 450 -30.27 -19.72 19.22
N CYS B 451 -29.03 -19.34 18.92
CA CYS B 451 -27.86 -20.07 19.39
C CYS B 451 -27.28 -19.47 20.69
N TYR B 452 -27.04 -20.33 21.67
CA TYR B 452 -26.46 -19.93 22.95
C TYR B 452 -25.21 -20.73 23.26
N SER B 453 -24.32 -20.14 24.04
CA SER B 453 -23.15 -20.84 24.56
C SER B 453 -23.42 -21.23 26.00
N ILE B 454 -23.47 -22.52 26.27
CA ILE B 454 -23.86 -23.01 27.59
C ILE B 454 -22.84 -24.00 28.15
N GLU B 455 -22.52 -23.84 29.44
CA GLU B 455 -21.60 -24.75 30.10
C GLU B 455 -22.39 -25.88 30.73
N PRO B 456 -22.07 -27.13 30.37
CA PRO B 456 -22.77 -28.29 30.93
C PRO B 456 -22.75 -28.30 32.46
N LEU B 457 -21.68 -27.77 33.06
CA LEU B 457 -21.56 -27.72 34.52
C LEU B 457 -22.59 -26.80 35.17
N ASP B 458 -23.24 -25.96 34.36
CA ASP B 458 -24.26 -25.05 34.87
C ASP B 458 -25.68 -25.64 34.79
N LEU B 459 -25.79 -26.87 34.28
CA LEU B 459 -27.09 -27.52 34.15
C LEU B 459 -27.92 -27.53 35.45
N PRO B 460 -27.31 -27.90 36.58
CA PRO B 460 -28.16 -27.96 37.77
C PRO B 460 -28.89 -26.65 38.12
N PRO B 461 -28.17 -25.52 38.25
CA PRO B 461 -28.90 -24.27 38.51
C PRO B 461 -29.83 -23.84 37.37
N ILE B 462 -29.46 -24.10 36.12
CA ILE B 462 -30.35 -23.83 34.99
C ILE B 462 -31.68 -24.57 35.16
N ILE B 463 -31.58 -25.86 35.45
CA ILE B 463 -32.78 -26.68 35.64
C ILE B 463 -33.61 -26.20 36.82
N GLN B 464 -32.97 -25.84 37.92
CA GLN B 464 -33.75 -25.41 39.08
C GLN B 464 -34.52 -24.16 38.74
N ARG B 465 -33.86 -23.22 38.08
CA ARG B 465 -34.47 -21.95 37.71
C ARG B 465 -35.66 -22.16 36.77
N LEU B 466 -35.51 -23.08 35.83
CA LEU B 466 -36.53 -23.31 34.80
C LEU B 466 -37.67 -24.23 35.24
N HIS B 467 -37.33 -25.29 35.98
CA HIS B 467 -38.29 -26.35 36.27
C HIS B 467 -38.61 -26.52 37.76
N GLY B 468 -37.88 -25.83 38.62
CA GLY B 468 -38.04 -25.98 40.05
C GLY B 468 -37.23 -27.15 40.58
N LEU B 469 -37.04 -27.21 41.89
CA LEU B 469 -36.25 -28.27 42.51
C LEU B 469 -36.92 -29.63 42.34
N SER B 470 -38.24 -29.63 42.12
CA SER B 470 -38.97 -30.87 41.94
C SER B 470 -38.48 -31.65 40.71
N ALA B 471 -37.86 -30.96 39.77
CA ALA B 471 -37.37 -31.62 38.56
C ALA B 471 -36.33 -32.71 38.86
N PHE B 472 -35.67 -32.59 40.01
CA PHE B 472 -34.65 -33.56 40.41
C PHE B 472 -35.24 -34.71 41.24
N SER B 473 -36.55 -34.72 41.44
CA SER B 473 -37.16 -35.75 42.29
C SER B 473 -38.51 -36.29 41.82
N LEU B 474 -38.85 -36.07 40.56
CA LEU B 474 -40.13 -36.57 40.05
C LEU B 474 -40.14 -38.11 39.97
N HIS B 475 -41.29 -38.70 40.24
CA HIS B 475 -41.46 -40.14 40.14
C HIS B 475 -42.91 -40.48 39.82
N SER B 476 -43.20 -41.77 39.65
CA SER B 476 -44.53 -42.23 39.28
C SER B 476 -45.06 -41.51 38.05
N TYR B 477 -44.39 -41.74 36.93
CA TYR B 477 -44.74 -41.14 35.64
C TYR B 477 -45.98 -41.83 35.10
N SER B 478 -46.60 -41.24 34.07
CA SER B 478 -47.88 -41.76 33.56
C SER B 478 -47.68 -43.07 32.80
N PRO B 479 -48.72 -43.93 32.78
CA PRO B 479 -48.63 -45.17 32.01
C PRO B 479 -48.34 -44.88 30.54
N GLY B 480 -48.90 -43.80 30.03
CA GLY B 480 -48.70 -43.45 28.62
C GLY B 480 -47.27 -43.03 28.32
N GLU B 481 -46.70 -42.25 29.23
CA GLU B 481 -45.33 -41.76 29.06
C GLU B 481 -44.36 -42.92 29.20
N ILE B 482 -44.56 -43.74 30.21
CA ILE B 482 -43.74 -44.92 30.43
C ILE B 482 -43.75 -45.82 29.21
N ASN B 483 -44.93 -46.07 28.66
CA ASN B 483 -45.05 -46.95 27.50
C ASN B 483 -44.38 -46.35 26.26
N ARG B 484 -44.50 -45.04 26.08
CA ARG B 484 -43.92 -44.39 24.92
C ARG B 484 -42.39 -44.48 24.98
N VAL B 485 -41.83 -44.21 26.15
CA VAL B 485 -40.39 -44.36 26.33
C VAL B 485 -39.96 -45.81 26.08
N ALA B 486 -40.67 -46.78 26.67
CA ALA B 486 -40.30 -48.18 26.48
C ALA B 486 -40.31 -48.59 25.01
N ALA B 487 -41.29 -48.10 24.25
CA ALA B 487 -41.39 -48.43 22.83
C ALA B 487 -40.24 -47.85 22.02
N CYS B 488 -39.83 -46.65 22.39
CA CYS B 488 -38.69 -45.99 21.75
C CYS B 488 -37.38 -46.75 22.01
N LEU B 489 -37.16 -47.14 23.26
CA LEU B 489 -35.92 -47.87 23.59
C LEU B 489 -35.86 -49.17 22.81
N ARG B 490 -36.97 -49.88 22.74
CA ARG B 490 -37.02 -51.14 21.99
C ARG B 490 -36.74 -50.91 20.51
N LYS B 491 -37.35 -49.87 19.95
CA LYS B 491 -37.21 -49.55 18.53
C LYS B 491 -35.76 -49.28 18.15
N LEU B 492 -35.07 -48.50 18.97
CA LEU B 492 -33.72 -48.02 18.65
C LEU B 492 -32.63 -48.95 19.17
N GLY B 493 -33.01 -49.92 20.00
CA GLY B 493 -32.04 -50.80 20.60
C GLY B 493 -31.25 -50.06 21.66
N VAL B 494 -31.96 -49.24 22.44
CA VAL B 494 -31.36 -48.53 23.56
C VAL B 494 -31.42 -49.43 24.80
N PRO B 495 -30.32 -49.50 25.55
CA PRO B 495 -30.30 -50.28 26.78
C PRO B 495 -31.41 -49.85 27.71
N PRO B 496 -31.96 -50.80 28.48
CA PRO B 496 -33.11 -50.55 29.36
C PRO B 496 -32.75 -49.59 30.48
N LEU B 497 -33.75 -48.96 31.08
CA LEU B 497 -33.54 -47.93 32.10
C LEU B 497 -32.72 -48.42 33.30
N ARG B 498 -32.86 -49.69 33.66
CA ARG B 498 -32.06 -50.25 34.77
C ARG B 498 -30.56 -50.20 34.46
N ALA B 499 -30.20 -50.41 33.20
CA ALA B 499 -28.80 -50.33 32.78
C ALA B 499 -28.28 -48.91 32.94
N TRP B 500 -29.15 -47.94 32.68
CA TRP B 500 -28.78 -46.54 32.84
C TRP B 500 -28.58 -46.18 34.33
N ARG B 501 -29.42 -46.73 35.18
CA ARG B 501 -29.26 -46.54 36.62
C ARG B 501 -27.85 -46.92 37.09
N HIS B 502 -27.39 -48.10 36.69
CA HIS B 502 -26.04 -48.54 37.03
C HIS B 502 -24.96 -47.58 36.51
N ARG B 503 -25.03 -47.22 35.24
CA ARG B 503 -24.10 -46.25 34.66
C ARG B 503 -24.14 -44.94 35.40
N ALA B 504 -25.36 -44.49 35.70
CA ALA B 504 -25.58 -43.24 36.40
C ALA B 504 -24.89 -43.21 37.76
N ARG B 505 -24.90 -44.33 38.47
CA ARG B 505 -24.28 -44.37 39.79
C ARG B 505 -22.77 -44.21 39.67
N SER B 506 -22.20 -44.77 38.61
CA SER B 506 -20.77 -44.63 38.33
C SER B 506 -20.43 -43.19 37.98
N VAL B 507 -21.17 -42.62 37.03
CA VAL B 507 -21.01 -41.23 36.64
C VAL B 507 -21.16 -40.29 37.83
N ARG B 508 -22.20 -40.54 38.64
CA ARG B 508 -22.46 -39.71 39.80
C ARG B 508 -21.26 -39.66 40.75
N ALA B 509 -20.67 -40.83 41.00
CA ALA B 509 -19.52 -40.94 41.90
C ALA B 509 -18.32 -40.17 41.36
N ARG B 510 -18.03 -40.35 40.07
CA ARG B 510 -16.93 -39.63 39.44
C ARG B 510 -17.15 -38.12 39.51
N LEU B 511 -18.38 -37.67 39.29
CA LEU B 511 -18.70 -36.24 39.39
C LEU B 511 -18.48 -35.71 40.80
N LEU B 512 -19.00 -36.43 41.79
CA LEU B 512 -18.90 -36.01 43.19
C LEU B 512 -17.46 -35.82 43.64
N SER B 513 -16.58 -36.67 43.13
CA SER B 513 -15.19 -36.66 43.56
C SER B 513 -14.44 -35.41 43.07
N ARG B 514 -15.03 -34.73 42.10
CA ARG B 514 -14.40 -33.56 41.50
C ARG B 514 -14.70 -32.26 42.26
N GLY B 515 -15.63 -32.32 43.20
CA GLY B 515 -16.06 -31.14 43.93
C GLY B 515 -16.58 -30.02 43.02
N GLY B 516 -16.80 -28.85 43.61
CA GLY B 516 -17.27 -27.69 42.87
C GLY B 516 -18.56 -27.92 42.10
N ARG B 517 -18.66 -27.32 40.94
CA ARG B 517 -19.87 -27.45 40.12
C ARG B 517 -20.13 -28.90 39.73
N ALA B 518 -19.04 -29.64 39.48
CA ALA B 518 -19.17 -31.02 39.06
C ALA B 518 -19.89 -31.83 40.12
N ALA B 519 -19.53 -31.63 41.38
CA ALA B 519 -20.15 -32.34 42.49
C ALA B 519 -21.64 -32.00 42.58
N ILE B 520 -21.99 -30.76 42.26
CA ILE B 520 -23.38 -30.36 42.26
C ILE B 520 -24.16 -31.15 41.22
N CYS B 521 -23.54 -31.33 40.06
CA CYS B 521 -24.13 -32.14 38.99
C CYS B 521 -24.39 -33.55 39.48
N GLY B 522 -23.39 -34.15 40.11
CA GLY B 522 -23.52 -35.50 40.62
C GLY B 522 -24.68 -35.62 41.59
N LYS B 523 -24.75 -34.67 42.52
CA LYS B 523 -25.73 -34.72 43.61
C LYS B 523 -27.17 -34.46 43.17
N TYR B 524 -27.35 -33.46 42.31
CA TYR B 524 -28.69 -33.04 41.91
C TYR B 524 -29.19 -33.82 40.70
N LEU B 525 -28.37 -33.89 39.66
CA LEU B 525 -28.79 -34.54 38.42
C LEU B 525 -29.05 -36.03 38.60
N PHE B 526 -28.33 -36.66 39.53
CA PHE B 526 -28.36 -38.11 39.63
C PHE B 526 -28.87 -38.67 40.96
N ASN B 527 -29.63 -37.87 41.69
CA ASN B 527 -30.16 -38.34 42.97
C ASN B 527 -31.12 -39.51 42.78
N TRP B 528 -31.75 -39.57 41.61
CA TRP B 528 -32.67 -40.67 41.28
C TRP B 528 -31.97 -42.03 41.22
N ALA B 529 -30.64 -42.02 41.07
CA ALA B 529 -29.90 -43.26 40.83
C ALA B 529 -29.42 -43.95 42.10
N VAL B 530 -29.40 -43.23 43.22
CA VAL B 530 -28.93 -43.79 44.47
C VAL B 530 -30.09 -44.17 45.39
N ARG B 531 -29.98 -45.32 46.05
CA ARG B 531 -30.98 -45.75 47.01
C ARG B 531 -31.11 -44.73 48.14
N THR B 532 -29.97 -44.35 48.70
CA THR B 532 -29.93 -43.39 49.78
C THR B 532 -29.93 -41.97 49.22
N LYS B 533 -31.12 -41.41 49.04
CA LYS B 533 -31.26 -40.06 48.49
C LYS B 533 -30.58 -39.01 49.36
N LEU B 534 -30.17 -37.91 48.75
CA LEU B 534 -29.65 -36.77 49.49
C LEU B 534 -30.71 -35.68 49.53
N LYS B 535 -30.67 -34.84 50.58
CA LYS B 535 -31.57 -33.70 50.67
C LYS B 535 -31.14 -32.65 49.66
N LEU B 536 -32.03 -32.33 48.74
CA LEU B 536 -31.72 -31.36 47.69
C LEU B 536 -32.30 -29.98 48.04
N THR B 537 -31.41 -29.06 48.38
CA THR B 537 -31.79 -27.72 48.76
C THR B 537 -31.54 -26.74 47.61
N PRO B 538 -32.15 -25.54 47.68
CA PRO B 538 -31.97 -24.54 46.62
C PRO B 538 -30.50 -24.25 46.34
N ILE B 539 -30.12 -24.30 45.06
CA ILE B 539 -28.76 -24.02 44.63
C ILE B 539 -28.52 -22.51 44.59
N ALA B 540 -27.48 -22.06 45.29
CA ALA B 540 -27.20 -20.63 45.39
C ALA B 540 -27.01 -19.97 44.03
N ALA B 541 -26.25 -20.62 43.16
CA ALA B 541 -25.93 -20.06 41.84
C ALA B 541 -27.17 -19.79 40.97
N ALA B 542 -28.26 -20.49 41.24
CA ALA B 542 -29.46 -20.39 40.40
C ALA B 542 -30.06 -18.99 40.39
N GLY B 543 -30.10 -18.35 41.55
CA GLY B 543 -30.70 -17.03 41.69
C GLY B 543 -29.94 -15.94 40.94
N ARG B 544 -28.70 -16.23 40.57
CA ARG B 544 -27.83 -15.23 39.96
C ARG B 544 -27.76 -15.34 38.43
N LEU B 545 -28.60 -16.21 37.86
CA LEU B 545 -28.57 -16.43 36.42
C LEU B 545 -29.33 -15.35 35.65
N GLY B 549 -34.27 -13.84 28.59
CA GLY B 549 -33.99 -13.68 27.17
C GLY B 549 -34.05 -15.00 26.43
N TRP B 550 -33.90 -16.09 27.18
CA TRP B 550 -33.92 -17.42 26.58
C TRP B 550 -35.27 -17.76 25.95
N PHE B 551 -36.34 -17.36 26.62
CA PHE B 551 -37.66 -17.78 26.17
C PHE B 551 -38.52 -16.57 25.96
N THR B 552 -38.16 -15.78 24.95
CA THR B 552 -38.81 -14.52 24.68
C THR B 552 -39.41 -14.50 23.28
N ALA B 553 -38.65 -14.96 22.29
CA ALA B 553 -39.07 -14.90 20.90
C ALA B 553 -38.49 -16.04 20.12
N GLY B 554 -39.07 -16.33 18.96
CA GLY B 554 -38.59 -17.37 18.10
C GLY B 554 -37.75 -16.79 16.97
N TYR B 555 -36.68 -17.50 16.61
CA TYR B 555 -35.74 -17.00 15.61
C TYR B 555 -35.31 -18.08 14.61
N SER B 556 -36.08 -19.16 14.52
CA SER B 556 -35.73 -20.25 13.62
C SER B 556 -35.50 -19.73 12.20
N GLY B 557 -34.35 -20.07 11.64
CA GLY B 557 -33.98 -19.62 10.31
C GLY B 557 -33.35 -18.24 10.25
N GLY B 558 -33.35 -17.54 11.39
CA GLY B 558 -32.96 -16.14 11.43
C GLY B 558 -31.49 -15.84 11.72
N ASP B 559 -30.66 -16.88 11.85
CA ASP B 559 -29.21 -16.67 11.99
C ASP B 559 -28.89 -15.82 13.24
N ILE B 560 -29.42 -16.21 14.39
CA ILE B 560 -29.29 -15.42 15.62
C ILE B 560 -28.42 -16.10 16.69
N TYR B 561 -27.48 -15.34 17.24
CA TYR B 561 -26.62 -15.81 18.30
C TYR B 561 -26.75 -14.87 19.48
N HIS B 562 -27.02 -15.41 20.67
CA HIS B 562 -27.18 -14.58 21.86
C HIS B 562 -26.01 -14.75 22.81
N SER C 1 10.81 15.94 30.18
CA SER C 1 11.07 15.95 28.74
C SER C 1 10.50 17.21 28.11
N MET C 2 11.32 18.26 28.03
CA MET C 2 10.91 19.50 27.37
C MET C 2 10.84 19.29 25.86
N SER C 3 9.79 19.83 25.25
CA SER C 3 9.63 19.81 23.80
C SER C 3 10.81 20.46 23.06
N TYR C 4 11.31 21.56 23.61
CA TYR C 4 12.49 22.25 23.07
C TYR C 4 13.37 22.75 24.21
N SER C 5 14.66 22.89 23.93
CA SER C 5 15.56 23.67 24.76
C SER C 5 16.12 24.78 23.87
N TRP C 6 16.31 25.97 24.42
CA TRP C 6 16.71 27.12 23.62
C TRP C 6 18.02 27.71 24.12
N THR C 7 18.81 28.25 23.21
CA THR C 7 20.09 28.87 23.53
C THR C 7 19.93 30.37 23.71
N GLY C 8 18.89 30.95 23.13
CA GLY C 8 18.69 32.38 23.20
C GLY C 8 18.89 33.09 21.86
N ALA C 9 19.52 32.40 20.92
CA ALA C 9 19.62 32.92 19.56
C ALA C 9 18.22 33.10 19.03
N LEU C 10 18.03 34.12 18.19
CA LEU C 10 16.72 34.39 17.64
C LEU C 10 16.46 33.57 16.38
N VAL C 11 15.19 33.32 16.12
CA VAL C 11 14.80 32.83 14.80
C VAL C 11 14.89 34.02 13.86
N THR C 12 15.59 33.86 12.75
CA THR C 12 15.92 34.99 11.90
C THR C 12 15.35 34.83 10.50
N PRO C 13 15.12 35.96 9.81
CA PRO C 13 14.61 35.93 8.44
C PRO C 13 15.73 35.58 7.45
N CYS C 14 15.39 35.05 6.28
CA CYS C 14 16.40 34.82 5.26
C CYS C 14 16.28 35.86 4.16
N ALA C 15 15.37 36.81 4.35
CA ALA C 15 15.13 37.89 3.40
C ALA C 15 14.17 38.89 4.02
N ALA C 16 14.04 40.06 3.42
CA ALA C 16 13.12 41.07 3.94
C ALA C 16 11.71 40.49 4.10
N GLU C 17 11.09 40.76 5.25
CA GLU C 17 9.72 40.33 5.49
C GLU C 17 8.83 41.55 5.60
N GLU C 18 7.70 41.53 4.91
CA GLU C 18 6.75 42.64 5.04
C GLU C 18 5.61 42.24 5.97
N GLN C 19 5.30 43.10 6.93
CA GLN C 19 4.24 42.83 7.90
C GLN C 19 2.90 43.24 7.32
N LYS C 20 2.90 44.34 6.57
CA LYS C 20 1.67 44.96 6.10
C LYS C 20 1.30 44.58 4.67
N LEU C 21 0.00 44.44 4.43
CA LEU C 21 -0.52 44.17 3.09
C LEU C 21 -0.07 45.28 2.12
N PRO C 22 0.70 44.90 1.10
CA PRO C 22 1.21 45.91 0.16
C PRO C 22 0.06 46.58 -0.60
N ILE C 23 0.29 47.84 -1.01
CA ILE C 23 -0.73 48.63 -1.69
C ILE C 23 -0.70 48.40 -3.19
N ASN C 24 -1.87 48.11 -3.77
CA ASN C 24 -1.96 47.74 -5.19
C ASN C 24 -3.41 47.91 -5.63
N ALA C 25 -3.63 48.57 -6.78
CA ALA C 25 -5.00 48.88 -7.21
C ALA C 25 -5.86 47.63 -7.42
N LEU C 26 -5.29 46.61 -8.06
CA LEU C 26 -6.06 45.38 -8.24
C LEU C 26 -6.37 44.69 -6.91
N SER C 27 -5.41 44.71 -5.99
CA SER C 27 -5.62 44.11 -4.66
C SER C 27 -6.73 44.87 -3.94
N ASN C 28 -6.61 46.19 -3.99
CA ASN C 28 -7.59 47.07 -3.35
C ASN C 28 -9.00 46.86 -3.87
N SER C 29 -9.14 46.45 -5.13
CA SER C 29 -10.47 46.22 -5.70
C SER C 29 -11.15 45.02 -5.04
N LEU C 30 -10.38 44.12 -4.46
CA LEU C 30 -10.94 43.00 -3.74
C LEU C 30 -11.25 43.38 -2.29
N LEU C 31 -10.30 44.05 -1.65
CA LEU C 31 -10.38 44.31 -0.21
C LEU C 31 -9.72 45.64 0.10
N ARG C 32 -10.44 46.55 0.76
CA ARG C 32 -9.94 47.90 1.00
C ARG C 32 -9.43 48.17 2.42
N HIS C 33 -9.80 47.32 3.38
CA HIS C 33 -9.35 47.54 4.75
C HIS C 33 -7.96 46.93 4.97
N HIS C 34 -6.98 47.46 4.24
CA HIS C 34 -5.67 46.84 4.17
C HIS C 34 -4.95 46.79 5.51
N ASN C 35 -5.25 47.74 6.41
CA ASN C 35 -4.59 47.74 7.72
C ASN C 35 -5.01 46.60 8.63
N LEU C 36 -6.06 45.88 8.25
CA LEU C 36 -6.50 44.72 9.01
C LEU C 36 -5.76 43.47 8.58
N VAL C 37 -5.10 43.54 7.42
CA VAL C 37 -4.46 42.36 6.86
C VAL C 37 -2.95 42.38 7.10
N TYR C 38 -2.42 41.29 7.64
CA TYR C 38 -1.00 41.23 7.98
C TYR C 38 -0.38 39.89 7.65
N SER C 39 0.96 39.88 7.55
CA SER C 39 1.70 38.63 7.45
C SER C 39 2.45 38.40 8.75
N THR C 40 2.47 37.15 9.20
CA THR C 40 3.34 36.81 10.33
C THR C 40 4.76 36.93 9.83
N THR C 41 5.69 37.24 10.74
CA THR C 41 7.10 37.35 10.41
C THR C 41 7.93 36.85 11.60
N SER C 42 9.23 36.73 11.39
CA SER C 42 10.14 36.28 12.43
C SER C 42 10.10 37.15 13.69
N ARG C 43 9.50 38.34 13.58
CA ARG C 43 9.45 39.26 14.71
C ARG C 43 8.66 38.72 15.91
N SER C 44 7.72 37.82 15.63
CA SER C 44 6.90 37.22 16.70
C SER C 44 7.34 35.80 17.05
N ALA C 45 8.48 35.37 16.53
CA ALA C 45 8.90 33.98 16.74
C ALA C 45 9.11 33.71 18.22
N CYS C 46 9.64 34.69 18.95
CA CYS C 46 9.88 34.53 20.39
C CYS C 46 8.61 34.19 21.13
N GLN C 47 7.51 34.79 20.71
CA GLN C 47 6.22 34.52 21.32
C GLN C 47 5.77 33.06 21.03
N ARG C 48 5.96 32.59 19.80
CA ARG C 48 5.63 31.21 19.46
CA ARG C 48 5.63 31.21 19.46
C ARG C 48 6.52 30.23 20.21
N GLN C 49 7.81 30.54 20.30
CA GLN C 49 8.75 29.68 21.01
C GLN C 49 8.31 29.44 22.46
N LYS C 50 7.84 30.49 23.11
CA LYS C 50 7.33 30.36 24.47
C LYS C 50 6.16 29.36 24.52
N LYS C 51 5.23 29.50 23.58
CA LYS C 51 4.01 28.72 23.64
C LYS C 51 4.26 27.24 23.38
N VAL C 52 5.20 26.95 22.48
CA VAL C 52 5.43 25.56 22.07
C VAL C 52 6.39 24.80 22.99
N THR C 53 6.91 25.47 24.00
CA THR C 53 7.92 24.89 24.87
C THR C 53 7.33 24.46 26.20
N PHE C 54 7.30 23.15 26.45
CA PHE C 54 6.73 22.66 27.70
C PHE C 54 7.09 21.20 27.96
N ASP C 55 6.90 20.77 29.19
CA ASP C 55 7.22 19.40 29.58
C ASP C 55 6.07 18.49 29.15
N ARG C 56 6.39 17.32 28.62
CA ARG C 56 5.38 16.35 28.22
C ARG C 56 5.29 15.21 29.23
N LEU C 57 4.15 15.12 29.89
CA LEU C 57 3.86 13.99 30.76
C LEU C 57 3.06 13.02 29.92
N GLN C 58 3.43 11.75 29.95
CA GLN C 58 2.71 10.75 29.18
C GLN C 58 2.56 9.45 29.95
N VAL C 59 1.33 9.00 30.08
CA VAL C 59 1.03 7.74 30.75
C VAL C 59 0.14 6.95 29.80
N LEU C 60 0.62 5.79 29.38
CA LEU C 60 -0.15 4.95 28.47
C LEU C 60 -0.85 3.85 29.26
N ASP C 61 -2.06 3.48 28.85
CA ASP C 61 -2.84 2.48 29.56
C ASP C 61 -3.18 1.32 28.63
N SER C 62 -4.04 0.39 29.07
CA SER C 62 -4.31 -0.79 28.26
C SER C 62 -5.10 -0.47 26.99
N HIS C 63 -5.93 0.57 27.02
CA HIS C 63 -6.67 0.96 25.83
C HIS C 63 -5.72 1.44 24.73
N TYR C 64 -4.72 2.21 25.13
CA TYR C 64 -3.70 2.64 24.19
C TYR C 64 -2.98 1.46 23.55
N HIS C 65 -2.51 0.53 24.37
CA HIS C 65 -1.77 -0.62 23.86
C HIS C 65 -2.64 -1.54 23.01
N ASP C 66 -3.92 -1.68 23.36
CA ASP C 66 -4.85 -2.44 22.52
C ASP C 66 -4.96 -1.84 21.13
N VAL C 67 -5.12 -0.52 21.07
CA VAL C 67 -5.26 0.15 19.78
C VAL C 67 -3.97 0.05 18.99
N LEU C 68 -2.84 0.23 19.66
CA LEU C 68 -1.56 0.15 18.97
C LEU C 68 -1.36 -1.23 18.34
N LYS C 69 -1.80 -2.28 19.04
CA LYS C 69 -1.66 -3.61 18.48
C LYS C 69 -2.49 -3.76 17.21
N GLU C 70 -3.71 -3.22 17.23
CA GLU C 70 -4.57 -3.19 16.05
C GLU C 70 -3.86 -2.49 14.88
N VAL C 71 -3.28 -1.34 15.17
CA VAL C 71 -2.61 -0.54 14.15
C VAL C 71 -1.44 -1.29 13.52
N LYS C 72 -0.61 -1.92 14.36
CA LYS C 72 0.52 -2.69 13.83
C LYS C 72 0.04 -3.86 12.98
N ALA C 73 -1.04 -4.51 13.41
CA ALA C 73 -1.63 -5.60 12.62
C ALA C 73 -2.09 -5.12 11.24
N ALA C 74 -2.75 -3.96 11.19
CA ALA C 74 -3.23 -3.44 9.91
C ALA C 74 -2.06 -2.97 9.03
N ALA C 75 -1.06 -2.36 9.66
CA ALA C 75 0.11 -1.88 8.91
C ALA C 75 0.83 -3.02 8.19
N SER C 76 0.77 -4.22 8.75
CA SER C 76 1.49 -5.37 8.21
C SER C 76 0.98 -5.82 6.84
N LYS C 77 -0.17 -5.29 6.42
CA LYS C 77 -0.70 -5.59 5.09
C LYS C 77 -0.11 -4.70 4.01
N VAL C 78 0.68 -3.70 4.41
CA VAL C 78 1.20 -2.74 3.43
C VAL C 78 2.50 -3.22 2.80
N LYS C 79 2.59 -3.05 1.48
CA LYS C 79 3.88 -3.23 0.81
C LYS C 79 4.31 -1.88 0.28
N ALA C 80 5.53 -1.48 0.62
CA ALA C 80 6.02 -0.18 0.16
C ALA C 80 7.36 -0.28 -0.56
N ASN C 81 7.52 0.53 -1.61
CA ASN C 81 8.71 0.50 -2.44
C ASN C 81 9.67 1.64 -2.16
N LEU C 82 10.95 1.39 -2.43
CA LEU C 82 11.93 2.46 -2.51
C LEU C 82 11.65 3.31 -3.72
N LEU C 83 11.84 4.61 -3.62
CA LEU C 83 11.88 5.45 -4.82
C LEU C 83 13.33 5.59 -5.26
N SER C 84 13.56 5.62 -6.57
CA SER C 84 14.89 5.90 -7.08
C SER C 84 15.27 7.35 -6.75
N VAL C 85 16.57 7.63 -6.74
CA VAL C 85 17.00 9.02 -6.62
C VAL C 85 16.27 9.90 -7.65
N GLU C 86 16.20 9.43 -8.89
CA GLU C 86 15.53 10.18 -9.96
C GLU C 86 14.06 10.53 -9.64
N GLU C 87 13.28 9.53 -9.23
CA GLU C 87 11.87 9.74 -8.87
C GLU C 87 11.75 10.72 -7.71
N ALA C 88 12.58 10.54 -6.69
CA ALA C 88 12.57 11.43 -5.54
C ALA C 88 12.93 12.87 -5.94
N CYS C 89 13.91 13.03 -6.82
CA CYS C 89 14.28 14.36 -7.30
C CYS C 89 13.07 15.02 -7.95
N SER C 90 12.32 14.23 -8.72
CA SER C 90 11.21 14.78 -9.49
C SER C 90 9.99 15.17 -8.64
N LEU C 91 9.96 14.75 -7.39
CA LEU C 91 8.91 15.16 -6.44
C LEU C 91 9.26 16.47 -5.74
N THR C 92 10.42 17.02 -6.05
CA THR C 92 10.87 18.24 -5.41
C THR C 92 10.26 19.48 -6.07
N PRO C 93 9.58 20.34 -5.28
CA PRO C 93 9.00 21.58 -5.84
C PRO C 93 10.08 22.51 -6.37
N PRO C 94 9.82 23.22 -7.48
CA PRO C 94 10.85 24.09 -8.04
C PRO C 94 11.27 25.19 -7.07
N HIS C 95 10.42 25.51 -6.11
CA HIS C 95 10.68 26.59 -5.16
C HIS C 95 11.17 26.08 -3.82
N SER C 96 11.53 24.80 -3.76
CA SER C 96 12.02 24.18 -2.52
C SER C 96 13.30 24.90 -2.04
N ALA C 97 13.49 25.00 -0.73
CA ALA C 97 14.66 25.70 -0.19
C ALA C 97 15.98 25.07 -0.63
N LYS C 98 16.93 25.90 -1.06
CA LYS C 98 18.20 25.38 -1.58
C LYS C 98 19.02 24.69 -0.49
N SER C 99 19.95 23.85 -0.91
CA SER C 99 20.81 23.12 -0.02
C SER C 99 21.94 24.02 0.49
N LYS C 100 22.49 23.69 1.66
CA LYS C 100 23.67 24.37 2.18
C LYS C 100 24.93 23.88 1.46
N PHE C 101 24.77 22.85 0.63
CA PHE C 101 25.93 22.19 0.05
C PHE C 101 26.11 22.49 -1.43
N GLY C 102 25.65 23.65 -1.86
CA GLY C 102 26.03 24.20 -3.15
C GLY C 102 25.15 23.90 -4.34
N TYR C 103 23.88 23.62 -4.11
CA TYR C 103 22.93 23.39 -5.20
C TYR C 103 21.50 23.70 -4.74
N GLY C 104 20.59 23.81 -5.70
CA GLY C 104 19.22 24.17 -5.39
C GLY C 104 18.18 23.24 -5.98
N ALA C 105 16.92 23.58 -5.78
CA ALA C 105 15.81 22.75 -6.25
C ALA C 105 15.84 22.56 -7.77
N LYS C 106 16.27 23.58 -8.50
CA LYS C 106 16.36 23.44 -9.95
C LYS C 106 17.42 22.42 -10.35
N ASP C 107 18.53 22.39 -9.62
CA ASP C 107 19.58 21.42 -9.85
C ASP C 107 19.09 20.00 -9.56
N VAL C 108 18.34 19.85 -8.47
CA VAL C 108 17.76 18.56 -8.12
C VAL C 108 16.80 18.09 -9.22
N ARG C 109 15.92 18.97 -9.68
CA ARG C 109 14.95 18.60 -10.72
C ARG C 109 15.62 18.27 -12.07
N CYS C 110 16.81 18.83 -12.32
CA CYS C 110 17.56 18.54 -13.54
C CYS C 110 18.52 17.37 -13.33
N HIS C 111 18.47 16.77 -12.15
CA HIS C 111 19.37 15.68 -11.82
C HIS C 111 20.81 16.11 -12.09
N ALA C 112 21.13 17.35 -11.75
CA ALA C 112 22.47 17.89 -11.94
C ALA C 112 23.52 17.14 -11.15
N ARG C 113 24.73 17.08 -11.71
CA ARG C 113 25.83 16.32 -11.15
C ARG C 113 26.08 16.58 -9.66
N LYS C 114 26.20 17.85 -9.26
CA LYS C 114 26.51 18.14 -7.85
C LYS C 114 25.38 17.75 -6.90
N ALA C 115 24.15 18.07 -7.27
CA ALA C 115 22.99 17.69 -6.46
C ALA C 115 22.92 16.19 -6.26
N VAL C 116 23.05 15.44 -7.35
CA VAL C 116 22.91 13.99 -7.27
C VAL C 116 24.06 13.37 -6.48
N ALA C 117 25.27 13.89 -6.67
CA ALA C 117 26.41 13.38 -5.93
C ALA C 117 26.14 13.56 -4.42
N HIS C 118 25.64 14.72 -4.05
CA HIS C 118 25.38 14.98 -2.64
C HIS C 118 24.28 14.06 -2.10
N ILE C 119 23.17 13.97 -2.83
CA ILE C 119 22.08 13.09 -2.41
C ILE C 119 22.57 11.66 -2.20
N ASN C 120 23.36 11.15 -3.15
CA ASN C 120 23.94 9.81 -3.03
C ASN C 120 24.79 9.66 -1.77
N SER C 121 25.54 10.70 -1.42
CA SER C 121 26.38 10.67 -0.23
C SER C 121 25.53 10.69 1.05
N VAL C 122 24.41 11.42 1.01
CA VAL C 122 23.52 11.47 2.18
C VAL C 122 22.89 10.09 2.40
N TRP C 123 22.45 9.47 1.30
CA TRP C 123 21.90 8.12 1.37
C TRP C 123 22.95 7.14 1.93
N LYS C 124 24.15 7.17 1.38
CA LYS C 124 25.22 6.28 1.85
C LYS C 124 25.45 6.48 3.36
N ASP C 125 25.40 7.74 3.79
CA ASP C 125 25.60 8.06 5.20
C ASP C 125 24.44 7.57 6.08
N LEU C 126 23.21 7.61 5.56
CA LEU C 126 22.08 7.09 6.32
C LEU C 126 22.22 5.60 6.54
N LEU C 127 22.80 4.92 5.55
CA LEU C 127 23.03 3.49 5.65
C LEU C 127 24.18 3.11 6.56
N GLU C 128 25.08 4.06 6.82
CA GLU C 128 26.29 3.76 7.59
C GLU C 128 26.25 4.25 9.02
N ASP C 129 25.54 5.35 9.25
CA ASP C 129 25.48 6.00 10.55
C ASP C 129 24.02 6.04 10.99
N SER C 130 23.72 5.39 12.10
CA SER C 130 22.33 5.32 12.57
C SER C 130 22.04 6.24 13.76
N VAL C 131 23.01 7.06 14.15
CA VAL C 131 22.87 7.78 15.43
C VAL C 131 23.11 9.29 15.45
N THR C 132 24.00 9.80 14.61
CA THR C 132 24.39 11.20 14.68
C THR C 132 23.24 12.15 14.30
N PRO C 133 22.84 13.04 15.22
CA PRO C 133 21.68 13.88 14.91
C PRO C 133 21.91 14.72 13.68
N ILE C 134 20.88 14.88 12.87
CA ILE C 134 21.00 15.61 11.62
C ILE C 134 20.55 17.07 11.81
N ASP C 135 21.30 18.00 11.24
CA ASP C 135 20.98 19.41 11.44
C ASP C 135 19.63 19.79 10.82
N THR C 136 18.95 20.74 11.43
CA THR C 136 17.72 21.27 10.84
C THR C 136 17.73 22.77 10.89
N THR C 137 16.95 23.39 10.02
CA THR C 137 16.80 24.84 10.04
C THR C 137 15.46 25.18 10.66
N ILE C 138 15.43 26.20 11.52
CA ILE C 138 14.18 26.70 12.05
C ILE C 138 13.89 28.06 11.41
N MET C 139 12.65 28.24 10.95
CA MET C 139 12.25 29.49 10.31
C MET C 139 10.85 29.86 10.81
N ALA C 140 10.53 31.15 10.79
CA ALA C 140 9.17 31.60 11.08
C ALA C 140 8.37 31.66 9.78
N LYS C 141 7.22 30.99 9.74
CA LYS C 141 6.38 31.02 8.54
C LYS C 141 5.84 32.42 8.32
N ASN C 142 5.82 32.87 7.06
CA ASN C 142 5.14 34.10 6.71
C ASN C 142 3.77 33.77 6.13
N GLU C 143 2.73 33.88 6.95
CA GLU C 143 1.38 33.54 6.52
C GLU C 143 0.47 34.73 6.76
N VAL C 144 -0.58 34.85 5.96
CA VAL C 144 -1.40 36.04 6.01
C VAL C 144 -2.72 35.77 6.70
N PHE C 145 -3.13 36.71 7.56
CA PHE C 145 -4.38 36.63 8.32
C PHE C 145 -5.03 38.00 8.42
N CYS C 146 -6.26 38.04 8.90
CA CYS C 146 -6.92 39.28 9.29
C CYS C 146 -6.87 39.42 10.82
N VAL C 147 -6.61 40.62 11.32
CA VAL C 147 -6.51 40.85 12.76
C VAL C 147 -7.86 40.65 13.44
N GLN C 148 -7.81 40.28 14.72
CA GLN C 148 -8.99 40.21 15.56
C GLN C 148 -8.72 41.00 16.83
N PRO C 149 -9.12 42.28 16.85
CA PRO C 149 -8.69 43.19 17.91
C PRO C 149 -9.33 42.90 19.27
N GLU C 150 -10.21 41.91 19.31
CA GLU C 150 -10.81 41.48 20.57
C GLU C 150 -9.92 40.44 21.24
N LYS C 151 -8.94 39.95 20.48
CA LYS C 151 -7.98 39.00 21.01
C LYS C 151 -6.59 39.63 21.06
N GLY C 152 -5.56 38.81 20.86
CA GLY C 152 -4.19 39.28 20.89
C GLY C 152 -3.75 39.88 19.56
N GLY C 153 -4.63 40.68 18.96
CA GLY C 153 -4.33 41.33 17.69
C GLY C 153 -3.80 40.38 16.63
N ARG C 154 -2.50 40.48 16.36
CA ARG C 154 -1.86 39.62 15.38
C ARG C 154 -1.29 38.39 16.06
N LYS C 155 -1.52 37.22 15.50
CA LYS C 155 -0.99 36.00 16.11
C LYS C 155 0.45 35.72 15.70
N PRO C 156 1.19 35.00 16.57
CA PRO C 156 2.61 34.71 16.36
C PRO C 156 2.82 33.78 15.18
N ALA C 157 3.94 33.94 14.50
CA ALA C 157 4.28 33.08 13.37
C ALA C 157 4.37 31.62 13.82
N ARG C 158 3.91 30.70 12.97
CA ARG C 158 4.24 29.29 13.16
C ARG C 158 5.73 29.08 12.84
N LEU C 159 6.35 28.12 13.51
CA LEU C 159 7.76 27.82 13.25
C LEU C 159 7.85 26.57 12.37
N ILE C 160 8.70 26.62 11.36
CA ILE C 160 8.88 25.43 10.52
C ILE C 160 10.29 24.90 10.73
N VAL C 161 10.40 23.59 10.90
CA VAL C 161 11.71 22.96 11.16
C VAL C 161 11.94 21.89 10.09
N PHE C 162 13.00 22.05 9.31
CA PHE C 162 13.24 21.18 8.17
C PHE C 162 14.73 20.89 7.99
N PRO C 163 15.05 19.68 7.51
CA PRO C 163 16.44 19.31 7.19
C PRO C 163 16.84 19.84 5.81
N ASP C 164 18.11 19.69 5.48
CA ASP C 164 18.65 20.13 4.20
C ASP C 164 18.01 19.40 3.01
N LEU C 165 18.00 20.07 1.86
CA LEU C 165 17.46 19.54 0.62
C LEU C 165 17.92 18.10 0.31
N GLY C 166 19.21 17.82 0.50
CA GLY C 166 19.71 16.46 0.27
C GLY C 166 19.01 15.42 1.11
N VAL C 167 18.82 15.73 2.40
CA VAL C 167 18.11 14.84 3.29
C VAL C 167 16.64 14.70 2.87
N ARG C 168 16.02 15.79 2.45
CA ARG C 168 14.61 15.75 2.05
C ARG C 168 14.40 14.81 0.87
N VAL C 169 15.33 14.83 -0.07
CA VAL C 169 15.24 13.90 -1.19
C VAL C 169 15.36 12.44 -0.69
N CYS C 170 16.28 12.21 0.24
CA CYS C 170 16.45 10.89 0.84
C CYS C 170 15.20 10.42 1.60
N GLU C 171 14.51 11.34 2.25
CA GLU C 171 13.28 10.96 2.93
C GLU C 171 12.26 10.43 1.91
N LYS C 172 12.16 11.10 0.77
CA LYS C 172 11.23 10.63 -0.26
C LYS C 172 11.60 9.22 -0.68
N MET C 173 12.88 8.96 -0.93
CA MET C 173 13.32 7.63 -1.35
C MET C 173 12.85 6.57 -0.37
N ALA C 174 13.05 6.83 0.92
CA ALA C 174 12.78 5.82 1.94
C ALA C 174 11.31 5.71 2.31
N LEU C 175 10.59 6.82 2.23
CA LEU C 175 9.31 6.93 2.94
C LEU C 175 8.13 7.48 2.12
N TYR C 176 8.35 7.91 0.88
CA TYR C 176 7.23 8.48 0.14
C TYR C 176 6.10 7.46 -0.05
N ASP C 177 6.46 6.25 -0.45
CA ASP C 177 5.46 5.21 -0.66
C ASP C 177 4.77 4.85 0.66
N VAL C 178 5.54 4.76 1.73
CA VAL C 178 4.97 4.46 3.06
C VAL C 178 3.94 5.50 3.47
N VAL C 179 4.31 6.78 3.44
CA VAL C 179 3.40 7.82 3.90
C VAL C 179 2.20 8.00 2.98
N SER C 180 2.31 7.49 1.76
CA SER C 180 1.21 7.59 0.81
C SER C 180 0.22 6.43 0.94
N LYS C 181 0.60 5.35 1.62
CA LYS C 181 -0.23 4.14 1.68
C LYS C 181 -0.67 3.78 3.09
N LEU C 182 0.15 4.12 4.08
CA LEU C 182 0.01 3.56 5.42
C LEU C 182 -1.20 4.06 6.21
N PRO C 183 -1.45 5.37 6.22
CA PRO C 183 -2.62 5.84 6.99
C PRO C 183 -3.93 5.18 6.55
N LEU C 184 -4.18 5.06 5.25
CA LEU C 184 -5.40 4.42 4.78
C LEU C 184 -5.46 2.95 5.21
N ALA C 185 -4.33 2.25 5.11
CA ALA C 185 -4.27 0.86 5.56
C ALA C 185 -4.60 0.74 7.05
N VAL C 186 -4.08 1.67 7.83
CA VAL C 186 -4.24 1.59 9.26
C VAL C 186 -5.64 2.01 9.74
N MET C 187 -6.19 3.07 9.16
CA MET C 187 -7.42 3.57 9.72
C MET C 187 -8.64 3.59 8.81
N GLY C 188 -8.50 3.07 7.59
CA GLY C 188 -9.67 2.89 6.74
C GLY C 188 -10.43 4.19 6.51
N SER C 189 -11.74 4.16 6.71
CA SER C 189 -12.59 5.31 6.40
C SER C 189 -12.29 6.54 7.25
N SER C 190 -11.55 6.36 8.33
CA SER C 190 -11.25 7.47 9.24
C SER C 190 -10.14 8.38 8.76
N TYR C 191 -9.40 7.95 7.74
CA TYR C 191 -8.33 8.79 7.19
C TYR C 191 -8.91 9.93 6.33
N GLY C 192 -8.83 11.16 6.82
CA GLY C 192 -9.46 12.29 6.15
C GLY C 192 -8.92 12.68 4.77
N PHE C 193 -7.63 12.49 4.53
CA PHE C 193 -7.01 12.98 3.30
C PHE C 193 -7.37 12.15 2.06
N GLN C 194 -8.09 11.05 2.26
CA GLN C 194 -8.50 10.23 1.13
C GLN C 194 -9.73 10.83 0.45
N TYR C 195 -10.33 11.84 1.07
CA TYR C 195 -11.59 12.38 0.59
C TYR C 195 -11.41 13.72 -0.11
N SER C 196 -12.09 13.88 -1.24
CA SER C 196 -12.31 15.21 -1.81
C SER C 196 -13.30 15.96 -0.89
N PRO C 197 -13.44 17.29 -1.07
CA PRO C 197 -14.34 18.00 -0.16
C PRO C 197 -15.77 17.44 -0.23
N GLY C 198 -16.22 17.08 -1.44
CA GLY C 198 -17.54 16.51 -1.62
C GLY C 198 -17.66 15.17 -0.92
N GLN C 199 -16.58 14.39 -0.95
CA GLN C 199 -16.56 13.10 -0.30
C GLN C 199 -16.48 13.23 1.21
N ARG C 200 -15.77 14.26 1.69
CA ARG C 200 -15.74 14.54 3.13
C ARG C 200 -17.15 14.88 3.63
N VAL C 201 -17.86 15.71 2.86
CA VAL C 201 -19.25 16.03 3.19
C VAL C 201 -20.13 14.79 3.26
N GLU C 202 -20.01 13.93 2.25
CA GLU C 202 -20.75 12.68 2.22
C GLU C 202 -20.45 11.84 3.46
N PHE C 203 -19.16 11.73 3.81
CA PHE C 203 -18.76 10.97 4.99
C PHE C 203 -19.43 11.51 6.26
N LEU C 204 -19.33 12.83 6.46
CA LEU C 204 -19.88 13.46 7.66
C LEU C 204 -21.41 13.35 7.73
N VAL C 205 -22.09 13.60 6.61
CA VAL C 205 -23.55 13.52 6.61
C VAL C 205 -24.03 12.08 6.86
N GLN C 206 -23.34 11.12 6.24
CA GLN C 206 -23.69 9.71 6.43
C GLN C 206 -23.45 9.28 7.88
N ALA C 207 -22.35 9.74 8.47
CA ALA C 207 -22.05 9.43 9.87
C ALA C 207 -23.12 10.01 10.80
N TRP C 208 -23.48 11.27 10.55
CA TRP C 208 -24.49 11.95 11.34
C TRP C 208 -25.81 11.21 11.24
N LYS C 209 -26.20 10.90 10.01
CA LYS C 209 -27.49 10.24 9.80
C LYS C 209 -27.54 8.79 10.31
N SER C 210 -26.37 8.21 10.58
CA SER C 210 -26.30 6.83 11.05
C SER C 210 -26.61 6.67 12.54
N LYS C 211 -26.61 7.78 13.28
CA LYS C 211 -26.89 7.75 14.71
C LYS C 211 -28.37 7.98 14.97
N LYS C 212 -28.92 7.38 16.03
CA LYS C 212 -30.30 7.66 16.41
C LYS C 212 -30.41 9.12 16.82
N THR C 213 -29.51 9.53 17.71
CA THR C 213 -29.40 10.91 18.15
C THR C 213 -27.92 11.26 18.14
N PRO C 214 -27.47 11.92 17.07
CA PRO C 214 -26.04 12.19 16.94
C PRO C 214 -25.55 13.31 17.83
N MET C 215 -24.35 13.14 18.37
CA MET C 215 -23.60 14.20 19.02
C MET C 215 -22.23 14.22 18.38
N GLY C 216 -21.66 15.40 18.15
CA GLY C 216 -20.34 15.46 17.58
C GLY C 216 -19.48 16.53 18.21
N PHE C 217 -18.17 16.43 18.01
CA PHE C 217 -17.26 17.45 18.50
C PHE C 217 -15.94 17.47 17.71
N SER C 218 -15.31 18.65 17.66
CA SER C 218 -13.94 18.77 17.19
C SER C 218 -13.04 18.80 18.42
N TYR C 219 -11.86 18.18 18.31
CA TYR C 219 -10.91 18.22 19.41
C TYR C 219 -9.68 18.95 18.93
N ASP C 220 -9.38 20.07 19.57
CA ASP C 220 -8.24 20.89 19.16
C ASP C 220 -7.10 20.73 20.15
N THR C 221 -6.07 20.01 19.75
CA THR C 221 -4.93 19.78 20.63
C THR C 221 -4.10 21.07 20.67
N ARG C 222 -3.68 21.47 21.86
CA ARG C 222 -2.82 22.63 21.98
C ARG C 222 -1.42 22.29 21.47
N CYS C 223 -0.97 22.98 20.42
CA CYS C 223 0.38 22.81 19.90
C CYS C 223 0.70 21.34 19.64
N PHE C 224 -0.08 20.69 18.78
CA PHE C 224 0.06 19.25 18.59
C PHE C 224 1.50 18.76 18.37
N ASP C 225 2.24 19.38 17.46
CA ASP C 225 3.60 18.90 17.17
C ASP C 225 4.42 18.81 18.44
N SER C 226 4.24 19.77 19.34
CA SER C 226 4.99 19.77 20.58
C SER C 226 4.60 18.68 21.56
N THR C 227 3.35 18.22 21.49
CA THR C 227 2.91 17.15 22.39
C THR C 227 3.40 15.80 21.94
N VAL C 228 3.86 15.70 20.69
CA VAL C 228 4.40 14.45 20.19
C VAL C 228 5.73 14.13 20.88
N THR C 229 5.78 13.00 21.58
CA THR C 229 6.94 12.66 22.40
C THR C 229 7.95 11.80 21.64
N GLU C 230 9.12 11.63 22.23
CA GLU C 230 10.13 10.76 21.62
C GLU C 230 9.62 9.33 21.48
N SER C 231 8.93 8.84 22.52
CA SER C 231 8.34 7.50 22.41
C SER C 231 7.24 7.42 21.35
N ASP C 232 6.45 8.49 21.18
CA ASP C 232 5.47 8.53 20.09
C ASP C 232 6.16 8.31 18.73
N ILE C 233 7.27 9.01 18.54
CA ILE C 233 7.95 9.01 17.25
C ILE C 233 8.65 7.67 17.02
N ARG C 234 9.20 7.09 18.08
CA ARG C 234 9.76 5.74 17.99
C ARG C 234 8.68 4.70 17.71
N THR C 235 7.47 4.95 18.20
CA THR C 235 6.35 4.06 17.91
C THR C 235 5.93 4.17 16.44
N GLU C 236 5.98 5.37 15.90
CA GLU C 236 5.70 5.56 14.49
C GLU C 236 6.68 4.74 13.65
N GLU C 237 7.96 4.76 14.02
CA GLU C 237 8.98 3.96 13.31
C GLU C 237 8.65 2.47 13.36
N ALA C 238 8.26 1.99 14.54
CA ALA C 238 7.91 0.59 14.69
C ALA C 238 6.74 0.21 13.79
N ILE C 239 5.81 1.14 13.64
CA ILE C 239 4.65 0.94 12.75
C ILE C 239 5.10 0.91 11.29
N TYR C 240 5.95 1.85 10.88
CA TYR C 240 6.49 1.82 9.51
C TYR C 240 7.15 0.48 9.21
N GLN C 241 7.85 -0.07 10.20
CA GLN C 241 8.60 -1.31 9.97
C GLN C 241 7.68 -2.55 9.87
N CYS C 242 6.39 -2.37 10.17
CA CYS C 242 5.42 -3.46 9.99
C CYS C 242 5.14 -3.77 8.52
N CYS C 243 5.38 -2.78 7.66
CA CYS C 243 5.22 -2.92 6.22
C CYS C 243 6.26 -3.89 5.68
N ASP C 244 5.98 -4.48 4.51
CA ASP C 244 7.02 -5.15 3.71
C ASP C 244 7.86 -4.08 3.03
N LEU C 245 9.14 -3.99 3.41
CA LEU C 245 10.05 -2.95 2.91
C LEU C 245 11.33 -3.54 2.32
N ASP C 246 12.02 -2.76 1.49
CA ASP C 246 13.36 -3.12 1.01
C ASP C 246 14.37 -3.06 2.17
N PRO C 247 15.36 -3.97 2.18
CA PRO C 247 16.32 -3.92 3.29
C PRO C 247 17.00 -2.56 3.46
N GLN C 248 17.36 -1.87 2.38
CA GLN C 248 17.92 -0.52 2.54
C GLN C 248 16.90 0.47 3.10
N ALA C 249 15.65 0.33 2.69
CA ALA C 249 14.61 1.18 3.26
C ALA C 249 14.51 1.01 4.78
N ARG C 250 14.58 -0.22 5.26
CA ARG C 250 14.43 -0.45 6.71
C ARG C 250 15.54 0.25 7.51
N VAL C 251 16.76 0.20 6.97
CA VAL C 251 17.90 0.88 7.62
C VAL C 251 17.74 2.39 7.53
N ALA C 252 17.40 2.91 6.35
CA ALA C 252 17.25 4.37 6.21
C ALA C 252 16.14 4.92 7.11
N ILE C 253 15.03 4.20 7.19
CA ILE C 253 13.92 4.61 8.05
C ILE C 253 14.32 4.70 9.52
N LYS C 254 15.06 3.70 9.99
CA LYS C 254 15.57 3.71 11.37
C LYS C 254 16.53 4.88 11.56
N SER C 255 17.43 5.07 10.60
CA SER C 255 18.39 6.18 10.72
C SER C 255 17.68 7.53 10.73
N LEU C 256 16.71 7.70 9.82
CA LEU C 256 15.96 8.95 9.77
C LEU C 256 15.20 9.19 11.07
N THR C 257 14.66 8.13 11.64
CA THR C 257 13.96 8.27 12.93
C THR C 257 14.91 8.71 14.03
N GLU C 258 15.99 7.98 14.22
CA GLU C 258 16.89 8.30 15.33
C GLU C 258 17.70 9.58 15.15
N ARG C 259 17.99 9.93 13.90
CA ARG C 259 18.85 11.11 13.65
C ARG C 259 18.07 12.37 13.32
N LEU C 260 16.81 12.23 12.96
CA LEU C 260 16.00 13.37 12.51
C LEU C 260 14.63 13.47 13.16
N TYR C 261 13.80 12.44 12.99
CA TYR C 261 12.42 12.55 13.43
C TYR C 261 12.29 12.70 14.95
N VAL C 262 13.11 11.96 15.70
CA VAL C 262 12.95 11.92 17.16
C VAL C 262 13.48 13.19 17.83
N GLY C 263 14.28 13.97 17.09
CA GLY C 263 14.77 15.23 17.60
C GLY C 263 16.11 15.61 17.00
N GLY C 264 16.66 16.74 17.43
CA GLY C 264 17.94 17.18 16.91
C GLY C 264 18.11 18.70 17.03
N PRO C 265 19.30 19.19 16.65
CA PRO C 265 19.64 20.61 16.80
C PRO C 265 18.91 21.51 15.81
N LEU C 266 18.67 22.74 16.24
CA LEU C 266 17.98 23.75 15.45
C LEU C 266 18.92 24.87 15.12
N THR C 267 19.03 25.20 13.84
CA THR C 267 19.94 26.25 13.39
C THR C 267 19.13 27.34 12.68
N ASN C 268 19.40 28.61 12.94
CA ASN C 268 18.68 29.66 12.24
C ASN C 268 19.25 29.95 10.86
N SER C 269 18.64 30.89 10.14
CA SER C 269 19.05 31.18 8.77
C SER C 269 20.46 31.75 8.71
N ARG C 270 20.97 32.23 9.84
CA ARG C 270 22.33 32.77 9.87
C ARG C 270 23.38 31.75 10.34
N GLY C 271 22.96 30.52 10.56
CA GLY C 271 23.87 29.45 10.95
C GLY C 271 24.08 29.33 12.46
N GLU C 272 23.33 30.11 13.22
CA GLU C 272 23.42 30.11 14.68
C GLU C 272 22.64 28.95 15.30
N ASN C 273 23.20 28.36 16.34
CA ASN C 273 22.53 27.33 17.12
C ASN C 273 21.43 27.95 17.98
N CYS C 274 20.16 27.61 17.67
CA CYS C 274 19.00 28.13 18.39
C CYS C 274 18.55 27.26 19.56
N GLY C 275 18.83 25.97 19.47
CA GLY C 275 18.38 25.07 20.52
C GLY C 275 18.29 23.64 20.05
N TYR C 276 17.51 22.84 20.76
CA TYR C 276 17.40 21.40 20.46
C TYR C 276 15.95 20.98 20.57
N ARG C 277 15.50 20.15 19.63
CA ARG C 277 14.11 19.70 19.55
C ARG C 277 13.98 18.26 20.04
N ARG C 278 12.91 17.97 20.79
CA ARG C 278 12.61 16.64 21.29
CA ARG C 278 12.62 16.60 21.20
C ARG C 278 11.14 16.28 21.00
N CYS C 279 10.62 16.80 19.90
CA CYS C 279 9.22 16.60 19.51
C CYS C 279 9.15 16.55 17.99
N ARG C 280 7.93 16.52 17.45
CA ARG C 280 7.73 16.47 16.00
C ARG C 280 8.33 17.67 15.28
N ALA C 281 9.12 17.39 14.23
CA ALA C 281 9.52 18.42 13.28
C ALA C 281 8.36 18.69 12.31
N SER C 282 8.04 19.96 12.09
CA SER C 282 6.88 20.32 11.28
C SER C 282 7.17 20.29 9.76
N GLY C 283 8.44 20.23 9.40
CA GLY C 283 8.82 20.29 8.00
C GLY C 283 9.55 19.04 7.50
N VAL C 284 9.00 17.88 7.83
CA VAL C 284 9.56 16.62 7.32
C VAL C 284 8.48 15.82 6.57
N LEU C 285 8.90 14.85 5.77
CA LEU C 285 7.95 14.08 4.96
C LEU C 285 6.90 13.38 5.83
N THR C 286 7.30 12.97 7.03
CA THR C 286 6.44 12.17 7.89
C THR C 286 5.57 12.99 8.81
N THR C 287 5.64 14.32 8.72
CA THR C 287 4.84 15.15 9.59
C THR C 287 3.35 14.81 9.51
N SER C 288 2.80 14.73 8.30
CA SER C 288 1.35 14.51 8.16
C SER C 288 0.97 13.10 8.58
N CYS C 289 1.68 12.11 8.04
CA CYS C 289 1.42 10.71 8.35
C CYS C 289 1.60 10.46 9.85
N GLY C 290 2.70 10.94 10.40
CA GLY C 290 2.97 10.71 11.81
C GLY C 290 1.92 11.36 12.68
N ASN C 291 1.54 12.61 12.38
CA ASN C 291 0.51 13.25 13.21
C ASN C 291 -0.83 12.52 13.09
N THR C 292 -1.19 12.14 11.87
CA THR C 292 -2.42 11.41 11.64
C THR C 292 -2.45 10.10 12.43
N LEU C 293 -1.37 9.33 12.38
CA LEU C 293 -1.35 8.05 13.08
C LEU C 293 -1.41 8.24 14.60
N THR C 294 -0.60 9.16 15.10
CA THR C 294 -0.51 9.39 16.53
C THR C 294 -1.80 9.98 17.09
N CYS C 295 -2.41 10.91 16.35
CA CYS C 295 -3.71 11.42 16.73
C CYS C 295 -4.76 10.31 16.71
N TYR C 296 -4.78 9.50 15.66
CA TYR C 296 -5.74 8.40 15.57
C TYR C 296 -5.60 7.40 16.72
N ILE C 297 -4.38 6.98 17.03
CA ILE C 297 -4.17 6.03 18.12
C ILE C 297 -4.66 6.61 19.46
N LYS C 298 -4.26 7.82 19.77
CA LYS C 298 -4.64 8.42 21.03
C LYS C 298 -6.16 8.62 21.12
N ALA C 299 -6.75 9.13 20.04
CA ALA C 299 -8.19 9.41 20.03
C ALA C 299 -9.02 8.14 20.12
N ARG C 300 -8.62 7.11 19.36
CA ARG C 300 -9.38 5.88 19.37
C ARG C 300 -9.37 5.27 20.78
N ALA C 301 -8.21 5.29 21.43
CA ALA C 301 -8.08 4.74 22.77
C ALA C 301 -8.81 5.62 23.78
N ALA C 302 -8.74 6.93 23.60
CA ALA C 302 -9.43 7.86 24.48
C ALA C 302 -10.95 7.69 24.40
N CYS C 303 -11.47 7.47 23.19
CA CYS C 303 -12.89 7.17 23.04
C CYS C 303 -13.30 5.99 23.90
N ARG C 304 -12.49 4.95 23.93
CA ARG C 304 -12.80 3.78 24.76
C ARG C 304 -12.84 4.13 26.24
N ALA C 305 -11.84 4.86 26.70
CA ALA C 305 -11.74 5.20 28.11
C ALA C 305 -12.88 6.11 28.54
N ALA C 306 -13.33 6.94 27.61
CA ALA C 306 -14.34 7.96 27.87
C ALA C 306 -15.75 7.42 27.77
N GLY C 307 -15.90 6.20 27.27
CA GLY C 307 -17.20 5.56 27.20
C GLY C 307 -18.09 6.15 26.12
N LEU C 308 -17.47 6.74 25.10
CA LEU C 308 -18.22 7.27 23.99
C LEU C 308 -18.81 6.14 23.17
N GLN C 309 -20.10 6.25 22.85
CA GLN C 309 -20.85 5.19 22.18
C GLN C 309 -20.74 5.29 20.67
N ASP C 310 -20.34 4.20 20.03
CA ASP C 310 -20.35 4.10 18.56
C ASP C 310 -19.67 5.30 17.89
N CYS C 311 -18.37 5.45 18.13
CA CYS C 311 -17.65 6.63 17.68
C CYS C 311 -17.20 6.51 16.24
N THR C 312 -17.59 7.50 15.44
CA THR C 312 -17.04 7.64 14.10
C THR C 312 -16.04 8.79 14.13
N MET C 313 -14.82 8.53 13.69
CA MET C 313 -13.77 9.55 13.72
C MET C 313 -13.28 9.89 12.31
N LEU C 314 -12.94 11.16 12.12
CA LEU C 314 -12.32 11.62 10.89
C LEU C 314 -11.05 12.34 11.33
N VAL C 315 -9.89 11.84 10.88
CA VAL C 315 -8.60 12.38 11.33
C VAL C 315 -7.79 12.90 10.15
N CYS C 316 -7.38 14.16 10.23
CA CYS C 316 -6.48 14.76 9.23
C CYS C 316 -5.32 15.42 9.93
N GLY C 317 -4.21 14.69 10.06
CA GLY C 317 -3.07 15.21 10.78
C GLY C 317 -3.48 15.37 12.23
N ASP C 318 -3.33 16.58 12.76
CA ASP C 318 -3.72 16.87 14.15
C ASP C 318 -5.17 17.29 14.27
N ASP C 319 -5.88 17.30 13.15
CA ASP C 319 -7.29 17.72 13.14
C ASP C 319 -8.17 16.50 13.38
N LEU C 320 -9.06 16.61 14.37
CA LEU C 320 -9.88 15.48 14.78
C LEU C 320 -11.36 15.86 14.93
N VAL C 321 -12.24 15.06 14.31
CA VAL C 321 -13.68 15.20 14.51
C VAL C 321 -14.27 13.86 14.91
N VAL C 322 -15.16 13.90 15.90
CA VAL C 322 -15.78 12.68 16.36
C VAL C 322 -17.29 12.83 16.32
N ILE C 323 -17.98 11.80 15.83
CA ILE C 323 -19.42 11.79 15.82
C ILE C 323 -19.88 10.52 16.51
N CYS C 324 -20.72 10.64 17.52
CA CYS C 324 -21.13 9.47 18.27
C CYS C 324 -22.63 9.44 18.57
N GLU C 325 -23.06 8.38 19.25
CA GLU C 325 -24.45 8.20 19.63
C GLU C 325 -24.63 8.85 21.00
N SER C 326 -25.56 9.80 21.10
CA SER C 326 -25.78 10.53 22.35
C SER C 326 -26.27 9.62 23.48
N ALA C 327 -25.67 9.77 24.65
CA ALA C 327 -26.11 9.04 25.84
C ALA C 327 -26.90 9.94 26.77
N GLY C 328 -27.31 11.09 26.26
CA GLY C 328 -27.98 12.09 27.08
C GLY C 328 -27.12 13.34 27.17
N VAL C 329 -27.76 14.46 27.44
CA VAL C 329 -27.06 15.74 27.47
C VAL C 329 -25.96 15.77 28.54
N GLN C 330 -26.29 15.37 29.76
CA GLN C 330 -25.30 15.40 30.83
C GLN C 330 -24.22 14.34 30.64
N GLU C 331 -24.62 13.15 30.19
CA GLU C 331 -23.67 12.07 29.95
C GLU C 331 -22.70 12.43 28.84
N ASP C 332 -23.20 13.09 27.79
CA ASP C 332 -22.33 13.51 26.69
C ASP C 332 -21.30 14.51 27.18
N ALA C 333 -21.77 15.48 27.97
CA ALA C 333 -20.84 16.52 28.42
C ALA C 333 -19.74 15.92 29.29
N ALA C 334 -20.12 15.01 30.19
CA ALA C 334 -19.15 14.34 31.07
C ALA C 334 -18.21 13.41 30.30
N SER C 335 -18.74 12.71 29.29
CA SER C 335 -17.91 11.80 28.51
CA SER C 335 -17.92 11.80 28.50
C SER C 335 -16.89 12.57 27.67
N LEU C 336 -17.29 13.73 27.18
CA LEU C 336 -16.36 14.56 26.43
C LEU C 336 -15.26 15.06 27.37
N ARG C 337 -15.61 15.40 28.61
CA ARG C 337 -14.58 15.74 29.60
C ARG C 337 -13.67 14.55 29.91
N ALA C 338 -14.22 13.33 29.92
CA ALA C 338 -13.40 12.15 30.15
C ALA C 338 -12.45 11.87 28.98
N PHE C 339 -12.95 12.12 27.77
CA PHE C 339 -12.14 11.99 26.55
C PHE C 339 -10.94 12.92 26.64
N THR C 340 -11.21 14.16 27.00
CA THR C 340 -10.17 15.17 27.18
C THR C 340 -9.16 14.75 28.24
N GLU C 341 -9.63 14.23 29.38
CA GLU C 341 -8.72 13.78 30.42
C GLU C 341 -7.83 12.65 29.91
N ALA C 342 -8.40 11.73 29.14
CA ALA C 342 -7.64 10.61 28.58
C ALA C 342 -6.61 11.09 27.55
N MET C 343 -7.03 11.99 26.66
CA MET C 343 -6.10 12.55 25.66
C MET C 343 -4.96 13.30 26.35
N THR C 344 -5.29 13.96 27.45
CA THR C 344 -4.29 14.69 28.22
C THR C 344 -3.26 13.74 28.83
N ARG C 345 -3.73 12.63 29.35
CA ARG C 345 -2.84 11.61 29.89
C ARG C 345 -1.89 11.09 28.82
N TYR C 346 -2.39 10.99 27.59
CA TYR C 346 -1.60 10.56 26.44
C TYR C 346 -0.68 11.65 25.90
N SER C 347 -0.74 12.82 26.54
CA SER C 347 0.14 13.95 26.25
CA SER C 347 0.15 13.96 26.25
C SER C 347 -0.53 15.08 25.45
N ALA C 348 -1.76 14.84 25.00
CA ALA C 348 -2.40 15.79 24.08
C ALA C 348 -3.59 16.55 24.66
N PRO C 349 -3.34 17.52 25.55
CA PRO C 349 -4.43 18.32 26.10
C PRO C 349 -4.90 19.34 25.09
N PRO C 350 -6.13 19.86 25.26
CA PRO C 350 -6.74 20.76 24.29
C PRO C 350 -6.32 22.20 24.53
N GLY C 351 -6.47 23.05 23.53
CA GLY C 351 -6.33 24.48 23.74
C GLY C 351 -7.63 24.97 24.33
N ASP C 352 -8.64 25.11 23.48
CA ASP C 352 -9.98 25.41 23.93
C ASP C 352 -10.69 24.08 24.14
N PRO C 353 -11.32 23.91 25.31
CA PRO C 353 -11.97 22.64 25.64
C PRO C 353 -13.07 22.32 24.64
N PRO C 354 -13.14 21.06 24.22
CA PRO C 354 -14.17 20.67 23.24
C PRO C 354 -15.56 20.88 23.81
N GLN C 355 -16.55 21.08 22.95
CA GLN C 355 -17.94 21.18 23.40
C GLN C 355 -18.82 20.27 22.56
N PRO C 356 -19.79 19.61 23.20
CA PRO C 356 -20.72 18.73 22.46
C PRO C 356 -21.58 19.56 21.52
N GLU C 357 -21.76 19.09 20.28
CA GLU C 357 -22.57 19.80 19.31
C GLU C 357 -23.68 18.88 18.76
N TYR C 358 -24.91 19.38 18.69
CA TYR C 358 -26.04 18.57 18.25
C TYR C 358 -26.60 19.02 16.89
N ASP C 359 -25.85 19.91 16.24
CA ASP C 359 -26.17 20.43 14.91
C ASP C 359 -24.94 20.23 14.01
N LEU C 360 -25.07 19.39 12.98
CA LEU C 360 -23.91 19.07 12.15
C LEU C 360 -23.24 20.30 11.53
N GLU C 361 -24.03 21.31 11.19
CA GLU C 361 -23.49 22.51 10.56
C GLU C 361 -22.55 23.30 11.46
N LEU C 362 -22.69 23.14 12.78
CA LEU C 362 -21.92 23.95 13.72
C LEU C 362 -20.59 23.32 14.11
N ILE C 363 -20.32 22.13 13.59
CA ILE C 363 -19.06 21.46 13.84
C ILE C 363 -18.05 21.85 12.78
N THR C 364 -17.02 22.56 13.20
CA THR C 364 -15.95 22.97 12.31
C THR C 364 -14.77 21.99 12.39
N SER C 365 -14.41 21.43 11.23
CA SER C 365 -13.29 20.50 11.09
C SER C 365 -12.40 20.87 9.91
N CYS C 366 -11.08 20.78 10.10
CA CYS C 366 -10.13 21.39 9.17
C CYS C 366 -10.61 22.79 8.80
N SER C 367 -11.10 23.53 9.78
CA SER C 367 -11.58 24.90 9.61
C SER C 367 -12.78 25.02 8.66
N SER C 368 -13.44 23.90 8.36
CA SER C 368 -14.56 23.93 7.44
C SER C 368 -15.79 23.29 8.07
N ASN C 369 -16.95 23.59 7.53
CA ASN C 369 -18.18 22.97 8.00
C ASN C 369 -19.08 22.57 6.84
N VAL C 370 -20.02 21.67 7.12
CA VAL C 370 -21.02 21.31 6.14
C VAL C 370 -22.14 22.35 6.12
N SER C 371 -22.61 22.70 4.94
CA SER C 371 -23.79 23.56 4.84
C SER C 371 -24.73 23.05 3.76
N VAL C 372 -25.88 23.70 3.61
CA VAL C 372 -26.92 23.24 2.68
C VAL C 372 -27.30 24.30 1.65
N ALA C 373 -27.44 23.88 0.39
CA ALA C 373 -28.01 24.73 -0.65
C ALA C 373 -28.97 23.92 -1.52
N HIS C 374 -29.46 24.50 -2.61
CA HIS C 374 -30.35 23.79 -3.52
C HIS C 374 -29.84 23.83 -4.95
N ASP C 375 -30.02 22.73 -5.69
CA ASP C 375 -29.58 22.67 -7.08
C ASP C 375 -30.66 23.27 -7.99
N GLY C 376 -30.48 23.14 -9.30
CA GLY C 376 -31.44 23.62 -10.27
C GLY C 376 -32.84 23.08 -10.05
N ALA C 377 -32.95 21.84 -9.61
CA ALA C 377 -34.24 21.18 -9.41
C ALA C 377 -34.81 21.44 -8.00
N GLY C 378 -34.18 22.34 -7.26
CA GLY C 378 -34.62 22.66 -5.92
C GLY C 378 -34.31 21.57 -4.90
N LYS C 379 -33.59 20.56 -5.33
CA LYS C 379 -33.17 19.48 -4.43
C LYS C 379 -32.09 19.97 -3.47
N ARG C 380 -32.21 19.62 -2.19
CA ARG C 380 -31.18 19.96 -1.21
C ARG C 380 -29.82 19.35 -1.55
N VAL C 381 -28.78 20.16 -1.46
CA VAL C 381 -27.42 19.70 -1.70
C VAL C 381 -26.51 20.12 -0.55
N TYR C 382 -25.79 19.15 0.03
CA TYR C 382 -24.81 19.48 1.07
C TYR C 382 -23.46 19.77 0.43
N TYR C 383 -22.74 20.73 0.99
CA TYR C 383 -21.44 21.11 0.46
C TYR C 383 -20.58 21.65 1.58
N LEU C 384 -19.27 21.67 1.35
CA LEU C 384 -18.31 22.11 2.34
C LEU C 384 -18.03 23.59 2.15
N THR C 385 -18.07 24.32 3.24
CA THR C 385 -17.75 25.75 3.22
C THR C 385 -16.86 26.10 4.39
N ARG C 386 -16.56 27.39 4.54
CA ARG C 386 -15.76 27.90 5.65
C ARG C 386 -15.92 29.40 5.75
N ASP C 387 -15.50 29.98 6.86
CA ASP C 387 -15.45 31.42 6.97
C ASP C 387 -14.46 31.92 5.90
N PRO C 388 -14.89 32.88 5.08
CA PRO C 388 -14.00 33.29 3.97
C PRO C 388 -12.94 34.33 4.37
N THR C 389 -12.87 34.71 5.64
CA THR C 389 -11.93 35.78 6.03
C THR C 389 -10.49 35.52 5.58
N THR C 390 -9.94 34.38 5.99
CA THR C 390 -8.53 34.12 5.72
C THR C 390 -8.28 33.91 4.24
N PRO C 391 -9.18 33.18 3.55
CA PRO C 391 -9.05 33.10 2.10
C PRO C 391 -9.07 34.46 1.40
N LEU C 392 -9.96 35.36 1.80
CA LEU C 392 -10.00 36.68 1.17
C LEU C 392 -8.75 37.50 1.46
N ALA C 393 -8.27 37.44 2.71
CA ALA C 393 -7.07 38.19 3.09
C ALA C 393 -5.88 37.69 2.29
N ARG C 394 -5.74 36.38 2.18
CA ARG C 394 -4.65 35.80 1.39
C ARG C 394 -4.76 36.12 -0.10
N ALA C 395 -5.98 36.08 -0.65
CA ALA C 395 -6.19 36.43 -2.04
C ALA C 395 -5.77 37.87 -2.34
N ALA C 396 -6.04 38.78 -1.41
CA ALA C 396 -5.64 40.18 -1.56
C ALA C 396 -4.11 40.33 -1.61
N TRP C 397 -3.41 39.66 -0.72
CA TRP C 397 -1.95 39.71 -0.71
C TRP C 397 -1.39 39.12 -1.99
N GLU C 398 -1.93 37.97 -2.39
CA GLU C 398 -1.48 37.28 -3.59
C GLU C 398 -1.74 38.06 -4.88
N THR C 399 -2.70 38.97 -4.85
CA THR C 399 -2.95 39.85 -5.99
C THR C 399 -1.89 40.96 -6.02
N ALA C 400 -1.54 41.46 -4.84
CA ALA C 400 -0.60 42.58 -4.71
C ALA C 400 0.83 42.18 -5.04
N ARG C 401 1.17 40.94 -4.74
CA ARG C 401 2.56 40.48 -4.91
C ARG C 401 2.59 39.03 -5.37
N HIS C 402 3.43 38.74 -6.35
CA HIS C 402 3.56 37.39 -6.86
C HIS C 402 4.16 36.46 -5.79
N THR C 403 3.50 35.33 -5.59
CA THR C 403 3.97 34.35 -4.61
C THR C 403 4.11 33.01 -5.32
N PRO C 404 5.10 32.19 -4.91
CA PRO C 404 5.35 30.93 -5.62
C PRO C 404 4.18 29.96 -5.55
N VAL C 405 3.47 29.94 -4.43
CA VAL C 405 2.29 29.09 -4.31
C VAL C 405 1.07 29.93 -3.98
N ASN C 406 0.01 29.82 -4.77
CA ASN C 406 -1.17 30.68 -4.56
C ASN C 406 -2.39 29.99 -3.93
N SER C 407 -2.66 30.34 -2.68
CA SER C 407 -3.77 29.74 -1.94
C SER C 407 -5.13 29.99 -2.62
N TRP C 408 -5.25 31.08 -3.36
CA TRP C 408 -6.55 31.39 -3.96
C TRP C 408 -7.04 30.32 -4.93
N LEU C 409 -6.12 29.74 -5.69
CA LEU C 409 -6.52 28.75 -6.68
C LEU C 409 -6.93 27.44 -5.97
N GLY C 410 -6.19 27.09 -4.93
CA GLY C 410 -6.57 25.97 -4.07
C GLY C 410 -7.93 26.18 -3.44
N ASN C 411 -8.19 27.40 -2.97
CA ASN C 411 -9.49 27.72 -2.39
C ASN C 411 -10.64 27.65 -3.39
N ILE C 412 -10.43 28.14 -4.62
CA ILE C 412 -11.48 28.04 -5.63
C ILE C 412 -11.79 26.58 -5.91
N ILE C 413 -10.74 25.75 -5.98
CA ILE C 413 -10.94 24.33 -6.26
C ILE C 413 -11.68 23.63 -5.12
N MET C 414 -11.22 23.85 -3.89
CA MET C 414 -11.79 23.18 -2.73
C MET C 414 -13.20 23.67 -2.39
N PHE C 415 -13.43 24.97 -2.59
CA PHE C 415 -14.68 25.58 -2.17
C PHE C 415 -15.52 26.10 -3.35
N ALA C 416 -15.34 25.49 -4.51
CA ALA C 416 -16.06 25.91 -5.73
C ALA C 416 -17.58 26.06 -5.59
N PRO C 417 -18.24 25.18 -4.82
CA PRO C 417 -19.70 25.33 -4.72
C PRO C 417 -20.16 26.49 -3.80
N THR C 418 -19.25 27.12 -3.08
CA THR C 418 -19.67 28.12 -2.09
C THR C 418 -20.07 29.44 -2.72
N LEU C 419 -20.86 30.21 -1.98
CA LEU C 419 -21.34 31.51 -2.40
C LEU C 419 -20.17 32.47 -2.62
N TRP C 420 -19.25 32.48 -1.66
CA TRP C 420 -18.11 33.40 -1.68
C TRP C 420 -17.04 33.04 -2.72
N ALA C 421 -16.77 31.75 -2.91
CA ALA C 421 -15.78 31.37 -3.93
C ALA C 421 -16.30 31.72 -5.32
N ARG C 422 -17.59 31.49 -5.56
CA ARG C 422 -18.16 31.72 -6.89
C ARG C 422 -18.30 33.19 -7.24
N MET C 423 -18.83 33.97 -6.30
CA MET C 423 -19.17 35.35 -6.62
C MET C 423 -17.98 36.28 -6.47
N ILE C 424 -17.12 35.98 -5.51
CA ILE C 424 -15.99 36.86 -5.21
C ILE C 424 -14.68 36.33 -5.77
N LEU C 425 -14.24 35.15 -5.31
CA LEU C 425 -12.94 34.66 -5.76
C LEU C 425 -12.82 34.43 -7.26
N MET C 426 -13.77 33.70 -7.84
CA MET C 426 -13.75 33.47 -9.29
C MET C 426 -13.78 34.78 -10.08
N THR C 427 -14.71 35.66 -9.73
CA THR C 427 -14.85 36.94 -10.44
C THR C 427 -13.57 37.75 -10.35
N HIS C 428 -13.05 37.86 -9.14
CA HIS C 428 -11.84 38.65 -8.92
C HIS C 428 -10.66 38.08 -9.71
N PHE C 429 -10.44 36.79 -9.61
CA PHE C 429 -9.22 36.25 -10.21
C PHE C 429 -9.27 36.13 -11.71
N PHE C 430 -10.43 35.79 -12.26
CA PHE C 430 -10.54 35.90 -13.71
C PHE C 430 -10.37 37.34 -14.18
N SER C 431 -10.83 38.29 -13.36
CA SER C 431 -10.64 39.69 -13.70
C SER C 431 -9.15 40.06 -13.71
N VAL C 432 -8.42 39.59 -12.70
CA VAL C 432 -6.99 39.85 -12.58
C VAL C 432 -6.22 39.19 -13.73
N LEU C 433 -6.51 37.92 -13.99
CA LEU C 433 -5.83 37.20 -15.07
C LEU C 433 -6.05 37.85 -16.43
N ILE C 434 -7.26 38.34 -16.67
CA ILE C 434 -7.56 39.04 -17.93
C ILE C 434 -6.78 40.36 -18.00
N ALA C 435 -6.81 41.12 -16.92
CA ALA C 435 -6.11 42.40 -16.86
C ALA C 435 -4.61 42.23 -17.12
N ARG C 436 -4.04 41.15 -16.59
CA ARG C 436 -2.60 40.93 -16.68
C ARG C 436 -2.21 40.03 -17.86
N ASP C 437 -3.17 39.68 -18.70
CA ASP C 437 -2.92 38.79 -19.83
C ASP C 437 -2.26 37.49 -19.36
N GLN C 438 -2.83 36.88 -18.32
CA GLN C 438 -2.25 35.68 -17.73
C GLN C 438 -3.20 34.49 -17.74
N LEU C 439 -4.21 34.53 -18.61
CA LEU C 439 -5.24 33.50 -18.62
C LEU C 439 -4.67 32.11 -18.93
N GLU C 440 -3.67 32.07 -19.79
CA GLU C 440 -3.15 30.79 -20.24
C GLU C 440 -1.95 30.28 -19.43
N GLN C 441 -1.65 30.94 -18.31
CA GLN C 441 -0.45 30.58 -17.53
C GLN C 441 -0.76 29.66 -16.35
N ALA C 442 -0.05 28.53 -16.27
CA ALA C 442 -0.19 27.60 -15.15
C ALA C 442 0.34 28.21 -13.85
N LEU C 443 -0.36 27.92 -12.77
CA LEU C 443 0.00 28.40 -11.45
C LEU C 443 0.18 27.22 -10.51
N ASN C 444 1.02 27.40 -9.50
CA ASN C 444 1.14 26.43 -8.42
C ASN C 444 0.17 26.73 -7.29
N CYS C 445 -0.50 25.69 -6.81
CA CYS C 445 -1.29 25.80 -5.60
C CYS C 445 -1.10 24.51 -4.83
N GLU C 446 -1.55 24.49 -3.59
CA GLU C 446 -1.37 23.30 -2.77
C GLU C 446 -2.72 22.66 -2.47
N ILE C 447 -2.73 21.34 -2.53
CA ILE C 447 -3.90 20.55 -2.15
C ILE C 447 -3.43 19.51 -1.14
N TYR C 448 -3.98 19.58 0.07
CA TYR C 448 -3.54 18.73 1.17
C TYR C 448 -2.01 18.74 1.32
N GLY C 449 -1.42 19.92 1.18
CA GLY C 449 -0.02 20.09 1.46
C GLY C 449 0.91 19.88 0.29
N ALA C 450 0.45 19.15 -0.73
CA ALA C 450 1.27 18.91 -1.91
C ALA C 450 1.05 20.00 -2.95
N CYS C 451 2.09 20.28 -3.73
CA CYS C 451 2.06 21.33 -4.73
C CYS C 451 1.70 20.79 -6.10
N TYR C 452 0.73 21.44 -6.75
CA TYR C 452 0.29 21.07 -8.08
C TYR C 452 0.40 22.28 -9.00
N SER C 453 0.78 22.03 -10.25
CA SER C 453 0.74 23.05 -11.30
C SER C 453 -0.60 22.93 -12.04
N ILE C 454 -1.39 23.98 -12.03
CA ILE C 454 -2.74 23.93 -12.57
C ILE C 454 -3.03 25.12 -13.47
N GLU C 455 -3.70 24.85 -14.59
CA GLU C 455 -4.08 25.92 -15.52
C GLU C 455 -5.45 26.44 -15.14
N PRO C 456 -5.56 27.76 -14.89
CA PRO C 456 -6.88 28.29 -14.52
C PRO C 456 -7.96 28.00 -15.57
N LEU C 457 -7.59 27.86 -16.84
CA LEU C 457 -8.59 27.61 -17.87
C LEU C 457 -9.21 26.21 -17.71
N ASP C 458 -8.56 25.34 -16.93
CA ASP C 458 -9.10 24.01 -16.67
C ASP C 458 -10.04 23.95 -15.46
N LEU C 459 -10.34 25.09 -14.84
CA LEU C 459 -11.21 25.05 -13.65
C LEU C 459 -12.60 24.44 -13.90
N PRO C 460 -13.27 24.77 -15.02
CA PRO C 460 -14.60 24.17 -15.14
C PRO C 460 -14.62 22.63 -15.16
N PRO C 461 -13.79 21.98 -15.99
CA PRO C 461 -13.82 20.50 -15.92
C PRO C 461 -13.33 19.98 -14.56
N ILE C 462 -12.33 20.63 -13.97
CA ILE C 462 -11.84 20.22 -12.64
C ILE C 462 -12.98 20.26 -11.63
N ILE C 463 -13.72 21.37 -11.66
CA ILE C 463 -14.83 21.54 -10.71
C ILE C 463 -15.95 20.52 -10.94
N GLN C 464 -16.28 20.27 -12.20
CA GLN C 464 -17.30 19.26 -12.52
C GLN C 464 -16.88 17.89 -11.98
N ARG C 465 -15.62 17.51 -12.21
CA ARG C 465 -15.12 16.22 -11.73
C ARG C 465 -15.20 16.11 -10.21
N LEU C 466 -14.86 17.19 -9.51
CA LEU C 466 -14.77 17.17 -8.05
C LEU C 466 -16.10 17.39 -7.33
N HIS C 467 -16.95 18.25 -7.88
CA HIS C 467 -18.16 18.67 -7.17
C HIS C 467 -19.41 18.31 -7.94
N GLY C 468 -19.25 17.93 -9.21
CA GLY C 468 -20.40 17.66 -10.07
C GLY C 468 -20.93 18.93 -10.70
N LEU C 469 -21.84 18.77 -11.66
CA LEU C 469 -22.40 19.91 -12.37
C LEU C 469 -23.25 20.82 -11.49
N SER C 470 -23.77 20.31 -10.38
CA SER C 470 -24.58 21.15 -9.51
C SER C 470 -23.82 22.36 -8.96
N ALA C 471 -22.49 22.26 -8.94
CA ALA C 471 -21.63 23.32 -8.44
C ALA C 471 -21.84 24.64 -9.18
N PHE C 472 -22.27 24.53 -10.44
CA PHE C 472 -22.46 25.71 -11.28
C PHE C 472 -23.88 26.25 -11.19
N SER C 473 -24.72 25.61 -10.36
CA SER C 473 -26.14 25.97 -10.32
C SER C 473 -26.72 26.11 -8.92
N LEU C 474 -25.88 26.01 -7.89
CA LEU C 474 -26.39 26.09 -6.52
C LEU C 474 -26.99 27.46 -6.23
N HIS C 475 -28.03 27.47 -5.40
CA HIS C 475 -28.67 28.71 -4.98
C HIS C 475 -29.40 28.49 -3.67
N SER C 476 -30.08 29.52 -3.17
CA SER C 476 -30.78 29.43 -1.90
C SER C 476 -29.88 28.83 -0.83
N TYR C 477 -28.79 29.53 -0.55
CA TYR C 477 -27.86 29.19 0.51
C TYR C 477 -28.50 29.48 1.87
N SER C 478 -27.94 28.90 2.92
CA SER C 478 -28.57 29.01 4.24
C SER C 478 -28.39 30.41 4.83
N PRO C 479 -29.36 30.85 5.65
CA PRO C 479 -29.28 32.19 6.24
C PRO C 479 -27.97 32.38 7.01
N GLY C 480 -27.51 31.34 7.70
CA GLY C 480 -26.28 31.44 8.47
C GLY C 480 -25.04 31.63 7.61
N GLU C 481 -25.00 30.96 6.47
CA GLU C 481 -23.90 31.10 5.54
C GLU C 481 -23.93 32.51 4.92
N ILE C 482 -25.10 32.91 4.45
CA ILE C 482 -25.26 34.24 3.85
C ILE C 482 -24.82 35.33 4.84
N ASN C 483 -25.23 35.18 6.11
CA ASN C 483 -24.87 36.14 7.15
C ASN C 483 -23.36 36.14 7.45
N ARG C 484 -22.76 34.96 7.47
CA ARG C 484 -21.32 34.87 7.70
C ARG C 484 -20.53 35.56 6.60
N VAL C 485 -20.92 35.33 5.35
CA VAL C 485 -20.24 35.97 4.23
C VAL C 485 -20.42 37.48 4.36
N ALA C 486 -21.65 37.90 4.60
CA ALA C 486 -21.97 39.32 4.73
C ALA C 486 -21.12 40.04 5.78
N ALA C 487 -21.00 39.44 6.96
CA ALA C 487 -20.20 40.04 8.03
C ALA C 487 -18.73 40.18 7.64
N CYS C 488 -18.24 39.16 6.93
CA CYS C 488 -16.88 39.17 6.44
C CYS C 488 -16.63 40.34 5.48
N LEU C 489 -17.57 40.58 4.56
CA LEU C 489 -17.35 41.65 3.59
C LEU C 489 -17.33 43.02 4.28
N ARG C 490 -18.23 43.21 5.24
CA ARG C 490 -18.26 44.48 5.96
C ARG C 490 -16.95 44.67 6.73
N LYS C 491 -16.50 43.60 7.37
CA LYS C 491 -15.27 43.63 8.15
C LYS C 491 -14.04 43.99 7.30
N LEU C 492 -13.91 43.34 6.15
CA LEU C 492 -12.70 43.49 5.33
C LEU C 492 -12.77 44.62 4.32
N GLY C 493 -13.94 45.24 4.16
CA GLY C 493 -14.11 46.27 3.14
C GLY C 493 -14.05 45.68 1.73
N VAL C 494 -14.78 44.58 1.56
CA VAL C 494 -14.93 43.93 0.25
C VAL C 494 -16.23 44.42 -0.34
N PRO C 495 -16.25 44.72 -1.65
CA PRO C 495 -17.52 45.21 -2.22
C PRO C 495 -18.65 44.21 -2.06
N PRO C 496 -19.89 44.70 -2.05
CA PRO C 496 -21.03 43.80 -1.84
C PRO C 496 -21.28 42.87 -3.02
N LEU C 497 -22.01 41.78 -2.78
CA LEU C 497 -22.22 40.76 -3.80
C LEU C 497 -22.86 41.28 -5.09
N ARG C 498 -23.77 42.25 -5.01
CA ARG C 498 -24.36 42.81 -6.23
C ARG C 498 -23.35 43.56 -7.11
N ALA C 499 -22.33 44.14 -6.49
CA ALA C 499 -21.24 44.75 -7.24
C ALA C 499 -20.41 43.67 -7.95
N TRP C 500 -20.15 42.57 -7.25
CA TRP C 500 -19.43 41.43 -7.83
C TRP C 500 -20.22 40.86 -9.00
N ARG C 501 -21.54 40.86 -8.88
CA ARG C 501 -22.37 40.37 -9.96
C ARG C 501 -22.16 41.20 -11.23
N HIS C 502 -22.13 42.52 -11.10
CA HIS C 502 -21.84 43.39 -12.25
C HIS C 502 -20.46 43.11 -12.87
N ARG C 503 -19.44 42.99 -12.03
CA ARG C 503 -18.08 42.70 -12.51
CA ARG C 503 -18.08 42.70 -12.51
CA ARG C 503 -18.10 42.70 -12.53
C ARG C 503 -18.05 41.34 -13.20
N ALA C 504 -18.73 40.36 -12.61
CA ALA C 504 -18.81 39.01 -13.16
C ALA C 504 -19.42 39.01 -14.56
N ARG C 505 -20.48 39.77 -14.76
CA ARG C 505 -21.11 39.87 -16.09
C ARG C 505 -20.14 40.39 -17.14
N SER C 506 -19.31 41.36 -16.76
CA SER C 506 -18.30 41.89 -17.66
C SER C 506 -17.20 40.87 -17.93
N VAL C 507 -16.70 40.25 -16.85
CA VAL C 507 -15.71 39.18 -16.97
C VAL C 507 -16.22 38.05 -17.86
N ARG C 508 -17.48 37.67 -17.64
CA ARG C 508 -18.10 36.58 -18.40
C ARG C 508 -18.12 36.87 -19.90
N ALA C 509 -18.54 38.07 -20.28
CA ALA C 509 -18.63 38.44 -21.68
C ALA C 509 -17.25 38.36 -22.35
N ARG C 510 -16.23 38.88 -21.67
CA ARG C 510 -14.88 38.82 -22.18
C ARG C 510 -14.41 37.38 -22.40
N LEU C 511 -14.71 36.50 -21.44
CA LEU C 511 -14.33 35.10 -21.58
C LEU C 511 -15.06 34.45 -22.75
N LEU C 512 -16.35 34.71 -22.87
CA LEU C 512 -17.11 34.14 -23.98
C LEU C 512 -16.53 34.54 -25.34
N SER C 513 -16.08 35.79 -25.47
CA SER C 513 -15.57 36.30 -26.74
CA SER C 513 -15.59 36.28 -26.76
C SER C 513 -14.31 35.56 -27.19
N ARG C 514 -13.57 35.02 -26.23
CA ARG C 514 -12.32 34.34 -26.53
C ARG C 514 -12.51 32.92 -27.08
N GLY C 515 -13.69 32.35 -26.87
CA GLY C 515 -13.97 30.99 -27.33
C GLY C 515 -13.16 29.94 -26.60
N GLY C 516 -13.30 28.69 -27.03
CA GLY C 516 -12.52 27.59 -26.47
C GLY C 516 -12.73 27.37 -24.97
N ARG C 517 -11.64 27.09 -24.27
CA ARG C 517 -11.67 26.88 -22.83
C ARG C 517 -12.09 28.14 -22.06
N ALA C 518 -11.64 29.30 -22.53
CA ALA C 518 -12.06 30.55 -21.90
C ALA C 518 -13.58 30.70 -21.93
N ALA C 519 -14.18 30.36 -23.06
CA ALA C 519 -15.64 30.46 -23.21
C ALA C 519 -16.36 29.49 -22.28
N ILE C 520 -15.75 28.35 -22.02
CA ILE C 520 -16.33 27.39 -21.09
C ILE C 520 -16.29 27.95 -19.66
N CYS C 521 -15.21 28.62 -19.29
CA CYS C 521 -15.16 29.33 -18.00
C CYS C 521 -16.27 30.35 -17.88
N GLY C 522 -16.43 31.18 -18.92
CA GLY C 522 -17.47 32.18 -18.92
C GLY C 522 -18.85 31.57 -18.75
N LYS C 523 -19.12 30.54 -19.54
CA LYS C 523 -20.42 29.86 -19.54
C LYS C 523 -20.74 29.20 -18.20
N TYR C 524 -19.82 28.39 -17.69
CA TYR C 524 -20.10 27.56 -16.52
C TYR C 524 -19.88 28.27 -15.20
N LEU C 525 -18.75 28.94 -15.09
CA LEU C 525 -18.38 29.53 -13.80
C LEU C 525 -19.27 30.72 -13.45
N PHE C 526 -19.84 31.38 -14.46
CA PHE C 526 -20.55 32.65 -14.25
C PHE C 526 -22.02 32.62 -14.70
N ASN C 527 -22.57 31.43 -14.87
CA ASN C 527 -23.99 31.30 -15.22
C ASN C 527 -24.84 31.91 -14.10
N TRP C 528 -24.34 31.90 -12.87
CA TRP C 528 -25.04 32.52 -11.75
C TRP C 528 -25.26 34.03 -11.94
N ALA C 529 -24.44 34.66 -12.78
CA ALA C 529 -24.48 36.12 -12.89
C ALA C 529 -25.45 36.66 -13.94
N VAL C 530 -26.11 35.77 -14.68
CA VAL C 530 -27.09 36.19 -15.67
C VAL C 530 -28.48 35.65 -15.34
N ARG C 531 -29.50 36.42 -15.72
CA ARG C 531 -30.90 36.05 -15.50
C ARG C 531 -31.32 34.99 -16.49
N THR C 532 -30.94 35.20 -17.75
CA THR C 532 -31.19 34.22 -18.79
C THR C 532 -30.06 33.19 -18.82
N LYS C 533 -30.31 32.03 -18.22
CA LYS C 533 -29.28 31.01 -18.02
C LYS C 533 -29.00 30.19 -19.25
N LEU C 534 -27.73 29.85 -19.45
CA LEU C 534 -27.33 28.90 -20.47
C LEU C 534 -27.52 27.48 -19.95
N LYS C 535 -27.60 26.53 -20.86
CA LYS C 535 -27.76 25.13 -20.48
C LYS C 535 -26.40 24.48 -20.24
N LEU C 536 -26.17 24.07 -19.00
CA LEU C 536 -24.89 23.53 -18.60
C LEU C 536 -24.88 22.01 -18.69
N THR C 537 -24.36 21.51 -19.80
CA THR C 537 -24.26 20.08 -20.04
C THR C 537 -22.86 19.59 -19.65
N PRO C 538 -22.68 18.26 -19.57
CA PRO C 538 -21.38 17.73 -19.13
C PRO C 538 -20.23 18.24 -19.99
N ILE C 539 -19.20 18.78 -19.35
CA ILE C 539 -18.05 19.25 -20.07
C ILE C 539 -17.25 18.06 -20.56
N ALA C 540 -16.96 18.04 -21.86
CA ALA C 540 -16.24 16.92 -22.46
C ALA C 540 -14.89 16.66 -21.79
N ALA C 541 -14.11 17.72 -21.62
CA ALA C 541 -12.75 17.61 -21.08
C ALA C 541 -12.70 17.00 -19.68
N ALA C 542 -13.82 17.06 -18.95
CA ALA C 542 -13.86 16.54 -17.60
C ALA C 542 -13.49 15.06 -17.55
N GLY C 543 -13.77 14.34 -18.64
CA GLY C 543 -13.44 12.93 -18.72
C GLY C 543 -11.96 12.69 -18.92
N ARG C 544 -11.34 13.48 -19.78
CA ARG C 544 -9.92 13.33 -20.07
C ARG C 544 -9.01 13.93 -18.99
N LEU C 545 -9.54 14.11 -17.79
CA LEU C 545 -8.74 14.64 -16.68
C LEU C 545 -8.03 13.52 -15.92
N LEU C 547 -6.82 13.30 -12.74
CA LEU C 547 -6.86 13.75 -11.36
C LEU C 547 -6.38 12.67 -10.40
N SER C 548 -5.64 11.70 -10.93
CA SER C 548 -5.14 10.61 -10.11
C SER C 548 -4.28 11.16 -8.98
N GLY C 549 -4.74 10.93 -7.75
CA GLY C 549 -3.93 11.22 -6.58
C GLY C 549 -4.09 12.60 -5.96
N TRP C 550 -5.03 13.39 -6.45
CA TRP C 550 -5.22 14.72 -5.86
C TRP C 550 -5.63 14.66 -4.40
N PHE C 551 -6.60 13.80 -4.11
CA PHE C 551 -7.15 13.75 -2.76
C PHE C 551 -6.98 12.35 -2.22
N THR C 552 -5.73 11.98 -1.96
CA THR C 552 -5.41 10.63 -1.52
C THR C 552 -4.63 10.60 -0.20
N ALA C 553 -3.70 11.53 -0.03
CA ALA C 553 -2.85 11.54 1.16
C ALA C 553 -2.46 12.95 1.53
N GLY C 554 -2.13 13.17 2.80
CA GLY C 554 -1.71 14.48 3.25
C GLY C 554 -0.20 14.59 3.21
N TYR C 555 0.31 15.76 2.84
CA TYR C 555 1.77 15.93 2.78
C TYR C 555 2.25 17.27 3.33
N SER C 556 1.45 17.91 4.18
CA SER C 556 1.82 19.22 4.70
C SER C 556 3.19 19.18 5.37
N GLY C 557 4.06 20.10 4.97
CA GLY C 557 5.41 20.17 5.50
C GLY C 557 6.40 19.25 4.81
N GLY C 558 5.90 18.42 3.90
CA GLY C 558 6.69 17.33 3.33
C GLY C 558 7.42 17.61 2.01
N ASP C 559 7.33 18.84 1.51
CA ASP C 559 8.11 19.25 0.34
C ASP C 559 7.79 18.38 -0.89
N ILE C 560 6.49 18.22 -1.20
CA ILE C 560 6.05 17.37 -2.34
C ILE C 560 5.45 18.18 -3.50
N TYR C 561 5.88 17.83 -4.72
CA TYR C 561 5.41 18.48 -5.95
C TYR C 561 4.91 17.37 -6.86
N HIS C 562 3.66 17.51 -7.32
CA HIS C 562 3.00 16.43 -8.06
C HIS C 562 2.79 16.76 -9.53
#